data_5MK3
#
_entry.id   5MK3
#
_cell.length_a   66.436
_cell.length_b   70.835
_cell.length_c   79.291
_cell.angle_alpha   90.54
_cell.angle_beta   98.22
_cell.angle_gamma   106.82
#
_symmetry.space_group_name_H-M   'P 1'
#
loop_
_entity.id
_entity.type
_entity.pdbx_description
1 polymer 'Tyrosine-protein phosphatase non-receptor type 23'
2 polymer 'Charged multivesicular body protein 4c'
3 water water
#
loop_
_entity_poly.entity_id
_entity_poly.type
_entity_poly.pdbx_seq_one_letter_code
_entity_poly.pdbx_strand_id
1 'polypeptide(L)'
;MEAVPRMPMIWLDLKEAGDFHFQPAVKKFVLKNYGENPEAYNEELKKLELLRQNAVRVPRDFEGCSVLRKYLGQLHYLQS
RVPMGSGQEAAVPVTWTEIFSGKSVAHEDIKYEQACILYNLGALHSMLGAMDKRVSEEGMKVSCTHFQCAAGAFAYLREH
FPQAYSVDMSRQILTLNVNLMLGQAQECLLEKSMLDNRKSFLVARISAQVVDYYKEACRALENPDTASLLGRIQKDWKKL
VQMKIYYFAAVAHLHMGKQAEEQQKFGERVAYFQSALDKLNEAIKLAKGQPDTVQDALRFTMDVIGGKYNSAKKDNDFIY
HEAVPALDTLQPVKGAPLVKPLPVNPTDPAVTGPDIFAKLV
;
A,B,C,D
2 'polypeptide(L)' QRAEEEDDDIKQLAAWAT E,F,G,H
#
# COMPACT_ATOMS: atom_id res chain seq x y z
N MET A 1 -27.37 38.76 27.74
CA MET A 1 -26.36 38.25 26.80
C MET A 1 -27.02 37.55 25.63
N GLU A 2 -28.35 37.70 25.51
CA GLU A 2 -29.09 37.04 24.44
C GLU A 2 -28.66 37.55 23.07
N ALA A 3 -28.31 38.83 22.96
CA ALA A 3 -28.00 39.46 21.70
C ALA A 3 -26.55 39.95 21.65
N VAL A 4 -25.64 39.21 22.25
CA VAL A 4 -24.22 39.58 22.18
C VAL A 4 -23.74 39.45 20.75
N PRO A 5 -23.00 40.42 20.22
CA PRO A 5 -22.46 40.29 18.86
C PRO A 5 -21.62 39.02 18.73
N ARG A 6 -21.70 38.41 17.55
CA ARG A 6 -21.11 37.09 17.34
C ARG A 6 -19.63 37.23 17.00
N MET A 7 -18.81 36.41 17.65
CA MET A 7 -17.39 36.39 17.35
CA MET A 7 -17.39 36.39 17.35
C MET A 7 -17.15 35.76 15.98
N PRO A 8 -16.08 36.14 15.29
CA PRO A 8 -15.73 35.47 14.03
C PRO A 8 -15.17 34.09 14.30
N MET A 9 -15.20 33.25 13.27
CA MET A 9 -14.78 31.86 13.37
C MET A 9 -13.67 31.56 12.38
N ILE A 10 -12.81 30.62 12.76
CA ILE A 10 -11.70 30.18 11.92
C ILE A 10 -12.20 29.06 11.01
N TRP A 11 -11.75 29.08 9.75
CA TRP A 11 -12.04 28.02 8.80
C TRP A 11 -10.76 27.63 8.08
N LEU A 12 -10.74 26.43 7.53
CA LEU A 12 -9.58 25.89 6.83
C LEU A 12 -9.82 25.92 5.32
N ASP A 13 -8.75 26.21 4.57
CA ASP A 13 -8.83 26.20 3.12
C ASP A 13 -8.92 24.77 2.61
N LEU A 14 -9.57 24.62 1.45
CA LEU A 14 -9.65 23.31 0.81
C LEU A 14 -8.38 23.02 0.03
N LYS A 15 -8.04 21.74 -0.07
CA LYS A 15 -6.86 21.34 -0.82
C LYS A 15 -7.17 21.30 -2.32
N GLU A 16 -6.14 21.60 -3.12
CA GLU A 16 -6.26 21.58 -4.57
C GLU A 16 -5.80 20.22 -5.09
N ALA A 17 -6.57 19.65 -6.01
CA ALA A 17 -6.32 18.30 -6.51
C ALA A 17 -5.57 18.34 -7.84
N GLY A 18 -4.65 17.41 -8.00
CA GLY A 18 -3.97 17.15 -9.25
C GLY A 18 -4.55 15.94 -9.97
N ASP A 19 -3.71 15.27 -10.75
CA ASP A 19 -4.17 14.18 -11.60
C ASP A 19 -4.40 12.90 -10.80
N PHE A 20 -5.28 12.05 -11.34
CA PHE A 20 -5.59 10.72 -10.82
C PHE A 20 -6.10 9.90 -12.01
N HIS A 21 -5.16 9.38 -12.81
CA HIS A 21 -5.47 8.69 -14.07
C HIS A 21 -5.84 7.24 -13.78
N PHE A 22 -7.02 7.07 -13.18
CA PHE A 22 -7.48 5.72 -12.83
C PHE A 22 -8.01 4.96 -14.05
N GLN A 23 -8.41 5.65 -15.11
CA GLN A 23 -9.02 4.99 -16.25
CA GLN A 23 -9.02 4.99 -16.25
C GLN A 23 -8.10 3.96 -16.89
N PRO A 24 -6.83 4.25 -17.20
CA PRO A 24 -6.00 3.19 -17.81
C PRO A 24 -5.75 2.01 -16.90
N ALA A 25 -5.62 2.25 -15.59
CA ALA A 25 -5.35 1.16 -14.66
C ALA A 25 -6.57 0.25 -14.51
N VAL A 26 -7.76 0.84 -14.45
CA VAL A 26 -8.96 0.03 -14.31
C VAL A 26 -9.18 -0.81 -15.57
N LYS A 27 -9.00 -0.21 -16.74
CA LYS A 27 -9.17 -0.95 -17.99
C LYS A 27 -8.18 -2.10 -18.09
N LYS A 28 -6.93 -1.86 -17.68
CA LYS A 28 -5.92 -2.93 -17.71
C LYS A 28 -6.28 -4.03 -16.72
N PHE A 29 -6.70 -3.67 -15.52
CA PHE A 29 -7.05 -4.68 -14.53
C PHE A 29 -8.30 -5.45 -14.95
N VAL A 30 -9.27 -4.77 -15.56
CA VAL A 30 -10.52 -5.42 -15.95
C VAL A 30 -10.24 -6.53 -16.97
N LEU A 31 -9.39 -6.25 -17.95
CA LEU A 31 -9.08 -7.25 -18.96
C LEU A 31 -8.27 -8.40 -18.37
N LYS A 32 -7.25 -8.07 -17.56
CA LYS A 32 -6.30 -9.08 -17.11
C LYS A 32 -6.93 -10.02 -16.08
N ASN A 33 -7.63 -9.46 -15.10
CA ASN A 33 -8.08 -10.23 -13.95
C ASN A 33 -9.56 -10.58 -13.98
N TYR A 34 -10.40 -9.75 -14.61
CA TYR A 34 -11.81 -10.07 -14.75
C TYR A 34 -12.16 -10.66 -16.12
N GLY A 35 -11.22 -10.62 -17.07
CA GLY A 35 -11.44 -11.23 -18.37
C GLY A 35 -12.51 -10.61 -19.22
N GLU A 36 -12.84 -9.33 -18.99
CA GLU A 36 -13.89 -8.66 -19.71
C GLU A 36 -13.32 -7.56 -20.60
N ASN A 37 -14.10 -7.17 -21.59
CA ASN A 37 -13.71 -6.10 -22.51
C ASN A 37 -13.66 -4.79 -21.75
N PRO A 38 -12.51 -4.11 -21.68
CA PRO A 38 -12.44 -2.85 -20.93
C PRO A 38 -13.37 -1.78 -21.45
N GLU A 39 -13.69 -1.80 -22.75
CA GLU A 39 -14.59 -0.80 -23.31
C GLU A 39 -16.01 -0.94 -22.78
N ALA A 40 -16.37 -2.08 -22.20
CA ALA A 40 -17.68 -2.24 -21.60
C ALA A 40 -17.85 -1.41 -20.33
N TYR A 41 -16.81 -0.70 -19.89
CA TYR A 41 -16.87 0.07 -18.65
C TYR A 41 -16.65 1.56 -18.88
N ASN A 42 -16.80 2.02 -20.12
CA ASN A 42 -16.62 3.44 -20.42
C ASN A 42 -17.65 4.30 -19.69
N GLU A 43 -18.88 3.81 -19.60
CA GLU A 43 -19.92 4.56 -18.92
C GLU A 43 -19.64 4.69 -17.42
N GLU A 44 -19.19 3.60 -16.79
CA GLU A 44 -18.86 3.63 -15.38
C GLU A 44 -17.67 4.54 -15.11
N LEU A 45 -16.66 4.51 -15.98
CA LEU A 45 -15.50 5.38 -15.81
C LEU A 45 -15.89 6.85 -16.01
N LYS A 46 -16.78 7.12 -16.96
CA LYS A 46 -17.26 8.50 -17.15
C LYS A 46 -17.95 9.02 -15.90
N LYS A 47 -18.79 8.19 -15.27
CA LYS A 47 -19.49 8.60 -14.07
C LYS A 47 -18.52 8.95 -12.95
N LEU A 48 -17.55 8.08 -12.69
CA LEU A 48 -16.60 8.33 -11.62
C LEU A 48 -15.76 9.56 -11.92
N GLU A 49 -15.40 9.77 -13.19
CA GLU A 49 -14.64 10.96 -13.56
C GLU A 49 -15.45 12.23 -13.34
N LEU A 50 -16.73 12.20 -13.74
CA LEU A 50 -17.60 13.36 -13.52
C LEU A 50 -17.79 13.61 -12.03
N LEU A 51 -17.85 12.55 -11.23
CA LEU A 51 -18.01 12.70 -9.79
C LEU A 51 -16.75 13.32 -9.17
N ARG A 52 -15.56 12.85 -9.58
CA ARG A 52 -14.33 13.42 -9.03
C ARG A 52 -14.20 14.89 -9.41
N GLN A 53 -14.47 15.22 -10.67
CA GLN A 53 -14.37 16.61 -11.11
C GLN A 53 -15.30 17.51 -10.29
N ASN A 54 -16.52 17.03 -10.02
CA ASN A 54 -17.43 17.78 -9.16
C ASN A 54 -16.90 17.88 -7.74
N ALA A 55 -16.29 16.81 -7.24
CA ALA A 55 -15.83 16.79 -5.85
C ALA A 55 -14.60 17.67 -5.65
N VAL A 56 -13.68 17.66 -6.61
CA VAL A 56 -12.46 18.44 -6.46
C VAL A 56 -12.69 19.92 -6.77
N ARG A 57 -13.74 20.26 -7.51
CA ARG A 57 -14.19 21.64 -7.64
C ARG A 57 -15.54 21.76 -6.94
N VAL A 58 -15.57 21.43 -5.66
CA VAL A 58 -16.85 21.26 -4.96
C VAL A 58 -17.52 22.61 -4.80
N PRO A 59 -18.84 22.70 -5.02
CA PRO A 59 -19.54 23.96 -4.72
C PRO A 59 -19.53 24.21 -3.22
N ARG A 60 -19.14 25.42 -2.83
CA ARG A 60 -18.98 25.76 -1.41
C ARG A 60 -20.34 26.13 -0.82
N ASP A 61 -21.20 25.11 -0.75
CA ASP A 61 -22.49 25.20 -0.10
C ASP A 61 -22.80 23.85 0.54
N PHE A 62 -24.00 23.71 1.09
CA PHE A 62 -24.35 22.49 1.81
C PHE A 62 -24.31 21.27 0.91
N GLU A 63 -24.84 21.39 -0.32
CA GLU A 63 -24.85 20.26 -1.23
C GLU A 63 -23.44 19.82 -1.60
N GLY A 64 -22.45 20.70 -1.50
CA GLY A 64 -21.07 20.30 -1.75
C GLY A 64 -20.58 19.26 -0.76
N CYS A 65 -21.07 19.30 0.47
CA CYS A 65 -20.70 18.27 1.45
C CYS A 65 -21.19 16.90 1.02
N SER A 66 -22.38 16.84 0.40
CA SER A 66 -22.90 15.56 -0.07
C SER A 66 -22.08 15.01 -1.24
N VAL A 67 -21.60 15.90 -2.12
CA VAL A 67 -20.78 15.45 -3.24
C VAL A 67 -19.50 14.81 -2.74
N LEU A 68 -18.88 15.40 -1.72
CA LEU A 68 -17.63 14.86 -1.20
C LEU A 68 -17.84 13.50 -0.54
N ARG A 69 -18.90 13.36 0.27
CA ARG A 69 -19.19 12.09 0.90
C ARG A 69 -19.51 11.02 -0.14
N LYS A 70 -20.29 11.39 -1.16
CA LYS A 70 -20.64 10.45 -2.22
C LYS A 70 -19.38 9.95 -2.94
N TYR A 71 -18.50 10.89 -3.33
CA TYR A 71 -17.27 10.50 -4.00
C TYR A 71 -16.38 9.66 -3.09
N LEU A 72 -16.32 10.01 -1.81
CA LEU A 72 -15.52 9.24 -0.87
C LEU A 72 -15.99 7.79 -0.80
N GLY A 73 -17.31 7.58 -0.75
CA GLY A 73 -17.83 6.22 -0.73
C GLY A 73 -17.54 5.46 -2.01
N GLN A 74 -17.66 6.14 -3.15
CA GLN A 74 -17.38 5.49 -4.42
C GLN A 74 -15.92 5.07 -4.52
N LEU A 75 -15.02 5.82 -3.89
CA LEU A 75 -13.61 5.43 -3.88
C LEU A 75 -13.41 4.15 -3.06
N HIS A 76 -14.16 4.00 -1.97
CA HIS A 76 -14.10 2.75 -1.22
C HIS A 76 -14.64 1.59 -2.03
N TYR A 77 -15.73 1.81 -2.77
CA TYR A 77 -16.28 0.76 -3.62
C TYR A 77 -15.28 0.35 -4.70
N LEU A 78 -14.61 1.32 -5.32
CA LEU A 78 -13.66 1.00 -6.38
C LEU A 78 -12.48 0.19 -5.81
N GLN A 79 -11.95 0.62 -4.67
CA GLN A 79 -10.81 -0.07 -4.07
C GLN A 79 -11.15 -1.52 -3.71
N SER A 80 -12.41 -1.81 -3.40
CA SER A 80 -12.81 -3.17 -3.09
C SER A 80 -12.93 -4.06 -4.33
N ARG A 81 -12.98 -3.45 -5.52
CA ARG A 81 -13.05 -4.21 -6.76
C ARG A 81 -11.78 -4.12 -7.60
N VAL A 82 -11.04 -3.03 -7.48
CA VAL A 82 -9.78 -2.83 -8.20
C VAL A 82 -8.72 -2.40 -7.19
N PRO A 83 -7.70 -3.22 -6.91
CA PRO A 83 -6.72 -2.84 -5.89
C PRO A 83 -5.78 -1.74 -6.36
N MET A 84 -5.95 -0.55 -5.78
CA MET A 84 -5.16 0.62 -6.17
C MET A 84 -4.46 1.25 -4.98
N GLY A 85 -4.30 0.50 -3.88
CA GLY A 85 -3.57 0.98 -2.73
C GLY A 85 -2.07 0.82 -2.91
N SER A 86 -1.35 1.06 -1.81
CA SER A 86 0.11 1.09 -1.85
C SER A 86 0.67 -0.28 -2.25
N GLY A 87 1.52 -0.29 -3.27
CA GLY A 87 2.14 -1.52 -3.73
C GLY A 87 1.21 -2.46 -4.47
N GLN A 88 -0.04 -2.08 -4.70
CA GLN A 88 -1.01 -2.96 -5.32
C GLN A 88 -0.97 -2.84 -6.83
N GLU A 89 -1.67 -3.76 -7.51
CA GLU A 89 -1.47 -3.97 -8.94
C GLU A 89 -1.88 -2.75 -9.75
N ALA A 90 -3.06 -2.21 -9.49
CA ALA A 90 -3.63 -1.14 -10.31
C ALA A 90 -3.35 0.25 -9.75
N ALA A 91 -2.38 0.37 -8.84
CA ALA A 91 -2.07 1.65 -8.24
C ALA A 91 -1.51 2.63 -9.28
N VAL A 92 -1.98 3.87 -9.22
CA VAL A 92 -1.48 4.93 -10.09
C VAL A 92 -1.18 6.14 -9.23
N PRO A 93 -0.35 7.06 -9.72
CA PRO A 93 -0.05 8.27 -8.93
C PRO A 93 -1.29 9.10 -8.65
N VAL A 94 -1.41 9.52 -7.40
CA VAL A 94 -2.41 10.49 -6.97
C VAL A 94 -1.66 11.74 -6.51
N THR A 95 -2.08 12.91 -6.99
CA THR A 95 -1.38 14.15 -6.69
C THR A 95 -2.34 15.18 -6.13
N TRP A 96 -1.96 15.79 -5.01
CA TRP A 96 -2.67 16.93 -4.43
C TRP A 96 -1.63 17.94 -3.96
N THR A 97 -2.08 19.17 -3.74
CA THR A 97 -1.22 20.23 -3.24
C THR A 97 -1.31 20.31 -1.72
N GLU A 98 -0.15 20.34 -1.07
CA GLU A 98 -0.09 20.45 0.38
C GLU A 98 -0.35 21.90 0.81
N ILE A 99 -1.13 22.04 1.88
CA ILE A 99 -1.69 23.35 2.23
C ILE A 99 -0.59 24.33 2.60
N PHE A 100 0.29 23.94 3.53
CA PHE A 100 1.23 24.90 4.10
C PHE A 100 2.40 25.20 3.18
N SER A 101 2.85 24.22 2.40
CA SER A 101 3.97 24.44 1.49
C SER A 101 3.54 24.88 0.09
N GLY A 102 2.30 24.60 -0.30
CA GLY A 102 1.88 24.86 -1.66
C GLY A 102 2.52 23.96 -2.70
N LYS A 103 3.22 22.92 -2.27
CA LYS A 103 3.94 22.03 -3.16
C LYS A 103 3.11 20.79 -3.46
N SER A 104 3.32 20.23 -4.65
CA SER A 104 2.58 19.04 -5.06
C SER A 104 3.14 17.80 -4.38
N VAL A 105 2.25 16.97 -3.85
CA VAL A 105 2.62 15.72 -3.20
C VAL A 105 1.93 14.58 -3.95
N ALA A 106 2.72 13.60 -4.38
CA ALA A 106 2.22 12.48 -5.15
C ALA A 106 2.43 11.17 -4.39
N HIS A 107 1.39 10.34 -4.36
CA HIS A 107 1.46 8.98 -3.84
C HIS A 107 0.71 8.06 -4.79
N GLU A 108 1.29 6.89 -5.04
CA GLU A 108 0.62 5.87 -5.85
C GLU A 108 -0.28 5.04 -4.95
N ASP A 109 -1.35 5.67 -4.50
CA ASP A 109 -2.17 5.13 -3.41
C ASP A 109 -3.55 5.78 -3.48
N ILE A 110 -4.58 4.97 -3.72
CA ILE A 110 -5.95 5.49 -3.77
C ILE A 110 -6.39 6.00 -2.40
N LYS A 111 -5.80 5.48 -1.32
CA LYS A 111 -6.15 5.97 0.01
C LYS A 111 -5.61 7.37 0.26
N TYR A 112 -4.62 7.82 -0.51
CA TYR A 112 -4.21 9.21 -0.48
C TYR A 112 -5.31 10.11 -1.05
N GLU A 113 -5.94 9.68 -2.15
CA GLU A 113 -7.07 10.41 -2.69
C GLU A 113 -8.24 10.43 -1.71
N GLN A 114 -8.52 9.28 -1.08
CA GLN A 114 -9.54 9.24 -0.04
C GLN A 114 -9.22 10.23 1.08
N ALA A 115 -7.96 10.26 1.51
CA ALA A 115 -7.56 11.12 2.62
C ALA A 115 -7.80 12.59 2.29
N CYS A 116 -7.44 13.01 1.08
CA CYS A 116 -7.60 14.42 0.72
C CYS A 116 -9.07 14.80 0.60
N ILE A 117 -9.90 13.89 0.08
CA ILE A 117 -11.33 14.16 -0.02
C ILE A 117 -11.93 14.32 1.38
N LEU A 118 -11.44 13.56 2.35
CA LEU A 118 -11.98 13.65 3.69
C LEU A 118 -11.48 14.90 4.41
N TYR A 119 -10.25 15.33 4.13
CA TYR A 119 -9.78 16.62 4.62
C TYR A 119 -10.66 17.75 4.10
N ASN A 120 -10.93 17.75 2.79
CA ASN A 120 -11.74 18.81 2.21
C ASN A 120 -13.19 18.75 2.69
N LEU A 121 -13.67 17.56 3.06
CA LEU A 121 -14.98 17.47 3.69
C LEU A 121 -15.00 18.25 5.00
N GLY A 122 -13.97 18.07 5.82
CA GLY A 122 -13.88 18.84 7.06
C GLY A 122 -13.60 20.30 6.80
N ALA A 123 -12.78 20.61 5.80
CA ALA A 123 -12.49 22.00 5.48
C ALA A 123 -13.75 22.71 5.00
N LEU A 124 -14.53 22.08 4.13
CA LEU A 124 -15.75 22.71 3.64
C LEU A 124 -16.76 22.93 4.77
N HIS A 125 -16.87 21.94 5.67
CA HIS A 125 -17.75 22.12 6.82
C HIS A 125 -17.32 23.30 7.68
N SER A 126 -16.01 23.47 7.89
CA SER A 126 -15.53 24.62 8.64
C SER A 126 -15.86 25.92 7.93
N MET A 127 -15.77 25.91 6.60
CA MET A 127 -16.10 27.11 5.83
C MET A 127 -17.57 27.48 5.99
N LEU A 128 -18.46 26.51 5.79
CA LEU A 128 -19.90 26.79 5.88
C LEU A 128 -20.30 27.18 7.30
N GLY A 129 -19.68 26.56 8.30
CA GLY A 129 -19.96 26.95 9.67
C GLY A 129 -19.56 28.39 9.97
N ALA A 130 -18.41 28.80 9.45
CA ALA A 130 -17.91 30.16 9.69
C ALA A 130 -18.58 31.20 8.82
N MET A 131 -19.30 30.82 7.77
CA MET A 131 -19.90 31.78 6.87
C MET A 131 -21.14 32.44 7.46
N ASP A 132 -21.86 31.74 8.33
CA ASP A 132 -23.14 32.22 8.80
C ASP A 132 -22.98 33.30 9.87
N LYS A 133 -23.99 34.16 9.97
CA LYS A 133 -23.98 35.28 10.90
C LYS A 133 -24.44 34.87 12.30
N ARG A 134 -25.11 33.73 12.42
CA ARG A 134 -25.56 33.21 13.71
C ARG A 134 -26.48 34.18 14.44
N VAL A 135 -27.27 34.95 13.69
CA VAL A 135 -28.29 35.81 14.27
C VAL A 135 -29.68 35.17 14.17
N SER A 136 -29.76 33.93 13.72
CA SER A 136 -31.00 33.17 13.68
C SER A 136 -30.76 31.78 14.24
N GLU A 137 -31.76 31.24 14.93
CA GLU A 137 -31.65 29.91 15.50
C GLU A 137 -31.38 28.88 14.41
N GLU A 138 -31.83 29.12 13.18
CA GLU A 138 -31.52 28.22 12.08
C GLU A 138 -30.04 28.33 11.70
N GLY A 139 -29.53 29.54 11.56
CA GLY A 139 -28.12 29.72 11.25
C GLY A 139 -27.21 29.37 12.41
N MET A 140 -27.67 29.57 13.64
CA MET A 140 -26.91 29.12 14.80
C MET A 140 -26.84 27.61 14.85
N LYS A 141 -27.96 26.93 14.58
CA LYS A 141 -27.98 25.47 14.62
C LYS A 141 -27.17 24.88 13.48
N VAL A 142 -27.31 25.42 12.28
CA VAL A 142 -26.55 24.92 11.13
C VAL A 142 -25.05 25.09 11.36
N SER A 143 -24.65 26.24 11.91
CA SER A 143 -23.23 26.49 12.16
C SER A 143 -22.68 25.53 13.20
N CYS A 144 -23.44 25.27 14.27
CA CYS A 144 -22.99 24.33 15.29
C CYS A 144 -22.80 22.93 14.71
N THR A 145 -23.73 22.50 13.85
CA THR A 145 -23.63 21.19 13.23
C THR A 145 -22.44 21.13 12.26
N HIS A 146 -22.21 22.21 11.51
CA HIS A 146 -21.11 22.22 10.56
C HIS A 146 -19.77 22.02 11.27
N PHE A 147 -19.54 22.75 12.37
CA PHE A 147 -18.29 22.63 13.10
C PHE A 147 -18.12 21.24 13.70
N GLN A 148 -19.22 20.61 14.12
CA GLN A 148 -19.14 19.23 14.61
C GLN A 148 -18.82 18.27 13.48
N CYS A 149 -19.42 18.47 12.31
CA CYS A 149 -19.09 17.65 11.15
C CYS A 149 -17.62 17.81 10.77
N ALA A 150 -17.10 19.04 10.85
CA ALA A 150 -15.69 19.27 10.54
C ALA A 150 -14.78 18.53 11.51
N ALA A 151 -15.11 18.57 12.80
CA ALA A 151 -14.34 17.81 13.78
C ALA A 151 -14.36 16.32 13.46
N GLY A 152 -15.52 15.80 13.04
CA GLY A 152 -15.62 14.37 12.76
C GLY A 152 -14.83 13.95 11.54
N ALA A 153 -14.80 14.79 10.50
CA ALA A 153 -14.03 14.45 9.31
C ALA A 153 -12.54 14.42 9.62
N PHE A 154 -12.04 15.44 10.31
CA PHE A 154 -10.63 15.45 10.70
C PHE A 154 -10.32 14.32 11.68
N ALA A 155 -11.27 14.02 12.57
CA ALA A 155 -11.08 12.93 13.53
C ALA A 155 -11.03 11.59 12.81
N TYR A 156 -11.93 11.37 11.86
CA TYR A 156 -11.90 10.15 11.06
C TYR A 156 -10.58 10.04 10.30
N LEU A 157 -10.13 11.15 9.71
CA LEU A 157 -8.86 11.15 8.99
C LEU A 157 -7.71 10.80 9.93
N ARG A 158 -7.71 11.38 11.13
CA ARG A 158 -6.65 11.10 12.09
C ARG A 158 -6.59 9.63 12.47
N GLU A 159 -7.76 8.99 12.62
CA GLU A 159 -7.78 7.61 13.09
C GLU A 159 -7.42 6.63 12.00
N HIS A 160 -8.10 6.69 10.86
CA HIS A 160 -7.98 5.68 9.82
C HIS A 160 -6.88 5.96 8.81
N PHE A 161 -6.22 7.11 8.90
CA PHE A 161 -5.05 7.42 8.07
C PHE A 161 -3.90 7.90 8.93
N PRO A 162 -3.39 7.06 9.83
CA PRO A 162 -2.22 7.47 10.63
C PRO A 162 -0.95 7.59 9.80
N GLN A 163 -0.93 7.04 8.59
CA GLN A 163 0.16 7.31 7.65
C GLN A 163 -0.07 8.71 7.09
N ALA A 164 0.67 9.68 7.63
CA ALA A 164 0.52 11.06 7.17
C ALA A 164 1.08 11.19 5.76
N TYR A 165 0.19 11.28 4.77
CA TYR A 165 0.65 11.45 3.39
C TYR A 165 1.33 12.79 3.20
N SER A 166 0.88 13.82 3.91
CA SER A 166 1.55 15.12 3.92
C SER A 166 1.32 15.75 5.28
N VAL A 167 2.10 16.79 5.56
CA VAL A 167 2.17 17.32 6.92
C VAL A 167 0.88 18.04 7.33
N ASP A 168 0.10 18.54 6.37
CA ASP A 168 -1.17 19.16 6.70
C ASP A 168 -2.21 18.16 7.21
N MET A 169 -1.96 16.86 7.04
CA MET A 169 -2.84 15.82 7.55
C MET A 169 -2.16 14.96 8.61
N SER A 170 -1.11 15.49 9.24
CA SER A 170 -0.42 14.75 10.28
C SER A 170 -1.24 14.78 11.58
N ARG A 171 -0.88 13.89 12.50
CA ARG A 171 -1.68 13.69 13.70
C ARG A 171 -1.76 14.95 14.55
N GLN A 172 -0.61 15.59 14.81
CA GLN A 172 -0.58 16.79 15.65
C GLN A 172 -1.43 17.90 15.04
N ILE A 173 -1.40 18.04 13.72
CA ILE A 173 -2.13 19.13 13.07
C ILE A 173 -3.62 18.83 13.05
N LEU A 174 -4.00 17.57 12.79
CA LEU A 174 -5.41 17.21 12.79
C LEU A 174 -5.99 17.32 14.19
N THR A 175 -5.22 16.98 15.22
CA THR A 175 -5.66 17.15 16.59
C THR A 175 -5.97 18.63 16.87
N LEU A 176 -5.13 19.53 16.39
CA LEU A 176 -5.39 20.96 16.52
C LEU A 176 -6.70 21.34 15.82
N ASN A 177 -6.90 20.82 14.61
CA ASN A 177 -8.13 21.12 13.88
C ASN A 177 -9.36 20.61 14.63
N VAL A 178 -9.30 19.38 15.15
CA VAL A 178 -10.44 18.81 15.86
C VAL A 178 -10.78 19.66 17.08
N ASN A 179 -9.78 19.98 17.91
CA ASN A 179 -10.03 20.77 19.11
C ASN A 179 -10.55 22.15 18.75
N LEU A 180 -9.99 22.76 17.71
CA LEU A 180 -10.47 24.07 17.27
C LEU A 180 -11.92 23.99 16.79
N MET A 181 -12.24 22.96 16.00
CA MET A 181 -13.60 22.83 15.48
C MET A 181 -14.59 22.55 16.61
N LEU A 182 -14.18 21.78 17.62
CA LEU A 182 -15.06 21.50 18.73
C LEU A 182 -15.30 22.74 19.59
N GLY A 183 -14.26 23.57 19.75
CA GLY A 183 -14.44 24.80 20.49
C GLY A 183 -15.43 25.74 19.82
N GLN A 184 -15.36 25.83 18.49
CA GLN A 184 -16.28 26.72 17.77
C GLN A 184 -17.70 26.16 17.77
N ALA A 185 -17.84 24.84 17.75
CA ALA A 185 -19.18 24.24 17.89
C ALA A 185 -19.74 24.51 19.28
N GLN A 186 -18.93 24.29 20.31
CA GLN A 186 -19.36 24.60 21.67
C GLN A 186 -19.65 26.09 21.83
N GLU A 187 -18.91 26.94 21.12
CA GLU A 187 -19.18 28.38 21.17
C GLU A 187 -20.55 28.69 20.56
N CYS A 188 -20.88 28.06 19.44
CA CYS A 188 -22.21 28.23 18.86
C CYS A 188 -23.29 27.76 19.84
N LEU A 189 -23.06 26.64 20.51
CA LEU A 189 -24.02 26.14 21.49
C LEU A 189 -24.16 27.09 22.67
N LEU A 190 -23.05 27.73 23.07
CA LEU A 190 -23.10 28.70 24.17
C LEU A 190 -24.01 29.87 23.81
N GLU A 191 -23.89 30.39 22.59
CA GLU A 191 -24.77 31.46 22.14
C GLU A 191 -26.24 31.03 22.19
N LYS A 192 -26.51 29.75 21.94
CA LYS A 192 -27.87 29.24 22.04
C LYS A 192 -28.33 29.18 23.48
N SER A 193 -27.46 28.70 24.38
CA SER A 193 -27.84 28.59 25.79
C SER A 193 -28.11 29.96 26.40
N MET A 194 -27.39 30.99 25.96
CA MET A 194 -27.63 32.34 26.44
C MET A 194 -28.83 32.99 25.78
N LEU A 195 -29.22 32.53 24.59
CA LEU A 195 -30.44 33.01 23.97
C LEU A 195 -31.67 32.49 24.71
N ASP A 196 -31.65 31.22 25.12
CA ASP A 196 -32.76 30.64 25.85
C ASP A 196 -32.79 31.03 27.32
N ASN A 197 -31.74 31.68 27.82
CA ASN A 197 -31.62 32.02 29.24
C ASN A 197 -31.71 30.77 30.11
N ARG A 198 -30.95 29.75 29.74
CA ARG A 198 -30.88 28.53 30.52
C ARG A 198 -30.28 28.82 31.89
N LYS A 199 -30.27 27.78 32.74
CA LYS A 199 -29.79 27.94 34.10
C LYS A 199 -28.36 28.49 34.10
N SER A 200 -28.08 29.37 35.05
CA SER A 200 -26.82 30.10 35.04
C SER A 200 -25.63 29.17 35.19
N PHE A 201 -25.77 28.13 36.04
CA PHE A 201 -24.65 27.22 36.26
C PHE A 201 -24.31 26.43 35.00
N LEU A 202 -25.32 26.02 34.24
CA LEU A 202 -25.06 25.27 33.01
C LEU A 202 -24.35 26.15 31.99
N VAL A 203 -24.76 27.41 31.86
CA VAL A 203 -24.10 28.32 30.94
C VAL A 203 -22.64 28.49 31.31
N ALA A 204 -22.36 28.61 32.62
CA ALA A 204 -20.98 28.67 33.08
C ALA A 204 -20.20 27.43 32.65
N ARG A 205 -20.78 26.25 32.87
CA ARG A 205 -20.12 25.01 32.46
C ARG A 205 -19.93 24.96 30.95
N ILE A 206 -20.92 25.42 30.19
CA ILE A 206 -20.82 25.42 28.74
C ILE A 206 -19.73 26.38 28.28
N SER A 207 -19.66 27.57 28.87
CA SER A 207 -18.61 28.51 28.50
C SER A 207 -17.25 28.01 28.94
N ALA A 208 -17.19 27.36 30.11
CA ALA A 208 -15.91 26.83 30.59
C ALA A 208 -15.39 25.73 29.68
N GLN A 209 -16.27 25.02 28.98
CA GLN A 209 -15.82 24.01 28.02
C GLN A 209 -15.28 24.67 26.76
N VAL A 210 -15.90 25.77 26.31
CA VAL A 210 -15.34 26.57 25.23
C VAL A 210 -13.89 26.91 25.55
N VAL A 211 -13.65 27.36 26.79
CA VAL A 211 -12.30 27.67 27.25
C VAL A 211 -11.40 26.45 27.14
N ASP A 212 -11.90 25.30 27.60
CA ASP A 212 -11.08 24.09 27.62
C ASP A 212 -10.66 23.68 26.21
N TYR A 213 -11.59 23.70 25.27
CA TYR A 213 -11.26 23.36 23.89
C TYR A 213 -10.23 24.33 23.32
N TYR A 214 -10.45 25.62 23.51
CA TYR A 214 -9.53 26.63 22.99
C TYR A 214 -8.17 26.55 23.68
N LYS A 215 -8.14 26.18 24.96
CA LYS A 215 -6.88 26.00 25.64
C LYS A 215 -6.09 24.84 25.04
N GLU A 216 -6.78 23.75 24.69
CA GLU A 216 -6.11 22.63 24.03
C GLU A 216 -5.58 23.05 22.66
N ALA A 217 -6.36 23.85 21.92
CA ALA A 217 -5.90 24.31 20.61
C ALA A 217 -4.75 25.30 20.76
N CYS A 218 -4.80 26.16 21.78
CA CYS A 218 -3.73 27.13 21.98
C CYS A 218 -2.42 26.45 22.35
N ARG A 219 -2.50 25.36 23.11
CA ARG A 219 -1.30 24.60 23.44
C ARG A 219 -0.62 24.07 22.19
N ALA A 220 -1.41 23.56 21.23
CA ALA A 220 -0.84 23.08 19.98
C ALA A 220 -0.24 24.23 19.17
N LEU A 221 -0.90 25.39 19.17
CA LEU A 221 -0.37 26.54 18.44
C LEU A 221 0.93 27.06 19.05
N GLU A 222 1.08 26.93 20.37
CA GLU A 222 2.32 27.34 21.01
C GLU A 222 3.44 26.32 20.86
N ASN A 223 3.13 25.11 20.42
CA ASN A 223 4.16 24.11 20.15
C ASN A 223 5.07 24.62 19.05
N PRO A 224 6.39 24.71 19.28
CA PRO A 224 7.27 25.32 18.27
C PRO A 224 7.21 24.64 16.91
N ASP A 225 7.08 23.31 16.88
CA ASP A 225 7.04 22.60 15.60
C ASP A 225 5.75 22.93 14.84
N THR A 226 4.64 23.06 15.55
CA THR A 226 3.40 23.47 14.89
C THR A 226 3.47 24.92 14.45
N ALA A 227 4.13 25.78 15.24
CA ALA A 227 4.23 27.18 14.88
C ALA A 227 5.14 27.39 13.67
N SER A 228 6.23 26.63 13.59
CA SER A 228 7.13 26.76 12.45
C SER A 228 6.46 26.28 11.16
N LEU A 229 5.65 25.22 11.25
CA LEU A 229 4.95 24.72 10.07
C LEU A 229 3.86 25.68 9.63
N LEU A 230 2.98 26.07 10.56
CA LEU A 230 1.88 26.96 10.22
C LEU A 230 2.39 28.35 9.87
N GLY A 231 3.50 28.78 10.46
CA GLY A 231 4.06 30.07 10.13
C GLY A 231 3.15 31.20 10.57
N ARG A 232 2.91 32.13 9.64
CA ARG A 232 2.02 33.26 9.90
C ARG A 232 0.64 32.80 10.35
N ILE A 233 0.19 31.65 9.86
CA ILE A 233 -1.14 31.14 10.21
C ILE A 233 -1.25 30.93 11.72
N GLN A 234 -0.19 30.41 12.34
CA GLN A 234 -0.19 30.24 13.79
C GLN A 234 -0.36 31.58 14.50
N LYS A 235 0.25 32.63 13.96
CA LYS A 235 0.12 33.95 14.58
C LYS A 235 -1.32 34.44 14.56
N ASP A 236 -1.99 34.29 13.41
CA ASP A 236 -3.36 34.78 13.29
C ASP A 236 -4.32 33.92 14.11
N TRP A 237 -4.16 32.61 14.08
CA TRP A 237 -5.03 31.73 14.87
C TRP A 237 -4.83 31.97 16.36
N LYS A 238 -3.59 31.99 16.81
CA LYS A 238 -3.31 32.13 18.24
C LYS A 238 -3.81 33.45 18.79
N LYS A 239 -3.82 34.51 17.97
CA LYS A 239 -4.33 35.80 18.43
C LYS A 239 -5.82 35.72 18.75
N LEU A 240 -6.60 35.13 17.85
CA LEU A 240 -8.03 35.00 18.09
C LEU A 240 -8.33 34.02 19.22
N VAL A 241 -7.64 32.87 19.23
CA VAL A 241 -7.95 31.83 20.20
C VAL A 241 -7.54 32.27 21.62
N GLN A 242 -6.38 32.92 21.75
CA GLN A 242 -5.93 33.34 23.07
C GLN A 242 -6.87 34.39 23.67
N MET A 243 -7.37 35.30 22.83
CA MET A 243 -8.35 36.27 23.32
C MET A 243 -9.65 35.60 23.72
N LYS A 244 -10.10 34.62 22.92
CA LYS A 244 -11.35 33.93 23.22
C LYS A 244 -11.25 33.16 24.52
N ILE A 245 -10.06 32.66 24.86
CA ILE A 245 -9.87 31.96 26.13
C ILE A 245 -10.25 32.87 27.29
N TYR A 246 -9.77 34.11 27.28
CA TYR A 246 -10.12 35.04 28.34
C TYR A 246 -11.54 35.56 28.18
N TYR A 247 -12.02 35.71 26.95
CA TYR A 247 -13.38 36.18 26.73
C TYR A 247 -14.40 35.22 27.32
N PHE A 248 -14.24 33.92 27.05
CA PHE A 248 -15.22 32.96 27.52
C PHE A 248 -14.97 32.52 28.96
N ALA A 249 -13.75 32.71 29.48
CA ALA A 249 -13.56 32.61 30.91
C ALA A 249 -14.34 33.70 31.63
N ALA A 250 -14.38 34.90 31.07
CA ALA A 250 -15.19 35.98 31.63
C ALA A 250 -16.68 35.64 31.58
N VAL A 251 -17.14 35.11 30.44
CA VAL A 251 -18.55 34.73 30.33
C VAL A 251 -18.88 33.62 31.33
N ALA A 252 -17.96 32.68 31.51
CA ALA A 252 -18.19 31.61 32.48
C ALA A 252 -18.32 32.15 33.90
N HIS A 253 -17.40 33.04 34.29
CA HIS A 253 -17.45 33.57 35.65
C HIS A 253 -18.56 34.61 35.82
N LEU A 254 -19.00 35.24 34.73
CA LEU A 254 -20.19 36.08 34.79
C LEU A 254 -21.40 35.26 35.25
N HIS A 255 -21.55 34.05 34.72
CA HIS A 255 -22.71 33.23 35.07
C HIS A 255 -22.51 32.49 36.39
N MET A 256 -21.26 32.27 36.81
CA MET A 256 -21.04 31.80 38.18
C MET A 256 -21.48 32.85 39.19
N GLY A 257 -21.23 34.12 38.90
CA GLY A 257 -21.75 35.18 39.74
C GLY A 257 -23.26 35.25 39.73
N LYS A 258 -23.89 34.94 38.59
CA LYS A 258 -25.34 34.87 38.54
C LYS A 258 -25.86 33.73 39.41
N GLN A 259 -25.15 32.61 39.45
CA GLN A 259 -25.53 31.53 40.35
C GLN A 259 -25.38 31.95 41.81
N ALA A 260 -24.26 32.59 42.13
CA ALA A 260 -24.06 33.12 43.48
C ALA A 260 -25.18 34.10 43.84
N GLU A 261 -25.61 34.90 42.87
CA GLU A 261 -26.74 35.80 43.09
C GLU A 261 -28.01 35.02 43.38
N GLU A 262 -28.27 33.97 42.60
CA GLU A 262 -29.46 33.15 42.83
C GLU A 262 -29.40 32.41 44.16
N GLN A 263 -28.20 32.10 44.64
CA GLN A 263 -28.02 31.39 45.89
C GLN A 263 -27.86 32.30 47.09
N GLN A 264 -28.15 33.60 46.93
CA GLN A 264 -28.07 34.58 48.02
C GLN A 264 -26.68 34.60 48.66
N LYS A 265 -25.65 34.44 47.83
CA LYS A 265 -24.26 34.53 48.26
C LYS A 265 -23.69 35.79 47.60
N PHE A 266 -23.91 36.93 48.24
CA PHE A 266 -23.64 38.22 47.62
C PHE A 266 -22.18 38.64 47.72
N GLY A 267 -21.42 38.05 48.62
CA GLY A 267 -19.99 38.28 48.65
C GLY A 267 -19.29 37.45 47.58
N GLU A 268 -19.76 36.21 47.42
CA GLU A 268 -19.28 35.36 46.33
C GLU A 268 -19.65 35.94 44.98
N ARG A 269 -20.78 36.65 44.89
CA ARG A 269 -21.17 37.28 43.65
C ARG A 269 -20.17 38.35 43.23
N VAL A 270 -19.67 39.14 44.20
CA VAL A 270 -18.67 40.15 43.89
C VAL A 270 -17.39 39.49 43.38
N ALA A 271 -17.00 38.38 44.00
CA ALA A 271 -15.75 37.72 43.63
C ALA A 271 -15.80 37.22 42.18
N TYR A 272 -16.93 36.66 41.76
CA TYR A 272 -17.02 36.13 40.41
C TYR A 272 -17.13 37.24 39.38
N PHE A 273 -17.87 38.31 39.70
CA PHE A 273 -17.99 39.43 38.77
C PHE A 273 -16.67 40.16 38.61
N GLN A 274 -15.92 40.34 39.72
CA GLN A 274 -14.61 40.96 39.62
C GLN A 274 -13.66 40.09 38.80
N SER A 275 -13.73 38.77 38.97
CA SER A 275 -12.94 37.86 38.15
C SER A 275 -13.33 37.97 36.68
N ALA A 276 -14.63 38.00 36.41
CA ALA A 276 -15.11 38.14 35.03
C ALA A 276 -14.63 39.44 34.41
N LEU A 277 -14.63 40.52 35.20
CA LEU A 277 -14.16 41.81 34.70
C LEU A 277 -12.67 41.77 34.40
N ASP A 278 -11.87 41.20 35.31
CA ASP A 278 -10.44 41.08 35.08
C ASP A 278 -10.14 40.28 33.83
N LYS A 279 -10.81 39.13 33.68
CA LYS A 279 -10.58 38.28 32.51
C LYS A 279 -11.00 38.99 31.22
N LEU A 280 -12.09 39.72 31.25
CA LEU A 280 -12.54 40.45 30.07
C LEU A 280 -11.59 41.57 29.72
N ASN A 281 -11.05 42.26 30.74
CA ASN A 281 -10.06 43.30 30.47
C ASN A 281 -8.82 42.72 29.80
N GLU A 282 -8.40 41.52 30.22
CA GLU A 282 -7.29 40.86 29.57
C GLU A 282 -7.63 40.48 28.14
N ALA A 283 -8.88 40.07 27.89
CA ALA A 283 -9.30 39.79 26.52
C ALA A 283 -9.29 41.07 25.68
N ILE A 284 -9.64 42.20 26.28
CA ILE A 284 -9.61 43.46 25.54
C ILE A 284 -8.18 43.83 25.15
N LYS A 285 -7.23 43.65 26.07
CA LYS A 285 -5.83 43.86 25.72
C LYS A 285 -5.39 42.95 24.59
N LEU A 286 -5.78 41.67 24.66
CA LEU A 286 -5.39 40.71 23.64
C LEU A 286 -6.05 40.96 22.29
N ALA A 287 -7.11 41.77 22.25
CA ALA A 287 -7.85 42.01 21.02
C ALA A 287 -7.43 43.29 20.32
N LYS A 288 -6.33 43.91 20.73
CA LYS A 288 -5.84 45.12 20.07
C LYS A 288 -5.53 44.81 18.61
N GLY A 289 -6.13 45.60 17.72
CA GLY A 289 -5.93 45.43 16.29
C GLY A 289 -6.78 44.37 15.63
N GLN A 290 -7.73 43.79 16.34
CA GLN A 290 -8.62 42.78 15.80
C GLN A 290 -9.84 43.42 15.16
N PRO A 291 -10.55 42.71 14.29
CA PRO A 291 -11.67 43.32 13.56
C PRO A 291 -12.76 43.85 14.48
N ASP A 292 -13.62 44.71 13.90
CA ASP A 292 -14.70 45.32 14.67
C ASP A 292 -15.67 44.28 15.21
N THR A 293 -15.79 43.13 14.55
CA THR A 293 -16.64 42.06 15.07
C THR A 293 -16.21 41.65 16.47
N VAL A 294 -14.91 41.53 16.69
CA VAL A 294 -14.41 41.18 18.02
C VAL A 294 -14.62 42.33 19.00
N GLN A 295 -14.32 43.55 18.57
CA GLN A 295 -14.51 44.71 19.44
C GLN A 295 -15.97 44.88 19.84
N ASP A 296 -16.88 44.65 18.90
CA ASP A 296 -18.30 44.85 19.18
C ASP A 296 -18.81 43.84 20.19
N ALA A 297 -18.27 42.61 20.19
CA ALA A 297 -18.70 41.63 21.17
C ALA A 297 -18.11 41.93 22.55
N LEU A 298 -16.83 42.32 22.59
CA LEU A 298 -16.21 42.67 23.86
C LEU A 298 -16.88 43.89 24.48
N ARG A 299 -17.21 44.88 23.64
CA ARG A 299 -17.84 46.10 24.15
C ARG A 299 -19.22 45.82 24.72
N PHE A 300 -20.00 44.98 24.04
CA PHE A 300 -21.32 44.60 24.55
C PHE A 300 -21.19 43.85 25.87
N THR A 301 -20.28 42.86 25.92
CA THR A 301 -20.08 42.10 27.14
C THR A 301 -19.53 42.96 28.26
N MET A 302 -18.75 43.99 27.92
CA MET A 302 -18.22 44.88 28.94
C MET A 302 -19.33 45.69 29.61
N ASP A 303 -20.28 46.18 28.82
CA ASP A 303 -21.43 46.86 29.39
C ASP A 303 -22.15 45.98 30.40
N VAL A 304 -22.29 44.69 30.10
CA VAL A 304 -22.96 43.77 31.01
C VAL A 304 -22.11 43.53 32.26
N ILE A 305 -20.88 43.04 32.06
CA ILE A 305 -20.05 42.65 33.20
C ILE A 305 -19.68 43.87 34.04
N GLY A 306 -19.26 44.95 33.38
CA GLY A 306 -18.88 46.15 34.13
C GLY A 306 -20.00 46.69 34.99
N GLY A 307 -21.22 46.73 34.45
CA GLY A 307 -22.35 47.20 35.23
C GLY A 307 -22.71 46.25 36.35
N LYS A 308 -22.69 44.94 36.08
CA LYS A 308 -23.06 43.96 37.10
C LYS A 308 -22.04 43.93 38.24
N TYR A 309 -20.76 44.13 37.92
CA TYR A 309 -19.74 44.17 38.98
C TYR A 309 -19.95 45.37 39.88
N ASN A 310 -20.11 46.55 39.29
CA ASN A 310 -20.30 47.77 40.09
C ASN A 310 -21.54 47.65 40.96
N SER A 311 -22.64 47.13 40.40
CA SER A 311 -23.87 46.99 41.17
C SER A 311 -23.71 45.97 42.30
N ALA A 312 -23.00 44.87 42.03
CA ALA A 312 -22.81 43.86 43.06
C ALA A 312 -21.94 44.37 44.20
N LYS A 313 -20.86 45.09 43.86
CA LYS A 313 -20.01 45.65 44.90
C LYS A 313 -20.75 46.71 45.71
N LYS A 314 -21.58 47.52 45.05
CA LYS A 314 -22.37 48.52 45.77
C LYS A 314 -23.36 47.84 46.71
N ASP A 315 -24.03 46.78 46.24
CA ASP A 315 -24.95 46.05 47.09
C ASP A 315 -24.23 45.47 48.31
N ASN A 316 -23.07 44.87 48.09
CA ASN A 316 -22.34 44.26 49.20
C ASN A 316 -21.79 45.30 50.15
N ASP A 317 -21.27 46.42 49.61
CA ASP A 317 -20.65 47.43 50.46
C ASP A 317 -21.65 48.11 51.37
N PHE A 318 -22.89 48.29 50.90
CA PHE A 318 -23.85 49.11 51.62
C PHE A 318 -25.12 48.39 52.04
N ILE A 319 -25.28 47.11 51.71
CA ILE A 319 -26.48 46.38 52.11
C ILE A 319 -26.12 45.06 52.77
N TYR A 320 -25.46 44.17 52.02
CA TYR A 320 -25.29 42.80 52.47
C TYR A 320 -24.12 42.64 53.43
N HIS A 321 -23.03 43.37 53.20
CA HIS A 321 -21.87 43.38 54.09
C HIS A 321 -21.35 41.96 54.34
N GLU A 322 -21.15 41.23 53.26
CA GLU A 322 -20.65 39.86 53.33
C GLU A 322 -19.20 39.81 52.86
N ALA A 323 -18.52 38.75 53.28
CA ALA A 323 -17.11 38.60 52.93
C ALA A 323 -16.95 38.23 51.46
N VAL A 324 -16.02 38.90 50.80
CA VAL A 324 -15.71 38.63 49.39
C VAL A 324 -14.58 37.61 49.35
N PRO A 325 -14.84 36.37 48.94
CA PRO A 325 -13.78 35.36 48.93
C PRO A 325 -12.76 35.67 47.86
N ALA A 326 -11.51 35.26 48.10
CA ALA A 326 -10.38 35.57 47.23
C ALA A 326 -10.59 35.01 45.83
N LEU A 327 -9.55 35.04 44.99
CA LEU A 327 -9.69 34.40 43.69
C LEU A 327 -9.44 32.90 43.79
N ASP A 328 -8.33 32.52 44.40
CA ASP A 328 -7.91 31.13 44.56
C ASP A 328 -8.74 30.36 45.59
N THR A 329 -9.83 30.88 46.15
CA THR A 329 -10.70 30.12 47.03
C THR A 329 -11.76 29.32 46.27
N LEU A 330 -11.97 29.63 44.99
CA LEU A 330 -13.15 29.17 44.27
C LEU A 330 -12.83 27.92 43.46
N GLN A 331 -13.66 26.91 43.60
CA GLN A 331 -13.60 25.71 42.79
C GLN A 331 -13.70 26.10 41.31
N PRO A 332 -12.73 25.73 40.48
CA PRO A 332 -12.83 26.06 39.05
C PRO A 332 -14.01 25.35 38.42
N VAL A 333 -14.64 26.04 37.46
CA VAL A 333 -15.81 25.48 36.78
C VAL A 333 -15.38 24.32 35.90
N LYS A 334 -16.13 23.22 35.96
CA LYS A 334 -15.88 22.06 35.13
C LYS A 334 -16.64 22.21 33.82
N GLY A 335 -15.93 22.13 32.70
CA GLY A 335 -16.59 22.25 31.41
C GLY A 335 -17.60 21.14 31.19
N ALA A 336 -18.65 21.46 30.44
CA ALA A 336 -19.69 20.51 30.06
C ALA A 336 -19.65 20.30 28.55
N PRO A 337 -18.88 19.32 28.06
CA PRO A 337 -18.86 19.04 26.62
C PRO A 337 -20.20 18.54 26.11
N LEU A 338 -20.91 19.38 25.37
CA LEU A 338 -22.19 19.01 24.76
C LEU A 338 -22.12 18.99 23.24
N VAL A 339 -20.92 18.94 22.69
CA VAL A 339 -20.70 18.74 21.26
C VAL A 339 -19.80 17.51 21.11
N LYS A 340 -19.71 17.02 19.88
CA LYS A 340 -18.90 15.83 19.62
C LYS A 340 -18.55 15.77 18.14
N PRO A 341 -17.44 15.13 17.78
CA PRO A 341 -17.16 14.91 16.36
C PRO A 341 -18.23 14.02 15.74
N LEU A 342 -19.03 14.57 14.83
CA LEU A 342 -20.10 13.79 14.23
C LEU A 342 -19.50 12.75 13.29
N PRO A 343 -19.91 11.48 13.39
CA PRO A 343 -19.17 10.41 12.72
C PRO A 343 -19.26 10.49 11.20
N VAL A 344 -18.21 9.99 10.56
CA VAL A 344 -18.17 9.81 9.11
C VAL A 344 -18.38 8.34 8.81
N ASN A 345 -19.34 8.04 7.93
CA ASN A 345 -19.59 6.68 7.49
C ASN A 345 -19.38 6.61 5.99
N PRO A 346 -18.19 6.20 5.53
CA PRO A 346 -17.86 6.32 4.10
C PRO A 346 -18.80 5.53 3.18
N THR A 347 -19.14 4.31 3.55
CA THR A 347 -19.97 3.44 2.70
C THR A 347 -21.42 3.40 3.14
N ASP A 348 -21.96 4.52 3.60
CA ASP A 348 -23.39 4.61 3.87
C ASP A 348 -24.14 4.65 2.54
N PRO A 349 -24.96 3.65 2.22
CA PRO A 349 -25.62 3.63 0.90
C PRO A 349 -26.48 4.86 0.65
N ALA A 350 -27.02 5.48 1.70
CA ALA A 350 -27.85 6.66 1.53
C ALA A 350 -27.03 7.87 1.07
N VAL A 351 -25.73 7.90 1.34
CA VAL A 351 -24.89 9.03 0.94
C VAL A 351 -24.09 8.75 -0.32
N THR A 352 -23.93 7.49 -0.72
CA THR A 352 -23.15 7.15 -1.90
C THR A 352 -24.00 6.88 -3.13
N GLY A 353 -25.24 6.46 -2.96
CA GLY A 353 -26.03 5.96 -4.06
C GLY A 353 -25.50 4.61 -4.50
N PRO A 354 -26.03 4.09 -5.60
CA PRO A 354 -25.59 2.76 -6.07
C PRO A 354 -24.10 2.73 -6.38
N ASP A 355 -23.49 1.56 -6.15
CA ASP A 355 -22.10 1.33 -6.52
C ASP A 355 -21.94 1.51 -8.02
N ILE A 356 -21.06 2.43 -8.42
CA ILE A 356 -20.89 2.73 -9.84
C ILE A 356 -20.41 1.51 -10.60
N PHE A 357 -19.49 0.75 -10.02
CA PHE A 357 -18.94 -0.45 -10.65
C PHE A 357 -19.61 -1.73 -10.17
N ALA A 358 -20.92 -1.67 -9.91
CA ALA A 358 -21.63 -2.84 -9.39
C ALA A 358 -21.53 -4.04 -10.33
N LYS A 359 -21.46 -3.80 -11.64
CA LYS A 359 -21.40 -4.88 -12.59
C LYS A 359 -20.00 -5.49 -12.72
N LEU A 360 -18.98 -4.88 -12.12
CA LEU A 360 -17.62 -5.41 -12.17
C LEU A 360 -17.55 -6.66 -11.29
N VAL A 361 -18.13 -7.74 -11.81
CA VAL A 361 -18.24 -9.02 -11.13
C VAL A 361 -18.70 -8.86 -9.68
N MET B 1 -36.69 -22.73 -15.34
CA MET B 1 -36.38 -22.77 -13.92
C MET B 1 -36.97 -21.58 -13.18
N GLU B 2 -37.93 -20.94 -13.79
CA GLU B 2 -38.56 -19.79 -13.23
C GLU B 2 -39.22 -20.19 -11.97
N ALA B 3 -39.84 -21.34 -12.01
CA ALA B 3 -40.70 -21.72 -10.97
C ALA B 3 -40.22 -22.90 -10.20
N VAL B 4 -38.93 -23.09 -10.10
CA VAL B 4 -38.45 -24.23 -9.32
C VAL B 4 -38.97 -24.12 -7.89
N PRO B 5 -39.38 -25.21 -7.26
CA PRO B 5 -39.70 -25.18 -5.83
C PRO B 5 -38.51 -24.69 -5.02
N ARG B 6 -38.82 -24.02 -3.91
CA ARG B 6 -37.81 -23.31 -3.13
C ARG B 6 -37.19 -24.22 -2.07
N MET B 7 -35.87 -24.23 -2.02
CA MET B 7 -35.16 -24.97 -1.00
C MET B 7 -35.39 -24.35 0.37
N PRO B 8 -35.41 -25.15 1.44
CA PRO B 8 -35.45 -24.59 2.79
C PRO B 8 -34.14 -23.87 3.11
N MET B 9 -34.22 -22.98 4.09
CA MET B 9 -33.10 -22.16 4.50
C MET B 9 -32.75 -22.41 5.96
N ILE B 10 -31.47 -22.27 6.28
CA ILE B 10 -30.98 -22.45 7.64
C ILE B 10 -31.06 -21.11 8.38
N TRP B 11 -31.51 -21.16 9.63
CA TRP B 11 -31.49 -19.99 10.51
C TRP B 11 -30.89 -20.39 11.84
N LEU B 12 -30.52 -19.37 12.62
CA LEU B 12 -29.86 -19.57 13.91
C LEU B 12 -30.79 -19.12 15.03
N ASP B 13 -30.74 -19.84 16.14
CA ASP B 13 -31.53 -19.46 17.31
C ASP B 13 -30.93 -18.24 17.99
N LEU B 14 -31.77 -17.50 18.71
CA LEU B 14 -31.31 -16.37 19.49
C LEU B 14 -30.78 -16.83 20.84
N LYS B 15 -29.75 -16.13 21.31
CA LYS B 15 -29.19 -16.43 22.62
C LYS B 15 -30.09 -15.91 23.72
N GLU B 16 -30.02 -16.57 24.88
CA GLU B 16 -30.81 -16.17 26.05
C GLU B 16 -29.92 -15.39 27.01
N ALA B 17 -30.47 -14.33 27.58
CA ALA B 17 -29.70 -13.40 28.39
C ALA B 17 -29.93 -13.64 29.87
N GLY B 18 -28.85 -13.56 30.65
CA GLY B 18 -28.94 -13.55 32.09
C GLY B 18 -28.92 -12.13 32.63
N ASP B 19 -28.27 -11.92 33.77
CA ASP B 19 -28.33 -10.65 34.46
C ASP B 19 -27.26 -9.67 33.96
N PHE B 20 -27.61 -8.38 33.99
CA PHE B 20 -26.71 -7.27 33.71
C PHE B 20 -27.15 -6.13 34.64
N HIS B 21 -26.73 -6.22 35.90
CA HIS B 21 -27.11 -5.24 36.92
CA HIS B 21 -27.11 -5.24 36.92
C HIS B 21 -26.15 -4.07 36.86
N PHE B 22 -26.42 -3.17 35.91
CA PHE B 22 -25.58 -1.99 35.71
C PHE B 22 -25.95 -0.84 36.63
N GLN B 23 -27.17 -0.85 37.18
CA GLN B 23 -27.66 0.30 37.95
C GLN B 23 -26.74 0.68 39.11
N PRO B 24 -26.31 -0.23 39.99
CA PRO B 24 -25.46 0.21 41.12
C PRO B 24 -24.12 0.78 40.68
N ALA B 25 -23.52 0.23 39.63
CA ALA B 25 -22.22 0.72 39.20
C ALA B 25 -22.33 2.10 38.55
N VAL B 26 -23.39 2.33 37.79
CA VAL B 26 -23.58 3.64 37.15
C VAL B 26 -23.81 4.70 38.21
N LYS B 27 -24.70 4.43 39.17
CA LYS B 27 -24.98 5.38 40.24
C LYS B 27 -23.71 5.72 41.02
N LYS B 28 -22.92 4.70 41.34
CA LYS B 28 -21.68 4.93 42.07
C LYS B 28 -20.72 5.81 41.27
N PHE B 29 -20.60 5.57 39.96
CA PHE B 29 -19.70 6.36 39.13
C PHE B 29 -20.21 7.78 38.96
N VAL B 30 -21.53 7.95 38.84
CA VAL B 30 -22.10 9.30 38.74
C VAL B 30 -21.74 10.12 39.97
N LEU B 31 -21.84 9.52 41.15
CA LEU B 31 -21.52 10.23 42.39
C LEU B 31 -20.04 10.56 42.49
N LYS B 32 -19.17 9.68 41.98
CA LYS B 32 -17.73 9.82 42.20
C LYS B 32 -17.06 10.71 41.16
N ASN B 33 -17.28 10.43 39.87
CA ASN B 33 -16.58 11.15 38.82
C ASN B 33 -17.36 12.33 38.25
N TYR B 34 -18.69 12.29 38.28
CA TYR B 34 -19.49 13.41 37.84
C TYR B 34 -19.99 14.28 38.99
N GLY B 35 -19.79 13.85 40.23
CA GLY B 35 -20.14 14.67 41.38
C GLY B 35 -21.61 15.03 41.46
N GLU B 36 -22.48 14.23 40.85
CA GLU B 36 -23.91 14.46 40.83
C GLU B 36 -24.61 13.45 41.74
N ASN B 37 -25.83 13.78 42.17
CA ASN B 37 -26.59 12.84 42.97
C ASN B 37 -27.07 11.70 42.08
N PRO B 38 -26.82 10.44 42.46
CA PRO B 38 -27.19 9.33 41.58
C PRO B 38 -28.68 9.21 41.32
N GLU B 39 -29.52 9.65 42.24
CA GLU B 39 -30.97 9.55 42.05
C GLU B 39 -31.49 10.46 40.94
N ALA B 40 -30.68 11.40 40.46
CA ALA B 40 -31.06 12.23 39.34
C ALA B 40 -31.11 11.46 38.03
N TYR B 41 -30.58 10.23 38.00
CA TYR B 41 -30.58 9.40 36.80
C TYR B 41 -31.48 8.18 36.95
N ASN B 42 -32.43 8.21 37.89
CA ASN B 42 -33.33 7.09 38.07
C ASN B 42 -34.17 6.85 36.82
N GLU B 43 -34.66 7.92 36.20
CA GLU B 43 -35.49 7.77 35.01
C GLU B 43 -34.68 7.25 33.83
N GLU B 44 -33.43 7.71 33.69
CA GLU B 44 -32.60 7.25 32.59
C GLU B 44 -32.22 5.79 32.74
N LEU B 45 -31.89 5.37 33.98
CA LEU B 45 -31.50 3.99 34.20
C LEU B 45 -32.66 3.03 33.96
N LYS B 46 -33.88 3.42 34.34
CA LYS B 46 -35.04 2.56 34.11
C LYS B 46 -35.41 2.50 32.63
N LYS B 47 -35.14 3.58 31.88
CA LYS B 47 -35.41 3.55 30.45
C LYS B 47 -34.48 2.58 29.74
N LEU B 48 -33.21 2.54 30.15
CA LEU B 48 -32.28 1.56 29.57
C LEU B 48 -32.64 0.15 30.02
N GLU B 49 -32.97 -0.02 31.30
CA GLU B 49 -33.36 -1.33 31.80
C GLU B 49 -34.58 -1.87 31.05
N LEU B 50 -35.55 -1.01 30.78
CA LEU B 50 -36.73 -1.43 30.02
C LEU B 50 -36.36 -1.73 28.57
N LEU B 51 -35.41 -0.98 28.00
CA LEU B 51 -34.94 -1.27 26.65
C LEU B 51 -34.24 -2.62 26.60
N ARG B 52 -33.48 -2.96 27.64
CA ARG B 52 -32.81 -4.25 27.67
C ARG B 52 -33.80 -5.40 27.78
N GLN B 53 -34.76 -5.29 28.71
CA GLN B 53 -35.77 -6.34 28.85
C GLN B 53 -36.54 -6.53 27.55
N ASN B 54 -36.83 -5.44 26.85
CA ASN B 54 -37.47 -5.55 25.54
C ASN B 54 -36.57 -6.23 24.53
N ALA B 55 -35.27 -5.93 24.56
CA ALA B 55 -34.35 -6.46 23.57
C ALA B 55 -34.05 -7.94 23.82
N VAL B 56 -33.92 -8.34 25.08
CA VAL B 56 -33.58 -9.73 25.41
C VAL B 56 -34.77 -10.66 25.32
N ARG B 57 -35.98 -10.13 25.17
CA ARG B 57 -37.18 -10.90 24.85
C ARG B 57 -37.82 -10.32 23.60
N VAL B 58 -37.00 -10.19 22.56
CA VAL B 58 -37.36 -9.39 21.38
C VAL B 58 -38.46 -10.11 20.60
N PRO B 59 -39.47 -9.40 20.10
CA PRO B 59 -40.48 -10.05 19.24
C PRO B 59 -39.84 -10.47 17.92
N ARG B 60 -40.06 -11.73 17.55
CA ARG B 60 -39.43 -12.28 16.36
C ARG B 60 -40.09 -11.73 15.10
N ASP B 61 -39.84 -10.46 14.80
CA ASP B 61 -40.39 -9.79 13.63
C ASP B 61 -39.44 -8.68 13.22
N PHE B 62 -39.80 -7.97 12.14
CA PHE B 62 -38.92 -6.94 11.61
C PHE B 62 -38.73 -5.79 12.60
N GLU B 63 -39.80 -5.41 13.30
CA GLU B 63 -39.67 -4.37 14.32
C GLU B 63 -38.73 -4.80 15.43
N GLY B 64 -38.60 -6.11 15.65
CA GLY B 64 -37.67 -6.60 16.65
C GLY B 64 -36.23 -6.31 16.32
N CYS B 65 -35.88 -6.25 15.03
CA CYS B 65 -34.53 -5.91 14.63
C CYS B 65 -34.18 -4.49 15.05
N SER B 66 -35.14 -3.57 14.93
CA SER B 66 -34.88 -2.18 15.31
C SER B 66 -34.69 -2.05 16.82
N VAL B 67 -35.42 -2.86 17.60
CA VAL B 67 -35.23 -2.84 19.05
C VAL B 67 -33.82 -3.28 19.42
N LEU B 68 -33.32 -4.32 18.75
CA LEU B 68 -31.96 -4.78 19.00
C LEU B 68 -30.94 -3.74 18.59
N ARG B 69 -31.16 -3.06 17.46
CA ARG B 69 -30.23 -2.03 17.03
C ARG B 69 -30.27 -0.83 17.97
N LYS B 70 -31.46 -0.48 18.47
CA LYS B 70 -31.58 0.64 19.38
C LYS B 70 -30.83 0.38 20.68
N TYR B 71 -31.05 -0.81 21.27
CA TYR B 71 -30.35 -1.15 22.51
C TYR B 71 -28.85 -1.26 22.29
N LEU B 72 -28.43 -1.77 21.12
CA LEU B 72 -27.01 -1.87 20.83
C LEU B 72 -26.35 -0.50 20.81
N GLY B 73 -27.01 0.49 20.19
CA GLY B 73 -26.44 1.82 20.15
C GLY B 73 -26.40 2.48 21.52
N GLN B 74 -27.45 2.27 22.33
CA GLN B 74 -27.47 2.86 23.66
C GLN B 74 -26.40 2.26 24.56
N LEU B 75 -26.05 0.99 24.33
CA LEU B 75 -24.94 0.39 25.07
C LEU B 75 -23.62 1.08 24.73
N HIS B 76 -23.45 1.50 23.48
CA HIS B 76 -22.26 2.24 23.10
C HIS B 76 -22.25 3.62 23.77
N TYR B 77 -23.39 4.29 23.80
CA TYR B 77 -23.47 5.60 24.45
C TYR B 77 -23.12 5.49 25.93
N LEU B 78 -23.56 4.42 26.60
CA LEU B 78 -23.29 4.27 28.02
C LEU B 78 -21.82 3.99 28.28
N GLN B 79 -21.19 3.12 27.47
CA GLN B 79 -19.78 2.80 27.69
C GLN B 79 -18.90 4.02 27.46
N SER B 80 -19.28 4.93 26.56
CA SER B 80 -18.49 6.13 26.32
C SER B 80 -18.56 7.10 27.49
N ARG B 81 -19.52 6.95 28.39
CA ARG B 81 -19.65 7.83 29.54
C ARG B 81 -19.38 7.16 30.87
N VAL B 82 -19.47 5.83 30.94
CA VAL B 82 -19.21 5.09 32.17
C VAL B 82 -18.29 3.92 31.82
N PRO B 83 -17.13 3.79 32.48
CA PRO B 83 -16.19 2.73 32.10
C PRO B 83 -16.59 1.35 32.62
N MET B 84 -17.31 0.58 31.80
CA MET B 84 -17.80 -0.73 32.19
C MET B 84 -17.18 -1.85 31.37
N GLY B 85 -16.09 -1.57 30.67
CA GLY B 85 -15.39 -2.58 29.90
C GLY B 85 -14.54 -3.47 30.79
N SER B 86 -13.77 -4.34 30.13
CA SER B 86 -12.94 -5.30 30.84
C SER B 86 -11.88 -4.57 31.67
N GLY B 87 -11.80 -4.93 32.95
CA GLY B 87 -10.83 -4.35 33.84
C GLY B 87 -11.09 -2.92 34.25
N GLN B 88 -12.26 -2.37 33.94
CA GLN B 88 -12.60 -1.00 34.25
C GLN B 88 -13.38 -0.92 35.56
N GLU B 89 -13.37 0.28 36.16
CA GLU B 89 -13.81 0.42 37.54
C GLU B 89 -15.31 0.23 37.71
N ALA B 90 -16.10 0.54 36.68
CA ALA B 90 -17.55 0.44 36.77
C ALA B 90 -18.11 -0.82 36.12
N ALA B 91 -17.26 -1.80 35.84
CA ALA B 91 -17.71 -3.01 35.16
C ALA B 91 -18.43 -3.95 36.12
N VAL B 92 -19.50 -4.57 35.62
CA VAL B 92 -20.29 -5.52 36.40
C VAL B 92 -20.40 -6.82 35.61
N PRO B 93 -20.76 -7.92 36.27
CA PRO B 93 -20.94 -9.18 35.54
C PRO B 93 -22.04 -9.09 34.49
N VAL B 94 -21.76 -9.64 33.31
CA VAL B 94 -22.72 -9.81 32.24
C VAL B 94 -22.81 -11.30 31.94
N THR B 95 -24.03 -11.85 31.96
CA THR B 95 -24.23 -13.28 31.80
C THR B 95 -25.18 -13.54 30.63
N TRP B 96 -24.75 -14.41 29.72
CA TRP B 96 -25.59 -14.95 28.67
C TRP B 96 -25.37 -16.46 28.59
N THR B 97 -26.30 -17.15 27.95
CA THR B 97 -26.19 -18.60 27.76
C THR B 97 -25.55 -18.91 26.42
N GLU B 98 -24.47 -19.68 26.44
CA GLU B 98 -23.91 -20.20 25.21
C GLU B 98 -24.90 -21.13 24.54
N ILE B 99 -25.17 -20.89 23.26
CA ILE B 99 -26.35 -21.46 22.63
C ILE B 99 -26.21 -22.95 22.36
N PHE B 100 -24.99 -23.45 22.10
CA PHE B 100 -24.83 -24.84 21.70
C PHE B 100 -24.78 -25.78 22.89
N SER B 101 -24.28 -25.32 24.04
CA SER B 101 -24.21 -26.14 25.23
C SER B 101 -25.26 -25.79 26.28
N GLY B 102 -25.96 -24.66 26.12
CA GLY B 102 -26.91 -24.22 27.11
C GLY B 102 -26.31 -23.72 28.40
N LYS B 103 -24.98 -23.67 28.50
CA LYS B 103 -24.32 -23.24 29.72
C LYS B 103 -24.23 -21.72 29.79
N SER B 104 -24.27 -21.20 31.03
CA SER B 104 -24.13 -19.78 31.25
C SER B 104 -22.66 -19.37 31.25
N VAL B 105 -22.35 -18.27 30.57
CA VAL B 105 -21.00 -17.73 30.50
C VAL B 105 -21.06 -16.27 30.92
N ALA B 106 -20.25 -15.92 31.92
CA ALA B 106 -20.26 -14.59 32.50
C ALA B 106 -18.97 -13.85 32.18
N HIS B 107 -19.09 -12.55 31.91
CA HIS B 107 -17.95 -11.67 31.72
C HIS B 107 -18.28 -10.31 32.30
N GLU B 108 -17.36 -9.78 33.12
CA GLU B 108 -17.50 -8.41 33.64
C GLU B 108 -17.04 -7.43 32.56
N ASP B 109 -17.89 -7.29 31.55
CA ASP B 109 -17.51 -6.55 30.33
C ASP B 109 -18.77 -6.15 29.58
N ILE B 110 -18.96 -4.84 29.40
CA ILE B 110 -20.13 -4.36 28.67
C ILE B 110 -20.06 -4.76 27.20
N LYS B 111 -18.85 -4.98 26.67
CA LYS B 111 -18.73 -5.44 25.29
C LYS B 111 -19.25 -6.85 25.10
N TYR B 112 -19.26 -7.66 26.15
CA TYR B 112 -19.91 -8.97 26.09
C TYR B 112 -21.41 -8.82 25.89
N GLU B 113 -22.03 -7.85 26.57
CA GLU B 113 -23.45 -7.57 26.36
C GLU B 113 -23.69 -7.10 24.93
N GLN B 114 -22.86 -6.18 24.45
CA GLN B 114 -22.98 -5.73 23.05
C GLN B 114 -22.80 -6.90 22.08
N ALA B 115 -21.83 -7.77 22.35
CA ALA B 115 -21.54 -8.87 21.43
C ALA B 115 -22.72 -9.82 21.32
N CYS B 116 -23.41 -10.08 22.42
CA CYS B 116 -24.54 -10.99 22.38
C CYS B 116 -25.76 -10.35 21.73
N ILE B 117 -25.96 -9.04 21.91
CA ILE B 117 -27.05 -8.36 21.23
C ILE B 117 -26.81 -8.35 19.73
N LEU B 118 -25.56 -8.12 19.31
CA LEU B 118 -25.23 -8.15 17.89
C LEU B 118 -25.45 -9.52 17.29
N TYR B 119 -25.02 -10.57 18.00
CA TYR B 119 -25.29 -11.94 17.57
C TYR B 119 -26.77 -12.15 17.31
N ASN B 120 -27.61 -11.80 18.29
CA ASN B 120 -29.05 -12.00 18.17
C ASN B 120 -29.64 -11.17 17.04
N LEU B 121 -29.00 -10.04 16.70
CA LEU B 121 -29.44 -9.29 15.53
C LEU B 121 -29.23 -10.10 14.26
N GLY B 122 -28.08 -10.74 14.12
CA GLY B 122 -27.86 -11.60 12.98
C GLY B 122 -28.73 -12.84 13.00
N ALA B 123 -28.95 -13.40 14.19
CA ALA B 123 -29.82 -14.58 14.31
C ALA B 123 -31.25 -14.25 13.91
N LEU B 124 -31.78 -13.14 14.43
CA LEU B 124 -33.16 -12.76 14.10
C LEU B 124 -33.31 -12.49 12.61
N HIS B 125 -32.32 -11.82 12.00
CA HIS B 125 -32.35 -11.60 10.56
C HIS B 125 -32.40 -12.92 9.80
N SER B 126 -31.61 -13.90 10.24
CA SER B 126 -31.61 -15.20 9.57
C SER B 126 -32.96 -15.88 9.72
N MET B 127 -33.62 -15.70 10.87
CA MET B 127 -34.95 -16.27 11.06
C MET B 127 -35.95 -15.65 10.09
N LEU B 128 -35.98 -14.31 10.03
CA LEU B 128 -36.94 -13.63 9.16
C LEU B 128 -36.68 -13.93 7.69
N GLY B 129 -35.42 -14.17 7.32
CA GLY B 129 -35.13 -14.54 5.95
C GLY B 129 -35.62 -15.93 5.61
N ALA B 130 -35.52 -16.86 6.56
CA ALA B 130 -35.91 -18.25 6.33
C ALA B 130 -37.41 -18.49 6.48
N MET B 131 -38.15 -17.55 7.05
CA MET B 131 -39.58 -17.74 7.25
C MET B 131 -40.36 -17.64 5.95
N ASP B 132 -39.89 -16.84 5.02
CA ASP B 132 -40.62 -16.58 3.78
C ASP B 132 -40.61 -17.80 2.87
N LYS B 133 -41.69 -17.96 2.12
CA LYS B 133 -41.77 -19.00 1.10
C LYS B 133 -41.15 -18.58 -0.24
N ARG B 134 -40.83 -17.29 -0.40
CA ARG B 134 -40.11 -16.77 -1.55
C ARG B 134 -40.84 -17.08 -2.87
N VAL B 135 -42.15 -16.88 -2.88
CA VAL B 135 -42.97 -17.05 -4.06
C VAL B 135 -43.64 -15.74 -4.49
N SER B 136 -43.25 -14.62 -3.87
CA SER B 136 -43.71 -13.30 -4.27
C SER B 136 -42.50 -12.41 -4.47
N GLU B 137 -42.70 -11.33 -5.23
CA GLU B 137 -41.61 -10.41 -5.51
C GLU B 137 -41.03 -9.83 -4.22
N GLU B 138 -41.89 -9.33 -3.34
CA GLU B 138 -41.41 -8.75 -2.09
C GLU B 138 -40.81 -9.82 -1.18
N GLY B 139 -41.43 -11.01 -1.14
CA GLY B 139 -40.91 -12.06 -0.28
C GLY B 139 -39.51 -12.49 -0.65
N MET B 140 -39.22 -12.59 -1.95
CA MET B 140 -37.88 -12.94 -2.40
C MET B 140 -36.88 -11.84 -2.06
N LYS B 141 -37.25 -10.59 -2.30
CA LYS B 141 -36.34 -9.48 -2.05
C LYS B 141 -36.09 -9.29 -0.55
N VAL B 142 -37.14 -9.39 0.27
CA VAL B 142 -36.98 -9.21 1.71
C VAL B 142 -36.11 -10.33 2.29
N SER B 143 -36.26 -11.55 1.76
CA SER B 143 -35.43 -12.66 2.22
C SER B 143 -33.96 -12.43 1.87
N CYS B 144 -33.69 -12.04 0.61
CA CYS B 144 -32.32 -11.75 0.20
C CYS B 144 -31.69 -10.70 1.10
N THR B 145 -32.43 -9.62 1.38
CA THR B 145 -31.91 -8.56 2.23
C THR B 145 -31.69 -9.03 3.66
N HIS B 146 -32.62 -9.84 4.19
CA HIS B 146 -32.49 -10.33 5.56
C HIS B 146 -31.20 -11.12 5.75
N PHE B 147 -30.88 -12.00 4.80
CA PHE B 147 -29.67 -12.81 4.91
C PHE B 147 -28.42 -11.96 4.78
N GLN B 148 -28.47 -10.89 3.98
CA GLN B 148 -27.34 -9.97 3.88
C GLN B 148 -27.17 -9.18 5.17
N CYS B 149 -28.28 -8.80 5.81
CA CYS B 149 -28.20 -8.15 7.11
C CYS B 149 -27.61 -9.09 8.16
N ALA B 150 -28.02 -10.36 8.12
CA ALA B 150 -27.47 -11.35 9.06
C ALA B 150 -25.97 -11.52 8.87
N ALA B 151 -25.54 -11.65 7.61
CA ALA B 151 -24.10 -11.72 7.34
C ALA B 151 -23.39 -10.48 7.84
N GLY B 152 -24.00 -9.30 7.67
CA GLY B 152 -23.37 -8.07 8.12
C GLY B 152 -23.20 -8.01 9.63
N ALA B 153 -24.18 -8.53 10.37
CA ALA B 153 -24.10 -8.51 11.83
C ALA B 153 -23.01 -9.45 12.32
N PHE B 154 -22.96 -10.66 11.77
CA PHE B 154 -21.94 -11.63 12.19
C PHE B 154 -20.55 -11.16 11.80
N ALA B 155 -20.42 -10.52 10.63
CA ALA B 155 -19.13 -10.02 10.19
C ALA B 155 -18.65 -8.88 11.08
N TYR B 156 -19.54 -7.96 11.43
CA TYR B 156 -19.19 -6.90 12.37
C TYR B 156 -18.76 -7.48 13.71
N LEU B 157 -19.50 -8.47 14.20
CA LEU B 157 -19.14 -9.13 15.45
C LEU B 157 -17.77 -9.79 15.35
N ARG B 158 -17.51 -10.48 14.24
CA ARG B 158 -16.21 -11.13 14.06
C ARG B 158 -15.08 -10.12 13.99
N GLU B 159 -15.33 -8.97 13.36
CA GLU B 159 -14.28 -7.97 13.18
C GLU B 159 -14.02 -7.19 14.45
N HIS B 160 -15.07 -6.72 15.11
CA HIS B 160 -14.93 -5.74 16.19
C HIS B 160 -14.98 -6.35 17.59
N PHE B 161 -15.20 -7.66 17.70
CA PHE B 161 -15.16 -8.36 18.98
C PHE B 161 -14.33 -9.62 18.86
N PRO B 162 -13.03 -9.50 18.52
CA PRO B 162 -12.22 -10.69 18.28
C PRO B 162 -11.96 -11.51 19.53
N GLN B 163 -12.20 -10.97 20.73
CA GLN B 163 -12.08 -11.76 21.95
C GLN B 163 -13.31 -12.66 22.05
N ALA B 164 -13.16 -13.92 21.64
CA ALA B 164 -14.28 -14.84 21.62
C ALA B 164 -14.81 -15.05 23.04
N TYR B 165 -15.87 -14.33 23.39
CA TYR B 165 -16.43 -14.42 24.74
C TYR B 165 -17.00 -15.81 25.01
N SER B 166 -17.57 -16.45 24.00
CA SER B 166 -18.04 -17.82 24.11
C SER B 166 -17.79 -18.52 22.78
N VAL B 167 -17.92 -19.84 22.79
CA VAL B 167 -17.52 -20.63 21.63
C VAL B 167 -18.46 -20.43 20.46
N ASP B 168 -19.71 -20.02 20.72
CA ASP B 168 -20.66 -19.77 19.64
C ASP B 168 -20.35 -18.46 18.90
N MET B 169 -19.40 -17.67 19.38
CA MET B 169 -19.02 -16.42 18.74
C MET B 169 -17.53 -16.39 18.40
N SER B 170 -16.93 -17.56 18.19
CA SER B 170 -15.53 -17.62 17.80
C SER B 170 -15.39 -17.21 16.33
N ARG B 171 -14.15 -16.85 15.97
CA ARG B 171 -13.87 -16.34 14.63
C ARG B 171 -14.28 -17.35 13.56
N GLN B 172 -13.93 -18.62 13.75
CA GLN B 172 -14.26 -19.64 12.75
C GLN B 172 -15.75 -19.92 12.69
N ILE B 173 -16.45 -19.86 13.83
CA ILE B 173 -17.88 -20.10 13.83
C ILE B 173 -18.63 -18.94 13.19
N LEU B 174 -18.18 -17.70 13.45
CA LEU B 174 -18.80 -16.54 12.82
C LEU B 174 -18.51 -16.50 11.32
N THR B 175 -17.33 -16.97 10.91
CA THR B 175 -17.03 -17.07 9.47
C THR B 175 -17.94 -18.08 8.79
N LEU B 176 -18.22 -19.20 9.47
CA LEU B 176 -19.24 -20.12 8.99
C LEU B 176 -20.58 -19.41 8.82
N ASN B 177 -20.98 -18.63 9.83
CA ASN B 177 -22.27 -17.94 9.80
C ASN B 177 -22.34 -16.96 8.63
N VAL B 178 -21.28 -16.17 8.41
CA VAL B 178 -21.30 -15.18 7.33
C VAL B 178 -21.39 -15.87 5.98
N ASN B 179 -20.57 -16.90 5.77
CA ASN B 179 -20.58 -17.61 4.49
C ASN B 179 -21.91 -18.29 4.23
N LEU B 180 -22.50 -18.89 5.27
CA LEU B 180 -23.81 -19.51 5.12
C LEU B 180 -24.88 -18.48 4.79
N MET B 181 -24.86 -17.34 5.50
CA MET B 181 -25.85 -16.29 5.24
C MET B 181 -25.66 -15.69 3.86
N LEU B 182 -24.41 -15.55 3.41
CA LEU B 182 -24.16 -15.01 2.07
C LEU B 182 -24.60 -16.00 1.01
N GLY B 183 -24.36 -17.30 1.23
CA GLY B 183 -24.83 -18.29 0.28
C GLY B 183 -26.34 -18.28 0.14
N GLN B 184 -27.06 -18.15 1.25
CA GLN B 184 -28.51 -18.13 1.20
C GLN B 184 -29.03 -16.85 0.56
N ALA B 185 -28.36 -15.72 0.82
CA ALA B 185 -28.71 -14.48 0.13
C ALA B 185 -28.47 -14.61 -1.37
N GLN B 186 -27.34 -15.20 -1.76
CA GLN B 186 -27.06 -15.41 -3.18
C GLN B 186 -28.01 -16.44 -3.79
N GLU B 187 -28.46 -17.41 -2.99
CA GLU B 187 -29.46 -18.37 -3.47
C GLU B 187 -30.78 -17.67 -3.75
N CYS B 188 -31.19 -16.76 -2.86
CA CYS B 188 -32.39 -15.96 -3.10
C CYS B 188 -32.26 -15.16 -4.39
N LEU B 189 -31.08 -14.60 -4.64
CA LEU B 189 -30.87 -13.81 -5.84
C LEU B 189 -30.90 -14.68 -7.09
N LEU B 190 -30.34 -15.89 -7.01
CA LEU B 190 -30.41 -16.81 -8.13
C LEU B 190 -31.85 -17.11 -8.54
N GLU B 191 -32.71 -17.34 -7.55
CA GLU B 191 -34.13 -17.56 -7.85
C GLU B 191 -34.73 -16.36 -8.56
N LYS B 192 -34.32 -15.15 -8.18
CA LYS B 192 -34.78 -13.95 -8.88
C LYS B 192 -34.28 -13.92 -10.31
N SER B 193 -33.02 -14.29 -10.53
CA SER B 193 -32.45 -14.24 -11.87
C SER B 193 -33.12 -15.26 -12.80
N MET B 194 -33.41 -16.46 -12.29
CA MET B 194 -34.07 -17.46 -13.12
C MET B 194 -35.53 -17.12 -13.38
N LEU B 195 -36.18 -16.45 -12.43
CA LEU B 195 -37.54 -15.98 -12.64
C LEU B 195 -37.58 -14.95 -13.76
N ASP B 196 -36.66 -14.00 -13.74
CA ASP B 196 -36.56 -13.01 -14.82
C ASP B 196 -36.02 -13.61 -16.11
N ASN B 197 -35.51 -14.85 -16.07
CA ASN B 197 -34.87 -15.49 -17.22
C ASN B 197 -33.72 -14.64 -17.74
N ARG B 198 -32.87 -14.19 -16.82
CA ARG B 198 -31.72 -13.38 -17.17
C ARG B 198 -30.77 -14.18 -18.06
N LYS B 199 -29.71 -13.50 -18.52
CA LYS B 199 -28.75 -14.12 -19.43
C LYS B 199 -28.21 -15.42 -18.85
N SER B 200 -28.21 -16.46 -19.68
CA SER B 200 -27.85 -17.80 -19.22
C SER B 200 -26.47 -17.83 -18.58
N PHE B 201 -25.51 -17.14 -19.18
CA PHE B 201 -24.16 -17.13 -18.63
C PHE B 201 -24.13 -16.46 -17.25
N LEU B 202 -24.92 -15.40 -17.08
CA LEU B 202 -24.96 -14.72 -15.78
C LEU B 202 -25.60 -15.59 -14.72
N VAL B 203 -26.68 -16.31 -15.08
CA VAL B 203 -27.30 -17.23 -14.13
C VAL B 203 -26.30 -18.29 -13.69
N ALA B 204 -25.50 -18.80 -14.65
CA ALA B 204 -24.48 -19.79 -14.31
C ALA B 204 -23.47 -19.22 -13.33
N ARG B 205 -23.02 -17.97 -13.56
CA ARG B 205 -22.09 -17.35 -12.64
C ARG B 205 -22.72 -17.11 -11.27
N ILE B 206 -24.00 -16.74 -11.25
CA ILE B 206 -24.68 -16.49 -9.97
C ILE B 206 -24.80 -17.78 -9.19
N SER B 207 -25.19 -18.87 -9.85
CA SER B 207 -25.32 -20.15 -9.18
C SER B 207 -23.95 -20.66 -8.74
N ALA B 208 -22.91 -20.43 -9.54
CA ALA B 208 -21.57 -20.84 -9.17
C ALA B 208 -21.09 -20.12 -7.91
N GLN B 209 -21.58 -18.90 -7.67
CA GLN B 209 -21.24 -18.20 -6.44
C GLN B 209 -21.96 -18.81 -5.25
N VAL B 210 -23.18 -19.29 -5.45
CA VAL B 210 -23.87 -20.04 -4.39
C VAL B 210 -23.03 -21.23 -3.97
N VAL B 211 -22.48 -21.97 -4.95
CA VAL B 211 -21.64 -23.11 -4.67
C VAL B 211 -20.41 -22.69 -3.87
N ASP B 212 -19.77 -21.59 -4.28
CA ASP B 212 -18.56 -21.14 -3.61
C ASP B 212 -18.82 -20.81 -2.15
N TYR B 213 -19.91 -20.08 -1.87
CA TYR B 213 -20.24 -19.72 -0.50
C TYR B 213 -20.50 -20.96 0.34
N TYR B 214 -21.28 -21.91 -0.20
CA TYR B 214 -21.62 -23.11 0.56
C TYR B 214 -20.41 -24.02 0.73
N LYS B 215 -19.49 -24.03 -0.24
CA LYS B 215 -18.27 -24.81 -0.07
C LYS B 215 -17.44 -24.29 1.09
N GLU B 216 -17.39 -22.97 1.28
CA GLU B 216 -16.68 -22.42 2.42
C GLU B 216 -17.39 -22.74 3.72
N ALA B 217 -18.72 -22.66 3.73
CA ALA B 217 -19.47 -23.07 4.92
C ALA B 217 -19.31 -24.56 5.19
N CYS B 218 -19.29 -25.37 4.13
CA CYS B 218 -19.11 -26.81 4.31
C CYS B 218 -17.73 -27.13 4.86
N ARG B 219 -16.70 -26.40 4.40
CA ARG B 219 -15.35 -26.62 4.92
C ARG B 219 -15.30 -26.39 6.42
N ALA B 220 -15.97 -25.34 6.91
CA ALA B 220 -16.03 -25.11 8.35
C ALA B 220 -16.81 -26.20 9.06
N LEU B 221 -17.95 -26.62 8.50
CA LEU B 221 -18.75 -27.67 9.11
C LEU B 221 -18.04 -29.02 9.09
N GLU B 222 -17.04 -29.20 8.24
CA GLU B 222 -16.27 -30.44 8.21
C GLU B 222 -15.11 -30.43 9.20
N ASN B 223 -14.80 -29.29 9.80
CA ASN B 223 -13.77 -29.24 10.82
C ASN B 223 -14.21 -30.07 12.02
N PRO B 224 -13.38 -31.01 12.49
CA PRO B 224 -13.82 -31.90 13.58
C PRO B 224 -14.20 -31.17 14.86
N ASP B 225 -13.48 -30.11 15.22
CA ASP B 225 -13.85 -29.34 16.40
C ASP B 225 -15.18 -28.63 16.21
N THR B 226 -15.51 -28.27 14.97
CA THR B 226 -16.80 -27.66 14.69
C THR B 226 -17.95 -28.65 14.94
N ALA B 227 -17.73 -29.92 14.60
CA ALA B 227 -18.76 -30.93 14.81
C ALA B 227 -19.03 -31.17 16.30
N SER B 228 -17.96 -31.22 17.11
CA SER B 228 -18.13 -31.52 18.53
C SER B 228 -18.86 -30.41 19.27
N LEU B 229 -18.84 -29.18 18.75
CA LEU B 229 -19.48 -28.07 19.45
C LEU B 229 -20.96 -27.96 19.13
N LEU B 230 -21.33 -28.12 17.86
CA LEU B 230 -22.72 -27.97 17.46
C LEU B 230 -23.53 -29.26 17.63
N GLY B 231 -22.88 -30.39 17.81
CA GLY B 231 -23.63 -31.64 17.97
C GLY B 231 -24.34 -32.01 16.68
N ARG B 232 -25.61 -32.36 16.79
CA ARG B 232 -26.39 -32.76 15.62
C ARG B 232 -26.78 -31.57 14.74
N ILE B 233 -26.64 -30.34 15.23
CA ILE B 233 -26.85 -29.18 14.37
C ILE B 233 -25.86 -29.20 13.21
N GLN B 234 -24.64 -29.65 13.47
CA GLN B 234 -23.66 -29.80 12.40
C GLN B 234 -24.10 -30.84 11.39
N LYS B 235 -24.64 -31.97 11.86
CA LYS B 235 -25.14 -32.98 10.94
C LYS B 235 -26.30 -32.43 10.11
N ASP B 236 -27.21 -31.69 10.76
CA ASP B 236 -28.36 -31.15 10.05
C ASP B 236 -27.92 -30.13 9.00
N TRP B 237 -27.07 -29.18 9.39
CA TRP B 237 -26.62 -28.16 8.45
C TRP B 237 -25.81 -28.77 7.31
N LYS B 238 -24.82 -29.59 7.64
CA LYS B 238 -23.92 -30.13 6.63
C LYS B 238 -24.67 -30.97 5.59
N LYS B 239 -25.71 -31.69 6.02
CA LYS B 239 -26.49 -32.48 5.08
C LYS B 239 -27.19 -31.58 4.06
N LEU B 240 -27.76 -30.46 4.51
CA LEU B 240 -28.42 -29.54 3.59
C LEU B 240 -27.40 -28.82 2.71
N VAL B 241 -26.28 -28.39 3.30
CA VAL B 241 -25.31 -27.59 2.55
C VAL B 241 -24.56 -28.44 1.54
N GLN B 242 -24.14 -29.65 1.93
CA GLN B 242 -23.46 -30.53 1.00
C GLN B 242 -24.35 -30.87 -0.20
N MET B 243 -25.64 -31.08 0.05
CA MET B 243 -26.58 -31.32 -1.04
C MET B 243 -26.68 -30.10 -1.95
N LYS B 244 -26.78 -28.91 -1.35
CA LYS B 244 -26.93 -27.69 -2.15
C LYS B 244 -25.70 -27.43 -3.01
N ILE B 245 -24.52 -27.83 -2.54
CA ILE B 245 -23.30 -27.62 -3.32
C ILE B 245 -23.42 -28.30 -4.69
N TYR B 246 -23.86 -29.55 -4.70
CA TYR B 246 -24.03 -30.25 -5.97
C TYR B 246 -25.26 -29.77 -6.72
N TYR B 247 -26.33 -29.42 -5.99
CA TYR B 247 -27.56 -28.95 -6.65
C TYR B 247 -27.30 -27.68 -7.45
N PHE B 248 -26.69 -26.68 -6.83
CA PHE B 248 -26.44 -25.43 -7.52
C PHE B 248 -25.26 -25.51 -8.46
N ALA B 249 -24.39 -26.53 -8.30
CA ALA B 249 -23.42 -26.82 -9.35
C ALA B 249 -24.12 -27.36 -10.59
N ALA B 250 -25.12 -28.22 -10.41
CA ALA B 250 -25.90 -28.70 -11.54
C ALA B 250 -26.67 -27.57 -12.21
N VAL B 251 -27.24 -26.67 -11.42
CA VAL B 251 -27.95 -25.52 -11.98
C VAL B 251 -26.99 -24.63 -12.76
N ALA B 252 -25.76 -24.52 -12.27
CA ALA B 252 -24.76 -23.71 -12.96
C ALA B 252 -24.40 -24.31 -14.31
N HIS B 253 -24.14 -25.61 -14.35
CA HIS B 253 -23.77 -26.25 -15.60
C HIS B 253 -24.95 -26.41 -16.54
N LEU B 254 -26.18 -26.45 -15.99
CA LEU B 254 -27.36 -26.41 -16.83
C LEU B 254 -27.40 -25.14 -17.67
N HIS B 255 -27.10 -24.00 -17.05
CA HIS B 255 -27.14 -22.73 -17.76
C HIS B 255 -25.92 -22.49 -18.63
N MET B 256 -24.79 -23.14 -18.32
CA MET B 256 -23.68 -23.15 -19.26
C MET B 256 -24.05 -23.92 -20.52
N GLY B 257 -24.78 -25.02 -20.36
CA GLY B 257 -25.28 -25.72 -21.54
C GLY B 257 -26.29 -24.89 -22.31
N LYS B 258 -27.09 -24.09 -21.61
CA LYS B 258 -28.02 -23.19 -22.28
C LYS B 258 -27.27 -22.10 -23.05
N GLN B 259 -26.14 -21.63 -22.51
CA GLN B 259 -25.32 -20.70 -23.27
C GLN B 259 -24.79 -21.35 -24.54
N ALA B 260 -24.21 -22.55 -24.42
CA ALA B 260 -23.74 -23.27 -25.58
C ALA B 260 -24.86 -23.54 -26.57
N GLU B 261 -26.09 -23.75 -26.07
CA GLU B 261 -27.25 -23.87 -26.95
C GLU B 261 -27.49 -22.58 -27.70
N GLU B 262 -27.46 -21.44 -26.99
CA GLU B 262 -27.63 -20.15 -27.64
C GLU B 262 -26.51 -19.86 -28.64
N GLN B 263 -25.31 -20.37 -28.36
CA GLN B 263 -24.17 -20.19 -29.25
C GLN B 263 -24.08 -21.28 -30.31
N GLN B 264 -25.06 -22.19 -30.37
CA GLN B 264 -25.10 -23.27 -31.36
C GLN B 264 -23.86 -24.16 -31.29
N LYS B 265 -23.36 -24.36 -30.07
CA LYS B 265 -22.23 -25.27 -29.80
C LYS B 265 -22.82 -26.53 -29.17
N PHE B 266 -23.08 -27.54 -30.00
CA PHE B 266 -23.85 -28.70 -29.55
C PHE B 266 -22.99 -29.75 -28.87
N GLY B 267 -21.73 -29.90 -29.28
CA GLY B 267 -20.82 -30.76 -28.53
C GLY B 267 -20.65 -30.26 -27.11
N GLU B 268 -20.43 -28.96 -26.96
CA GLU B 268 -20.29 -28.37 -25.62
C GLU B 268 -21.60 -28.42 -24.85
N ARG B 269 -22.74 -28.29 -25.54
CA ARG B 269 -24.03 -28.36 -24.88
C ARG B 269 -24.26 -29.74 -24.26
N VAL B 270 -23.84 -30.80 -24.96
CA VAL B 270 -23.93 -32.14 -24.39
C VAL B 270 -23.02 -32.27 -23.18
N ALA B 271 -21.82 -31.68 -23.26
CA ALA B 271 -20.85 -31.80 -22.17
C ALA B 271 -21.39 -31.17 -20.89
N TYR B 272 -21.97 -29.98 -20.99
CA TYR B 272 -22.48 -29.30 -19.79
C TYR B 272 -23.74 -29.98 -19.27
N PHE B 273 -24.62 -30.43 -20.17
CA PHE B 273 -25.84 -31.10 -19.75
C PHE B 273 -25.52 -32.44 -19.08
N GLN B 274 -24.54 -33.17 -19.61
CA GLN B 274 -24.10 -34.40 -18.95
C GLN B 274 -23.52 -34.11 -17.56
N SER B 275 -22.72 -33.05 -17.45
CA SER B 275 -22.17 -32.66 -16.17
C SER B 275 -23.27 -32.24 -15.20
N ALA B 276 -24.25 -31.47 -15.69
CA ALA B 276 -25.36 -31.05 -14.83
C ALA B 276 -26.12 -32.26 -14.30
N LEU B 277 -26.36 -33.26 -15.15
CA LEU B 277 -27.08 -34.45 -14.73
C LEU B 277 -26.30 -35.22 -13.67
N ASP B 278 -24.99 -35.39 -13.88
CA ASP B 278 -24.16 -36.10 -12.90
C ASP B 278 -24.14 -35.38 -11.57
N LYS B 279 -24.00 -34.06 -11.58
CA LYS B 279 -24.01 -33.30 -10.34
C LYS B 279 -25.38 -33.35 -9.68
N LEU B 280 -26.45 -33.19 -10.46
CA LEU B 280 -27.79 -33.31 -9.89
C LEU B 280 -28.05 -34.71 -9.38
N ASN B 281 -27.50 -35.72 -10.05
CA ASN B 281 -27.61 -37.08 -9.51
C ASN B 281 -26.99 -37.14 -8.12
N GLU B 282 -25.75 -36.66 -7.96
CA GLU B 282 -25.10 -36.68 -6.65
C GLU B 282 -25.93 -35.92 -5.60
N ALA B 283 -26.54 -34.80 -5.99
CA ALA B 283 -27.36 -34.05 -5.03
C ALA B 283 -28.56 -34.87 -4.58
N ILE B 284 -29.13 -35.66 -5.48
CA ILE B 284 -30.25 -36.53 -5.11
C ILE B 284 -29.80 -37.59 -4.11
N LYS B 285 -28.59 -38.13 -4.28
CA LYS B 285 -28.09 -39.11 -3.31
C LYS B 285 -27.90 -38.47 -1.94
N LEU B 286 -27.38 -37.24 -1.92
CA LEU B 286 -27.17 -36.56 -0.64
C LEU B 286 -28.47 -36.07 -0.02
N ALA B 287 -29.56 -36.05 -0.78
CA ALA B 287 -30.84 -35.56 -0.29
C ALA B 287 -31.72 -36.65 0.29
N LYS B 288 -31.27 -37.90 0.29
CA LYS B 288 -32.06 -39.00 0.80
C LYS B 288 -32.48 -38.74 2.24
N GLY B 289 -33.80 -38.76 2.48
CA GLY B 289 -34.34 -38.51 3.80
C GLY B 289 -34.69 -37.06 4.09
N GLN B 290 -34.32 -36.13 3.22
CA GLN B 290 -34.58 -34.73 3.44
C GLN B 290 -36.03 -34.39 3.14
N PRO B 291 -36.54 -33.27 3.65
CA PRO B 291 -37.99 -32.99 3.54
C PRO B 291 -38.47 -32.93 2.10
N ASP B 292 -39.81 -32.99 1.97
CA ASP B 292 -40.44 -32.95 0.66
C ASP B 292 -40.10 -31.66 -0.10
N THR B 293 -39.83 -30.57 0.61
CA THR B 293 -39.42 -29.34 -0.05
C THR B 293 -38.14 -29.55 -0.85
N VAL B 294 -37.16 -30.24 -0.26
CA VAL B 294 -35.94 -30.56 -0.99
C VAL B 294 -36.24 -31.49 -2.16
N GLN B 295 -37.07 -32.51 -1.93
CA GLN B 295 -37.35 -33.49 -2.98
C GLN B 295 -38.08 -32.85 -4.15
N ASP B 296 -39.02 -31.95 -3.87
CA ASP B 296 -39.78 -31.32 -4.96
C ASP B 296 -38.87 -30.48 -5.85
N ALA B 297 -37.91 -29.78 -5.25
CA ALA B 297 -37.00 -28.96 -6.05
C ALA B 297 -36.08 -29.83 -6.91
N LEU B 298 -35.60 -30.94 -6.35
CA LEU B 298 -34.73 -31.82 -7.13
C LEU B 298 -35.50 -32.52 -8.25
N ARG B 299 -36.73 -32.95 -7.96
CA ARG B 299 -37.53 -33.61 -8.98
C ARG B 299 -37.87 -32.65 -10.11
N PHE B 300 -38.21 -31.40 -9.77
CA PHE B 300 -38.47 -30.40 -10.79
C PHE B 300 -37.25 -30.17 -11.67
N THR B 301 -36.08 -30.01 -11.05
CA THR B 301 -34.85 -29.78 -11.80
C THR B 301 -34.42 -31.01 -12.58
N MET B 302 -34.76 -32.21 -12.10
CA MET B 302 -34.42 -33.42 -12.83
C MET B 302 -35.19 -33.51 -14.14
N ASP B 303 -36.48 -33.15 -14.11
CA ASP B 303 -37.25 -33.11 -15.35
C ASP B 303 -36.63 -32.16 -16.36
N VAL B 304 -36.07 -31.05 -15.89
CA VAL B 304 -35.44 -30.09 -16.79
C VAL B 304 -34.13 -30.65 -17.34
N ILE B 305 -33.24 -31.09 -16.46
CA ILE B 305 -31.89 -31.49 -16.88
C ILE B 305 -31.94 -32.82 -17.63
N GLY B 306 -32.72 -33.78 -17.14
CA GLY B 306 -32.75 -35.09 -17.75
C GLY B 306 -33.21 -35.06 -19.19
N GLY B 307 -34.29 -34.32 -19.46
CA GLY B 307 -34.79 -34.22 -20.82
C GLY B 307 -33.89 -33.40 -21.73
N LYS B 308 -33.28 -32.35 -21.20
CA LYS B 308 -32.39 -31.52 -22.02
C LYS B 308 -31.12 -32.27 -22.38
N TYR B 309 -30.60 -33.10 -21.46
CA TYR B 309 -29.43 -33.90 -21.78
C TYR B 309 -29.76 -34.94 -22.84
N ASN B 310 -30.88 -35.67 -22.65
CA ASN B 310 -31.27 -36.68 -23.62
C ASN B 310 -31.53 -36.06 -24.99
N SER B 311 -32.18 -34.90 -25.02
CA SER B 311 -32.49 -34.26 -26.30
C SER B 311 -31.23 -33.74 -26.98
N ALA B 312 -30.26 -33.25 -26.20
CA ALA B 312 -29.04 -32.72 -26.79
C ALA B 312 -28.15 -33.84 -27.33
N LYS B 313 -28.02 -34.94 -26.57
CA LYS B 313 -27.21 -36.06 -27.03
C LYS B 313 -27.82 -36.70 -28.28
N LYS B 314 -29.15 -36.87 -28.29
CA LYS B 314 -29.80 -37.46 -29.46
C LYS B 314 -29.63 -36.59 -30.68
N ASP B 315 -29.77 -35.27 -30.53
CA ASP B 315 -29.60 -34.37 -31.68
C ASP B 315 -28.13 -34.33 -32.12
N ASN B 316 -27.20 -34.41 -31.18
CA ASN B 316 -25.79 -34.40 -31.55
C ASN B 316 -25.38 -35.73 -32.18
N ASP B 317 -25.88 -36.85 -31.64
CA ASP B 317 -25.50 -38.15 -32.18
C ASP B 317 -26.01 -38.34 -33.61
N PHE B 318 -27.16 -37.77 -33.94
CA PHE B 318 -27.84 -38.08 -35.19
C PHE B 318 -27.98 -36.91 -36.14
N ILE B 319 -27.54 -35.71 -35.78
CA ILE B 319 -27.68 -34.57 -36.67
C ILE B 319 -26.36 -33.80 -36.78
N TYR B 320 -25.87 -33.29 -35.65
CA TYR B 320 -24.74 -32.35 -35.67
C TYR B 320 -23.38 -33.04 -35.72
N HIS B 321 -23.23 -34.15 -34.98
CA HIS B 321 -22.00 -34.94 -34.99
C HIS B 321 -20.77 -34.13 -34.55
N GLU B 322 -20.99 -33.21 -33.62
CA GLU B 322 -19.90 -32.40 -33.09
C GLU B 322 -19.21 -33.14 -31.94
N ALA B 323 -17.91 -32.91 -31.82
CA ALA B 323 -17.14 -33.53 -30.75
C ALA B 323 -17.53 -32.94 -29.40
N VAL B 324 -17.73 -33.81 -28.42
CA VAL B 324 -18.13 -33.40 -27.07
C VAL B 324 -16.85 -33.15 -26.27
N PRO B 325 -16.54 -31.90 -25.92
CA PRO B 325 -15.27 -31.63 -25.23
C PRO B 325 -15.30 -32.13 -23.78
N ALA B 326 -14.12 -32.54 -23.32
CA ALA B 326 -13.96 -32.84 -21.91
C ALA B 326 -14.03 -31.55 -21.10
N LEU B 327 -14.57 -31.65 -19.88
CA LEU B 327 -14.86 -30.45 -19.11
C LEU B 327 -13.60 -29.72 -18.69
N ASP B 328 -12.50 -30.44 -18.46
CA ASP B 328 -11.26 -29.79 -18.08
C ASP B 328 -10.66 -28.93 -19.19
N THR B 329 -11.32 -28.86 -20.35
CA THR B 329 -10.86 -28.05 -21.48
C THR B 329 -11.67 -26.77 -21.65
N LEU B 330 -12.64 -26.50 -20.77
CA LEU B 330 -13.61 -25.45 -21.01
C LEU B 330 -13.43 -24.23 -20.12
N GLN B 331 -12.49 -24.26 -19.17
CA GLN B 331 -12.22 -23.19 -18.21
C GLN B 331 -13.44 -22.99 -17.31
N PRO B 332 -13.30 -23.22 -16.00
CA PRO B 332 -14.48 -23.30 -15.12
C PRO B 332 -15.22 -21.98 -15.00
N VAL B 333 -16.44 -22.08 -14.46
CA VAL B 333 -17.28 -20.92 -14.24
C VAL B 333 -16.84 -20.22 -12.97
N LYS B 334 -16.64 -18.90 -13.05
CA LYS B 334 -16.27 -18.10 -11.89
C LYS B 334 -17.53 -17.48 -11.30
N GLY B 335 -17.70 -17.64 -9.99
CA GLY B 335 -18.87 -17.10 -9.33
C GLY B 335 -18.94 -15.59 -9.44
N ALA B 336 -20.16 -15.07 -9.43
CA ALA B 336 -20.39 -13.63 -9.45
C ALA B 336 -21.03 -13.20 -8.13
N PRO B 337 -20.26 -12.70 -7.18
CA PRO B 337 -20.86 -12.25 -5.91
C PRO B 337 -21.64 -10.95 -6.07
N LEU B 338 -22.96 -11.03 -5.95
CA LEU B 338 -23.82 -9.87 -6.08
C LEU B 338 -24.54 -9.54 -4.77
N VAL B 339 -24.18 -10.22 -3.69
CA VAL B 339 -24.64 -9.89 -2.34
C VAL B 339 -23.41 -9.56 -1.50
N LYS B 340 -23.65 -8.97 -0.34
CA LYS B 340 -22.56 -8.55 0.54
C LYS B 340 -23.10 -8.44 1.95
N PRO B 341 -22.24 -8.56 2.96
CA PRO B 341 -22.67 -8.29 4.34
C PRO B 341 -22.99 -6.81 4.49
N LEU B 342 -24.24 -6.51 4.81
CA LEU B 342 -24.66 -5.12 4.89
C LEU B 342 -24.11 -4.49 6.17
N PRO B 343 -23.44 -3.35 6.09
CA PRO B 343 -22.68 -2.85 7.23
C PRO B 343 -23.58 -2.44 8.39
N VAL B 344 -23.06 -2.66 9.60
CA VAL B 344 -23.73 -2.27 10.83
C VAL B 344 -23.09 -0.97 11.33
N ASN B 345 -23.93 0.04 11.57
CA ASN B 345 -23.51 1.30 12.17
C ASN B 345 -24.16 1.38 13.54
N PRO B 346 -23.48 0.95 14.61
CA PRO B 346 -24.15 0.85 15.91
C PRO B 346 -24.68 2.18 16.43
N THR B 347 -23.96 3.27 16.18
CA THR B 347 -24.33 4.60 16.69
C THR B 347 -24.98 5.46 15.63
N ASP B 348 -25.78 4.87 14.75
CA ASP B 348 -26.58 5.65 13.82
C ASP B 348 -27.70 6.34 14.58
N PRO B 349 -27.74 7.67 14.66
CA PRO B 349 -28.79 8.34 15.44
C PRO B 349 -30.19 8.05 14.93
N ALA B 350 -30.33 7.64 13.66
CA ALA B 350 -31.65 7.33 13.12
C ALA B 350 -32.19 6.01 13.65
N VAL B 351 -31.33 5.13 14.18
CA VAL B 351 -31.77 3.87 14.74
C VAL B 351 -31.74 3.86 16.27
N THR B 352 -30.88 4.68 16.88
CA THR B 352 -30.75 4.68 18.34
C THR B 352 -31.66 5.70 19.01
N GLY B 353 -32.00 6.79 18.31
CA GLY B 353 -32.67 7.90 18.93
C GLY B 353 -31.69 8.66 19.80
N PRO B 354 -32.20 9.59 20.61
CA PRO B 354 -31.31 10.41 21.43
C PRO B 354 -30.52 9.57 22.44
N ASP B 355 -29.36 10.08 22.81
CA ASP B 355 -28.57 9.46 23.87
C ASP B 355 -29.33 9.53 25.18
N ILE B 356 -29.64 8.38 25.75
CA ILE B 356 -30.40 8.32 27.00
C ILE B 356 -29.67 9.09 28.10
N PHE B 357 -28.34 9.01 28.12
CA PHE B 357 -27.53 9.65 29.15
C PHE B 357 -26.84 10.90 28.65
N ALA B 358 -27.53 11.69 27.83
CA ALA B 358 -26.95 12.97 27.38
C ALA B 358 -26.76 13.94 28.54
N LYS B 359 -27.57 13.80 29.60
CA LYS B 359 -27.40 14.62 30.79
C LYS B 359 -26.06 14.39 31.46
N LEU B 360 -25.53 13.17 31.38
CA LEU B 360 -24.34 12.81 32.13
C LEU B 360 -23.10 13.51 31.59
N VAL B 361 -22.80 14.69 32.14
CA VAL B 361 -21.66 15.46 31.68
C VAL B 361 -21.13 16.33 32.81
N MET C 1 48.09 2.89 -37.93
CA MET C 1 47.11 3.60 -37.11
C MET C 1 47.09 3.07 -35.69
N GLU C 2 48.10 2.31 -35.31
CA GLU C 2 48.25 1.84 -33.96
C GLU C 2 48.64 3.01 -33.10
N ALA C 3 49.39 3.91 -33.67
CA ALA C 3 49.94 4.96 -32.90
C ALA C 3 49.35 6.24 -33.24
N VAL C 4 48.10 6.27 -33.68
CA VAL C 4 47.58 7.60 -34.04
C VAL C 4 47.45 8.45 -32.78
N PRO C 5 47.77 9.75 -32.85
CA PRO C 5 47.49 10.63 -31.72
C PRO C 5 46.01 10.64 -31.35
N ARG C 6 45.75 10.78 -30.05
CA ARG C 6 44.40 10.64 -29.52
C ARG C 6 43.65 11.96 -29.57
N MET C 7 42.37 11.88 -29.95
CA MET C 7 41.52 13.05 -29.96
CA MET C 7 41.52 13.06 -29.96
C MET C 7 41.15 13.45 -28.53
N PRO C 8 40.92 14.74 -28.28
CA PRO C 8 40.45 15.15 -26.95
C PRO C 8 39.00 14.73 -26.74
N MET C 9 38.63 14.55 -25.48
CA MET C 9 37.31 14.07 -25.11
C MET C 9 36.54 15.16 -24.36
N ILE C 10 35.22 15.10 -24.47
CA ILE C 10 34.34 16.03 -23.79
C ILE C 10 33.98 15.45 -22.42
N TRP C 11 34.00 16.29 -21.39
CA TRP C 11 33.56 15.92 -20.06
C TRP C 11 32.59 16.98 -19.54
N LEU C 12 31.79 16.59 -18.57
CA LEU C 12 30.83 17.48 -17.94
C LEU C 12 31.30 17.87 -16.55
N ASP C 13 31.14 19.15 -16.22
CA ASP C 13 31.54 19.64 -14.91
C ASP C 13 30.64 19.06 -13.83
N LEU C 14 31.17 19.02 -12.60
CA LEU C 14 30.41 18.58 -11.46
C LEU C 14 29.56 19.73 -10.91
N LYS C 15 28.35 19.41 -10.47
CA LYS C 15 27.52 20.41 -9.81
C LYS C 15 28.05 20.69 -8.42
N GLU C 16 27.93 21.95 -8.00
CA GLU C 16 28.32 22.37 -6.67
C GLU C 16 27.08 22.42 -5.77
N ALA C 17 27.19 21.83 -4.58
CA ALA C 17 26.07 21.70 -3.67
C ALA C 17 26.05 22.82 -2.65
N GLY C 18 24.85 23.15 -2.20
CA GLY C 18 24.67 24.04 -1.07
C GLY C 18 24.25 23.27 0.17
N ASP C 19 23.35 23.85 0.95
CA ASP C 19 22.98 23.26 2.25
C ASP C 19 21.95 22.16 2.08
N PHE C 20 22.03 21.17 2.98
CA PHE C 20 21.03 20.11 3.14
C PHE C 20 20.96 19.83 4.65
N HIS C 21 20.16 20.62 5.35
CA HIS C 21 20.08 20.57 6.81
C HIS C 21 19.07 19.52 7.25
N PHE C 22 19.46 18.25 7.09
CA PHE C 22 18.56 17.16 7.46
C PHE C 22 18.63 16.77 8.93
N GLN C 23 19.67 17.20 9.64
CA GLN C 23 19.83 16.80 11.04
C GLN C 23 18.67 17.24 11.91
N PRO C 24 18.28 18.52 11.97
CA PRO C 24 17.18 18.89 12.88
C PRO C 24 15.85 18.32 12.47
N ALA C 25 15.58 18.19 11.16
CA ALA C 25 14.29 17.68 10.72
C ALA C 25 14.13 16.20 11.03
N VAL C 26 15.18 15.41 10.84
CA VAL C 26 15.11 13.99 11.16
C VAL C 26 14.90 13.81 12.66
N LYS C 27 15.65 14.55 13.47
CA LYS C 27 15.50 14.47 14.93
C LYS C 27 14.09 14.86 15.36
N LYS C 28 13.49 15.86 14.71
CA LYS C 28 12.12 16.23 15.02
C LYS C 28 11.15 15.11 14.66
N PHE C 29 11.42 14.40 13.56
CA PHE C 29 10.50 13.35 13.13
C PHE C 29 10.59 12.13 14.05
N VAL C 30 11.80 11.78 14.49
CA VAL C 30 11.96 10.56 15.28
C VAL C 30 11.36 10.74 16.67
N LEU C 31 11.37 11.96 17.21
CA LEU C 31 10.75 12.20 18.51
C LEU C 31 9.23 12.12 18.42
N LYS C 32 8.66 12.54 17.29
CA LYS C 32 7.23 12.77 17.16
C LYS C 32 6.48 11.52 16.70
N ASN C 33 7.01 10.81 15.70
CA ASN C 33 6.33 9.63 15.15
C ASN C 33 6.87 8.33 15.71
N TYR C 34 8.20 8.18 15.76
CA TYR C 34 8.76 7.13 16.59
C TYR C 34 8.77 7.58 18.05
N GLY C 35 8.98 6.62 18.95
CA GLY C 35 8.98 6.93 20.37
C GLY C 35 10.34 6.78 21.00
N GLU C 36 11.32 7.53 20.52
CA GLU C 36 12.70 7.35 20.95
C GLU C 36 13.36 8.71 21.14
N ASN C 37 14.45 8.71 21.91
CA ASN C 37 15.23 9.91 22.14
C ASN C 37 15.91 10.34 20.85
N PRO C 38 15.72 11.58 20.40
CA PRO C 38 16.44 12.03 19.19
C PRO C 38 17.94 11.96 19.32
N GLU C 39 18.48 12.10 20.54
CA GLU C 39 19.91 11.99 20.74
C GLU C 39 20.43 10.57 20.57
N ALA C 40 19.55 9.57 20.58
CA ALA C 40 19.95 8.20 20.26
C ALA C 40 20.19 7.99 18.78
N TYR C 41 20.06 9.03 17.97
CA TYR C 41 20.31 8.96 16.53
C TYR C 41 21.44 9.88 16.10
N ASN C 42 22.28 10.30 17.05
CA ASN C 42 23.38 11.21 16.72
C ASN C 42 24.38 10.55 15.78
N GLU C 43 24.82 9.34 16.10
CA GLU C 43 25.85 8.68 15.30
C GLU C 43 25.38 8.41 13.88
N GLU C 44 24.13 7.96 13.72
CA GLU C 44 23.60 7.69 12.39
C GLU C 44 23.56 8.96 11.56
N LEU C 45 23.04 10.05 12.14
CA LEU C 45 22.98 11.32 11.41
C LEU C 45 24.37 11.90 11.19
N LYS C 46 25.29 11.68 12.13
CA LYS C 46 26.66 12.17 11.94
C LYS C 46 27.36 11.42 10.82
N LYS C 47 27.14 10.11 10.71
CA LYS C 47 27.78 9.34 9.64
C LYS C 47 27.27 9.77 8.28
N LEU C 48 25.96 10.05 8.17
CA LEU C 48 25.42 10.50 6.90
C LEU C 48 25.98 11.87 6.52
N GLU C 49 26.24 12.73 7.50
CA GLU C 49 26.80 14.05 7.20
C GLU C 49 28.23 13.94 6.69
N LEU C 50 29.03 13.04 7.29
CA LEU C 50 30.39 12.86 6.81
C LEU C 50 30.40 12.20 5.43
N LEU C 51 29.38 11.37 5.16
CA LEU C 51 29.24 10.76 3.83
C LEU C 51 28.84 11.79 2.79
N ARG C 52 27.86 12.64 3.09
CA ARG C 52 27.53 13.73 2.17
C ARG C 52 28.71 14.66 1.96
N GLN C 53 29.41 15.00 3.06
CA GLN C 53 30.58 15.85 2.93
C GLN C 53 31.53 15.29 1.87
N ASN C 54 31.87 14.00 1.98
CA ASN C 54 32.76 13.38 1.00
C ASN C 54 32.18 13.46 -0.42
N ALA C 55 30.89 13.14 -0.56
CA ALA C 55 30.28 13.09 -1.89
C ALA C 55 30.27 14.45 -2.56
N VAL C 56 30.23 15.53 -1.77
CA VAL C 56 30.20 16.87 -2.32
C VAL C 56 31.61 17.42 -2.58
N ARG C 57 32.62 17.00 -1.79
CA ARG C 57 34.02 17.28 -2.10
C ARG C 57 34.68 16.09 -2.78
N VAL C 58 33.92 15.37 -3.61
CA VAL C 58 34.31 14.06 -4.13
C VAL C 58 35.73 14.12 -4.71
N PRO C 59 36.58 13.15 -4.39
CA PRO C 59 37.93 13.15 -4.96
C PRO C 59 37.89 12.75 -6.42
N ARG C 60 38.64 13.47 -7.24
CA ARG C 60 38.63 13.27 -8.69
C ARG C 60 39.53 12.10 -9.08
N ASP C 61 39.23 10.94 -8.50
CA ASP C 61 39.79 9.67 -8.95
C ASP C 61 38.68 8.63 -8.92
N PHE C 62 39.05 7.36 -9.06
CA PHE C 62 38.05 6.30 -9.23
C PHE C 62 37.21 6.12 -7.97
N GLU C 63 37.87 5.96 -6.82
CA GLU C 63 37.15 5.63 -5.59
C GLU C 63 36.15 6.71 -5.20
N GLY C 64 36.33 7.94 -5.69
CA GLY C 64 35.30 8.96 -5.51
C GLY C 64 33.97 8.55 -6.11
N CYS C 65 34.00 7.80 -7.22
CA CYS C 65 32.76 7.32 -7.82
C CYS C 65 32.04 6.35 -6.89
N SER C 66 32.78 5.56 -6.11
CA SER C 66 32.15 4.67 -5.15
C SER C 66 31.53 5.44 -3.99
N VAL C 67 32.11 6.60 -3.64
CA VAL C 67 31.56 7.41 -2.56
C VAL C 67 30.18 7.92 -2.94
N LEU C 68 30.01 8.36 -4.19
CA LEU C 68 28.73 8.89 -4.63
C LEU C 68 27.66 7.80 -4.69
N ARG C 69 28.04 6.60 -5.16
CA ARG C 69 27.09 5.50 -5.19
C ARG C 69 26.68 5.10 -3.78
N LYS C 70 27.64 5.08 -2.85
CA LYS C 70 27.32 4.71 -1.47
C LYS C 70 26.43 5.76 -0.81
N TYR C 71 26.69 7.05 -1.08
CA TYR C 71 25.85 8.10 -0.52
C TYR C 71 24.47 8.11 -1.18
N LEU C 72 24.41 7.79 -2.48
CA LEU C 72 23.13 7.75 -3.17
C LEU C 72 22.22 6.70 -2.57
N GLY C 73 22.77 5.54 -2.21
CA GLY C 73 21.93 4.48 -1.66
C GLY C 73 21.45 4.78 -0.26
N GLN C 74 22.29 5.42 0.56
CA GLN C 74 21.86 5.81 1.90
C GLN C 74 20.74 6.83 1.84
N LEU C 75 20.75 7.70 0.83
CA LEU C 75 19.65 8.65 0.66
C LEU C 75 18.35 7.92 0.38
N HIS C 76 18.38 6.87 -0.43
CA HIS C 76 17.19 6.06 -0.67
C HIS C 76 16.72 5.41 0.63
N TYR C 77 17.65 4.88 1.43
CA TYR C 77 17.27 4.25 2.69
C TYR C 77 16.62 5.26 3.62
N LEU C 78 17.20 6.45 3.73
CA LEU C 78 16.64 7.48 4.61
C LEU C 78 15.24 7.88 4.19
N GLN C 79 15.04 8.09 2.88
CA GLN C 79 13.73 8.56 2.40
C GLN C 79 12.64 7.53 2.66
N SER C 80 12.99 6.24 2.66
CA SER C 80 11.98 5.21 2.93
C SER C 80 11.58 5.15 4.39
N ARG C 81 12.36 5.77 5.29
CA ARG C 81 12.05 5.75 6.71
C ARG C 81 11.63 7.10 7.27
N VAL C 82 12.01 8.21 6.62
CA VAL C 82 11.64 9.54 7.05
C VAL C 82 11.11 10.29 5.85
N PRO C 83 9.88 10.82 5.88
CA PRO C 83 9.33 11.51 4.71
C PRO C 83 10.00 12.87 4.49
N MET C 84 10.83 12.95 3.46
CA MET C 84 11.57 14.18 3.16
C MET C 84 11.40 14.60 1.72
N GLY C 85 10.37 14.11 1.03
CA GLY C 85 10.03 14.54 -0.30
C GLY C 85 9.15 15.77 -0.28
N SER C 86 8.61 16.10 -1.46
CA SER C 86 7.78 17.29 -1.63
C SER C 86 6.60 17.29 -0.65
N GLY C 87 6.44 18.41 0.05
CA GLY C 87 5.30 18.62 0.92
C GLY C 87 5.25 17.74 2.17
N GLN C 88 6.35 17.08 2.48
CA GLN C 88 6.38 16.10 3.56
C GLN C 88 6.89 16.73 4.85
N GLU C 89 6.63 16.02 5.96
CA GLU C 89 6.77 16.63 7.28
C GLU C 89 8.22 16.99 7.61
N ALA C 90 9.17 16.11 7.25
CA ALA C 90 10.57 16.32 7.57
C ALA C 90 11.35 16.88 6.39
N ALA C 91 10.67 17.39 5.37
CA ALA C 91 11.36 17.96 4.21
C ALA C 91 12.12 19.22 4.61
N VAL C 92 13.30 19.38 4.04
CA VAL C 92 14.13 20.57 4.24
C VAL C 92 14.69 21.02 2.90
N PRO C 93 15.08 22.29 2.80
CA PRO C 93 15.65 22.78 1.54
C PRO C 93 16.91 22.02 1.14
N VAL C 94 17.01 21.74 -0.16
CA VAL C 94 18.20 21.17 -0.76
C VAL C 94 18.65 22.12 -1.85
N THR C 95 19.89 22.59 -1.76
CA THR C 95 20.41 23.60 -2.70
C THR C 95 21.56 23.02 -3.51
N TRP C 96 21.47 23.17 -4.83
CA TRP C 96 22.55 22.83 -5.74
C TRP C 96 22.62 23.90 -6.82
N THR C 97 23.80 24.06 -7.42
CA THR C 97 24.02 25.05 -8.46
C THR C 97 23.71 24.45 -9.82
N GLU C 98 22.91 25.15 -10.62
CA GLU C 98 22.65 24.71 -11.98
C GLU C 98 23.87 24.95 -12.85
N ILE C 99 24.14 24.00 -13.75
CA ILE C 99 25.44 23.99 -14.45
C ILE C 99 25.55 25.16 -15.41
N PHE C 100 24.55 25.34 -16.27
CA PHE C 100 24.71 26.26 -17.40
C PHE C 100 24.46 27.71 -17.00
N SER C 101 23.44 27.97 -16.18
CA SER C 101 23.17 29.34 -15.74
C SER C 101 23.97 29.73 -14.51
N GLY C 102 24.50 28.75 -13.76
CA GLY C 102 25.26 29.06 -12.57
C GLY C 102 24.44 29.57 -11.40
N LYS C 103 23.11 29.49 -11.48
CA LYS C 103 22.25 29.98 -10.42
C LYS C 103 21.97 28.88 -9.40
N SER C 104 21.81 29.29 -8.14
CA SER C 104 21.44 28.35 -7.08
C SER C 104 19.98 27.95 -7.24
N VAL C 105 19.73 26.64 -7.18
CA VAL C 105 18.38 26.09 -7.30
C VAL C 105 18.10 25.28 -6.04
N ALA C 106 16.96 25.57 -5.41
CA ALA C 106 16.58 24.93 -4.16
C ALA C 106 15.26 24.19 -4.31
N HIS C 107 15.21 22.98 -3.76
CA HIS C 107 13.98 22.20 -3.68
C HIS C 107 13.93 21.54 -2.31
N GLU C 108 12.81 21.70 -1.61
CA GLU C 108 12.59 21.02 -0.33
C GLU C 108 12.18 19.57 -0.61
N ASP C 109 13.13 18.82 -1.14
CA ASP C 109 12.84 17.48 -1.66
C ASP C 109 14.13 16.66 -1.66
N ILE C 110 14.14 15.58 -0.89
CA ILE C 110 15.33 14.73 -0.81
C ILE C 110 15.64 14.09 -2.16
N LYS C 111 14.62 13.92 -3.01
CA LYS C 111 14.87 13.37 -4.34
C LYS C 111 15.65 14.35 -5.22
N TYR C 112 15.66 15.64 -4.87
CA TYR C 112 16.52 16.59 -5.58
C TYR C 112 17.98 16.33 -5.26
N GLU C 113 18.30 15.98 -4.01
CA GLU C 113 19.66 15.62 -3.64
C GLU C 113 20.10 14.36 -4.37
N GLN C 114 19.23 13.34 -4.40
CA GLN C 114 19.53 12.11 -5.13
C GLN C 114 19.85 12.40 -6.59
N ALA C 115 19.04 13.26 -7.21
CA ALA C 115 19.23 13.56 -8.63
C ALA C 115 20.56 14.24 -8.90
N CYS C 116 20.98 15.13 -8.00
CA CYS C 116 22.23 15.85 -8.21
C CYS C 116 23.44 14.96 -7.95
N ILE C 117 23.35 14.08 -6.96
CA ILE C 117 24.41 13.11 -6.72
C ILE C 117 24.54 12.18 -7.92
N LEU C 118 23.41 11.73 -8.45
CA LEU C 118 23.42 10.87 -9.63
C LEU C 118 24.04 11.59 -10.83
N TYR C 119 23.74 12.88 -10.99
CA TYR C 119 24.32 13.65 -12.08
C TYR C 119 25.84 13.75 -11.93
N ASN C 120 26.31 14.12 -10.74
CA ASN C 120 27.74 14.25 -10.52
C ASN C 120 28.47 12.91 -10.64
N LEU C 121 27.76 11.80 -10.44
CA LEU C 121 28.36 10.49 -10.71
C LEU C 121 28.68 10.33 -12.20
N GLY C 122 27.73 10.70 -13.06
CA GLY C 122 28.01 10.67 -14.49
C GLY C 122 29.05 11.69 -14.90
N ALA C 123 29.00 12.88 -14.30
CA ALA C 123 29.97 13.93 -14.63
C ALA C 123 31.37 13.53 -14.21
N LEU C 124 31.51 12.88 -13.04
CA LEU C 124 32.83 12.48 -12.56
C LEU C 124 33.43 11.41 -13.46
N HIS C 125 32.64 10.40 -13.83
CA HIS C 125 33.12 9.37 -14.74
C HIS C 125 33.60 9.98 -16.05
N SER C 126 32.82 10.92 -16.61
CA SER C 126 33.21 11.58 -17.85
C SER C 126 34.51 12.37 -17.67
N MET C 127 34.74 12.91 -16.46
CA MET C 127 35.99 13.60 -16.19
C MET C 127 37.16 12.64 -16.19
N LEU C 128 37.03 11.53 -15.43
CA LEU C 128 38.13 10.58 -15.32
C LEU C 128 38.44 9.93 -16.66
N GLY C 129 37.45 9.74 -17.51
CA GLY C 129 37.70 9.17 -18.83
C GLY C 129 38.45 10.14 -19.73
N ALA C 130 38.17 11.43 -19.61
CA ALA C 130 38.74 12.43 -20.49
C ALA C 130 40.10 12.95 -20.04
N MET C 131 40.50 12.64 -18.80
N MET C 131 40.53 12.65 -18.82
CA MET C 131 41.78 13.11 -18.29
CA MET C 131 41.80 13.15 -18.34
C MET C 131 42.95 12.30 -18.83
C MET C 131 42.99 12.27 -18.70
N ASP C 132 42.76 11.00 -19.01
CA ASP C 132 43.84 10.10 -19.39
C ASP C 132 44.31 10.39 -20.82
N LYS C 133 45.60 10.13 -21.05
CA LYS C 133 46.18 10.31 -22.39
C LYS C 133 45.78 9.20 -23.34
N ARG C 134 45.30 8.06 -22.81
CA ARG C 134 44.91 6.91 -23.62
C ARG C 134 46.06 6.40 -24.48
N VAL C 135 47.29 6.48 -23.96
CA VAL C 135 48.46 5.96 -24.64
C VAL C 135 48.94 4.65 -24.04
N SER C 136 48.37 4.21 -22.92
CA SER C 136 48.73 2.96 -22.26
C SER C 136 47.57 1.99 -22.33
N GLU C 137 47.89 0.70 -22.25
CA GLU C 137 46.84 -0.32 -22.23
C GLU C 137 45.86 -0.07 -21.08
N GLU C 138 46.36 0.31 -19.91
CA GLU C 138 45.46 0.57 -18.78
C GLU C 138 44.64 1.82 -19.02
N GLY C 139 45.29 2.92 -19.41
CA GLY C 139 44.58 4.17 -19.59
C GLY C 139 43.46 4.08 -20.61
N MET C 140 43.70 3.34 -21.70
CA MET C 140 42.65 3.17 -22.70
C MET C 140 41.49 2.37 -22.15
N LYS C 141 41.77 1.34 -21.35
CA LYS C 141 40.71 0.48 -20.83
C LYS C 141 39.86 1.20 -19.78
N VAL C 142 40.50 1.92 -18.87
CA VAL C 142 39.75 2.59 -17.81
C VAL C 142 38.99 3.79 -18.36
N SER C 143 39.53 4.46 -19.38
CA SER C 143 38.81 5.56 -20.02
C SER C 143 37.53 5.05 -20.67
N CYS C 144 37.61 3.92 -21.37
CA CYS C 144 36.43 3.35 -22.01
C CYS C 144 35.37 2.97 -20.98
N THR C 145 35.79 2.38 -19.86
CA THR C 145 34.86 2.04 -18.80
C THR C 145 34.24 3.30 -18.19
N HIS C 146 35.05 4.35 -18.01
CA HIS C 146 34.55 5.58 -17.42
C HIS C 146 33.41 6.17 -18.26
N PHE C 147 33.62 6.25 -19.58
CA PHE C 147 32.59 6.82 -20.44
C PHE C 147 31.33 5.96 -20.47
N GLN C 148 31.46 4.65 -20.30
CA GLN C 148 30.28 3.80 -20.22
C GLN C 148 29.55 3.98 -18.90
N CYS C 149 30.29 4.14 -17.80
CA CYS C 149 29.65 4.40 -16.51
C CYS C 149 28.93 5.73 -16.52
N ALA C 150 29.52 6.75 -17.16
CA ALA C 150 28.88 8.06 -17.24
C ALA C 150 27.56 7.98 -17.98
N ALA C 151 27.52 7.23 -19.09
CA ALA C 151 26.27 7.08 -19.84
C ALA C 151 25.21 6.40 -18.98
N GLY C 152 25.61 5.42 -18.16
CA GLY C 152 24.64 4.72 -17.33
C GLY C 152 24.04 5.60 -16.25
N ALA C 153 24.86 6.47 -15.66
CA ALA C 153 24.36 7.36 -14.62
C ALA C 153 23.38 8.38 -15.19
N PHE C 154 23.72 8.99 -16.33
CA PHE C 154 22.81 9.93 -16.96
C PHE C 154 21.53 9.23 -17.41
N ALA C 155 21.64 7.99 -17.88
CA ALA C 155 20.47 7.25 -18.32
C ALA C 155 19.53 6.94 -17.15
N TYR C 156 20.10 6.47 -16.03
CA TYR C 156 19.28 6.22 -14.85
C TYR C 156 18.57 7.49 -14.38
N LEU C 157 19.31 8.61 -14.37
CA LEU C 157 18.70 9.88 -13.99
C LEU C 157 17.57 10.26 -14.94
N ARG C 158 17.78 10.05 -16.25
CA ARG C 158 16.75 10.40 -17.22
C ARG C 158 15.49 9.58 -17.03
N GLU C 159 15.63 8.30 -16.69
CA GLU C 159 14.47 7.43 -16.59
C GLU C 159 13.70 7.65 -15.29
N HIS C 160 14.41 7.71 -14.16
CA HIS C 160 13.77 7.69 -12.85
C HIS C 160 13.52 9.07 -12.26
N PHE C 161 14.01 10.13 -12.88
CA PHE C 161 13.72 11.50 -12.47
C PHE C 161 13.23 12.30 -13.68
N PRO C 162 12.06 11.93 -14.23
CA PRO C 162 11.70 12.44 -15.56
C PRO C 162 11.34 13.91 -15.58
N GLN C 163 10.77 14.45 -14.51
CA GLN C 163 10.46 15.88 -14.42
C GLN C 163 11.62 16.56 -13.72
N ALA C 164 12.42 17.30 -14.48
CA ALA C 164 13.72 17.75 -14.00
C ALA C 164 13.58 18.87 -12.97
N TYR C 165 14.42 18.80 -11.93
CA TYR C 165 14.49 19.87 -10.95
C TYR C 165 15.22 21.09 -11.48
N SER C 166 15.98 20.94 -12.57
CA SER C 166 16.64 22.05 -13.22
C SER C 166 16.93 21.66 -14.65
N VAL C 167 17.22 22.67 -15.48
CA VAL C 167 17.31 22.46 -16.92
C VAL C 167 18.51 21.60 -17.32
N ASP C 168 19.56 21.55 -16.50
CA ASP C 168 20.72 20.73 -16.83
C ASP C 168 20.44 19.24 -16.70
N MET C 169 19.27 18.85 -16.16
CA MET C 169 18.91 17.45 -16.00
C MET C 169 17.61 17.12 -16.72
N SER C 170 17.25 17.90 -17.73
CA SER C 170 16.07 17.60 -18.54
C SER C 170 16.36 16.41 -19.46
N ARG C 171 15.27 15.77 -19.91
CA ARG C 171 15.41 14.55 -20.70
C ARG C 171 16.20 14.79 -21.98
N GLN C 172 15.95 15.92 -22.65
CA GLN C 172 16.63 16.21 -23.91
C GLN C 172 18.14 16.38 -23.69
N ILE C 173 18.52 17.09 -22.63
CA ILE C 173 19.94 17.29 -22.33
C ILE C 173 20.58 15.99 -21.89
N LEU C 174 19.90 15.21 -21.05
CA LEU C 174 20.44 13.95 -20.59
C LEU C 174 20.57 12.94 -21.73
N THR C 175 19.68 13.01 -22.73
CA THR C 175 19.82 12.14 -23.89
C THR C 175 21.04 12.52 -24.71
N LEU C 176 21.34 13.82 -24.82
CA LEU C 176 22.57 14.26 -25.45
C LEU C 176 23.79 13.72 -24.70
N ASN C 177 23.76 13.80 -23.37
CA ASN C 177 24.87 13.31 -22.57
C ASN C 177 25.12 11.83 -22.81
N VAL C 178 24.04 11.03 -22.83
CA VAL C 178 24.19 9.58 -22.99
C VAL C 178 24.81 9.25 -24.35
N ASN C 179 24.27 9.83 -25.42
CA ASN C 179 24.78 9.54 -26.75
C ASN C 179 26.22 9.98 -26.91
N LEU C 180 26.59 11.14 -26.34
CA LEU C 180 27.96 11.60 -26.42
C LEU C 180 28.90 10.69 -25.64
N MET C 181 28.48 10.26 -24.44
CA MET C 181 29.31 9.36 -23.65
C MET C 181 29.49 8.01 -24.33
N LEU C 182 28.42 7.46 -24.91
CA LEU C 182 28.54 6.20 -25.64
C LEU C 182 29.46 6.35 -26.85
N GLY C 183 29.37 7.48 -27.54
CA GLY C 183 30.27 7.71 -28.67
C GLY C 183 31.72 7.77 -28.25
N GLN C 184 32.01 8.41 -27.12
CA GLN C 184 33.39 8.52 -26.67
C GLN C 184 33.91 7.19 -26.13
N ALA C 185 33.03 6.38 -25.52
CA ALA C 185 33.44 5.04 -25.11
C ALA C 185 33.76 4.17 -26.33
N GLN C 186 32.93 4.25 -27.37
CA GLN C 186 33.21 3.51 -28.61
C GLN C 186 34.46 4.05 -29.30
N GLU C 187 34.74 5.35 -29.16
CA GLU C 187 35.98 5.89 -29.73
C GLU C 187 37.20 5.28 -29.04
N CYS C 188 37.12 5.10 -27.73
CA CYS C 188 38.21 4.44 -27.01
C CYS C 188 38.37 3.00 -27.49
N LEU C 189 37.26 2.29 -27.68
CA LEU C 189 37.32 0.92 -28.19
C LEU C 189 37.95 0.88 -29.58
N LEU C 190 37.64 1.87 -30.41
CA LEU C 190 38.21 1.92 -31.75
C LEU C 190 39.73 2.01 -31.70
N GLU C 191 40.25 2.90 -30.84
CA GLU C 191 41.70 3.02 -30.69
C GLU C 191 42.31 1.71 -30.24
N LYS C 192 41.61 0.95 -29.41
CA LYS C 192 42.12 -0.34 -28.95
C LYS C 192 42.17 -1.35 -30.09
N SER C 193 41.10 -1.40 -30.90
CA SER C 193 41.07 -2.35 -32.01
C SER C 193 42.15 -2.05 -33.03
N MET C 194 42.52 -0.77 -33.19
CA MET C 194 43.59 -0.42 -34.11
C MET C 194 44.96 -0.67 -33.51
N LEU C 195 45.09 -0.56 -32.18
CA LEU C 195 46.35 -0.91 -31.53
C LEU C 195 46.61 -2.40 -31.61
N ASP C 196 45.56 -3.21 -31.46
CA ASP C 196 45.68 -4.67 -31.57
C ASP C 196 45.79 -5.15 -33.00
N ASN C 197 45.57 -4.28 -33.98
CA ASN C 197 45.55 -4.65 -35.40
C ASN C 197 44.48 -5.72 -35.66
N ARG C 198 43.26 -5.43 -35.21
CA ARG C 198 42.14 -6.32 -35.43
C ARG C 198 41.76 -6.35 -36.91
N LYS C 199 40.80 -7.23 -37.24
CA LYS C 199 40.38 -7.39 -38.63
C LYS C 199 39.88 -6.07 -39.19
N SER C 200 40.28 -5.79 -40.43
CA SER C 200 40.01 -4.49 -41.03
C SER C 200 38.51 -4.20 -41.12
N PHE C 201 37.73 -5.18 -41.57
CA PHE C 201 36.29 -4.98 -41.69
C PHE C 201 35.66 -4.66 -40.34
N LEU C 202 36.17 -5.28 -39.27
CA LEU C 202 35.63 -5.01 -37.94
C LEU C 202 35.96 -3.60 -37.48
N VAL C 203 37.20 -3.15 -37.68
CA VAL C 203 37.57 -1.78 -37.34
C VAL C 203 36.69 -0.79 -38.09
N ALA C 204 36.32 -1.12 -39.33
CA ALA C 204 35.44 -0.26 -40.10
C ALA C 204 34.06 -0.18 -39.47
N ARG C 205 33.50 -1.32 -39.07
CA ARG C 205 32.21 -1.33 -38.41
C ARG C 205 32.26 -0.58 -37.09
N ILE C 206 33.35 -0.73 -36.35
CA ILE C 206 33.49 -0.04 -35.07
C ILE C 206 33.53 1.46 -35.27
N SER C 207 34.35 1.92 -36.23
CA SER C 207 34.45 3.34 -36.50
C SER C 207 33.13 3.91 -37.02
N ALA C 208 32.40 3.12 -37.82
CA ALA C 208 31.11 3.58 -38.33
C ALA C 208 30.12 3.79 -37.19
N GLN C 209 30.23 3.03 -36.11
CA GLN C 209 29.33 3.22 -34.98
C GLN C 209 29.68 4.48 -34.19
N VAL C 210 30.98 4.79 -34.09
CA VAL C 210 31.40 6.08 -33.56
C VAL C 210 30.68 7.21 -34.28
N VAL C 211 30.65 7.12 -35.61
CA VAL C 211 29.98 8.14 -36.43
C VAL C 211 28.50 8.21 -36.09
N ASP C 212 27.86 7.03 -35.97
CA ASP C 212 26.43 6.99 -35.66
C ASP C 212 26.13 7.65 -34.31
N TYR C 213 26.95 7.35 -33.29
CA TYR C 213 26.75 7.96 -31.98
C TYR C 213 26.90 9.47 -32.05
N TYR C 214 27.98 9.94 -32.71
CA TYR C 214 28.24 11.37 -32.76
C TYR C 214 27.21 12.10 -33.61
N LYS C 215 26.68 11.44 -34.65
CA LYS C 215 25.61 12.05 -35.44
C LYS C 215 24.38 12.32 -34.59
N GLU C 216 24.00 11.36 -33.74
CA GLU C 216 22.88 11.58 -32.83
C GLU C 216 23.17 12.73 -31.87
N ALA C 217 24.39 12.79 -31.34
CA ALA C 217 24.75 13.89 -30.46
C ALA C 217 24.75 15.22 -31.19
N CYS C 218 25.15 15.22 -32.47
CA CYS C 218 25.18 16.46 -33.23
C CYS C 218 23.76 16.98 -33.49
N ARG C 219 22.82 16.07 -33.74
CA ARG C 219 21.43 16.49 -33.96
C ARG C 219 20.84 17.11 -32.71
N ALA C 220 21.14 16.56 -31.54
CA ALA C 220 20.68 17.14 -30.29
C ALA C 220 21.33 18.51 -30.05
N LEU C 221 22.60 18.66 -30.45
CA LEU C 221 23.28 19.94 -30.31
C LEU C 221 22.73 21.00 -31.24
N GLU C 222 22.09 20.60 -32.34
CA GLU C 222 21.49 21.54 -33.27
C GLU C 222 20.06 21.91 -32.90
N ASN C 223 19.51 21.31 -31.86
CA ASN C 223 18.21 21.73 -31.37
C ASN C 223 18.31 23.12 -30.76
N PRO C 224 17.43 24.05 -31.13
CA PRO C 224 17.59 25.44 -30.65
C PRO C 224 17.52 25.59 -29.14
N ASP C 225 16.62 24.84 -28.49
CA ASP C 225 16.50 24.96 -27.04
C ASP C 225 17.75 24.43 -26.34
N THR C 226 18.38 23.39 -26.89
CA THR C 226 19.65 22.92 -26.34
C THR C 226 20.75 23.94 -26.58
N ALA C 227 20.79 24.54 -27.78
CA ALA C 227 21.83 25.52 -28.08
C ALA C 227 21.67 26.76 -27.21
N SER C 228 20.44 27.26 -27.08
CA SER C 228 20.22 28.44 -26.24
C SER C 228 20.60 28.17 -24.79
N LEU C 229 20.32 26.96 -24.31
CA LEU C 229 20.67 26.60 -22.93
C LEU C 229 22.18 26.48 -22.77
N LEU C 230 22.81 25.65 -23.59
CA LEU C 230 24.25 25.42 -23.46
C LEU C 230 25.08 26.65 -23.77
N GLY C 231 24.54 27.59 -24.54
CA GLY C 231 25.29 28.79 -24.85
C GLY C 231 26.49 28.49 -25.72
N ARG C 232 27.66 28.97 -25.30
CA ARG C 232 28.87 28.73 -26.07
C ARG C 232 29.37 27.30 -25.92
N ILE C 233 28.90 26.56 -24.90
CA ILE C 233 29.27 25.16 -24.78
C ILE C 233 28.75 24.37 -25.98
N GLN C 234 27.55 24.71 -26.46
CA GLN C 234 27.03 24.06 -27.65
C GLN C 234 27.92 24.31 -28.86
N LYS C 235 28.50 25.51 -28.95
CA LYS C 235 29.42 25.82 -30.04
C LYS C 235 30.69 24.99 -29.93
N ASP C 236 31.26 24.91 -28.73
CA ASP C 236 32.48 24.13 -28.52
C ASP C 236 32.24 22.66 -28.80
N TRP C 237 31.20 22.09 -28.19
CA TRP C 237 30.91 20.66 -28.37
C TRP C 237 30.64 20.34 -29.84
N LYS C 238 29.81 21.16 -30.50
CA LYS C 238 29.41 20.85 -31.87
C LYS C 238 30.60 20.87 -32.82
N LYS C 239 31.56 21.77 -32.60
CA LYS C 239 32.73 21.84 -33.47
C LYS C 239 33.54 20.54 -33.37
N LEU C 240 33.76 20.04 -32.16
CA LEU C 240 34.52 18.81 -31.99
C LEU C 240 33.74 17.61 -32.54
N VAL C 241 32.43 17.56 -32.30
CA VAL C 241 31.65 16.39 -32.70
C VAL C 241 31.46 16.38 -34.22
N GLN C 242 31.12 17.52 -34.80
CA GLN C 242 30.95 17.58 -36.26
C GLN C 242 32.22 17.18 -36.98
N MET C 243 33.38 17.62 -36.48
CA MET C 243 34.66 17.20 -37.05
C MET C 243 34.88 15.71 -36.87
N LYS C 244 34.56 15.18 -35.67
CA LYS C 244 34.76 13.77 -35.41
C LYS C 244 33.89 12.89 -36.30
N ILE C 245 32.73 13.39 -36.71
CA ILE C 245 31.85 12.62 -37.60
C ILE C 245 32.55 12.29 -38.90
N TYR C 246 33.19 13.30 -39.51
CA TYR C 246 33.90 13.06 -40.76
C TYR C 246 35.23 12.37 -40.54
N TYR C 247 35.90 12.63 -39.41
CA TYR C 247 37.16 11.98 -39.12
C TYR C 247 37.00 10.46 -39.04
N PHE C 248 36.04 10.00 -38.26
CA PHE C 248 35.85 8.57 -38.08
C PHE C 248 35.10 7.93 -39.25
N ALA C 249 34.42 8.73 -40.08
CA ALA C 249 33.98 8.23 -41.37
C ALA C 249 35.17 7.93 -42.26
N ALA C 250 36.19 8.78 -42.22
CA ALA C 250 37.42 8.53 -42.98
C ALA C 250 38.14 7.31 -42.46
N VAL C 251 38.23 7.15 -41.14
CA VAL C 251 38.85 5.97 -40.56
C VAL C 251 38.09 4.70 -40.93
N ALA C 252 36.76 4.80 -41.05
CA ALA C 252 35.96 3.65 -41.43
C ALA C 252 36.21 3.26 -42.88
N HIS C 253 36.18 4.23 -43.79
CA HIS C 253 36.40 3.92 -45.20
C HIS C 253 37.85 3.56 -45.48
N LEU C 254 38.78 4.07 -44.68
CA LEU C 254 40.17 3.62 -44.78
C LEU C 254 40.27 2.12 -44.57
N HIS C 255 39.59 1.61 -43.53
CA HIS C 255 39.69 0.19 -43.23
C HIS C 255 38.84 -0.65 -44.18
N MET C 256 37.79 -0.06 -44.76
CA MET C 256 37.09 -0.74 -45.85
C MET C 256 37.99 -0.88 -47.07
N GLY C 257 38.86 0.10 -47.32
CA GLY C 257 39.84 -0.05 -48.37
C GLY C 257 40.91 -1.07 -48.03
N LYS C 258 41.26 -1.18 -46.74
CA LYS C 258 42.20 -2.22 -46.32
C LYS C 258 41.62 -3.60 -46.56
N GLN C 259 40.31 -3.78 -46.29
CA GLN C 259 39.67 -5.06 -46.56
C GLN C 259 39.70 -5.38 -48.06
N ALA C 260 39.44 -4.37 -48.90
CA ALA C 260 39.53 -4.56 -50.34
C ALA C 260 40.95 -4.94 -50.75
N GLU C 261 41.95 -4.31 -50.14
CA GLU C 261 43.34 -4.66 -50.42
C GLU C 261 43.61 -6.12 -50.05
N GLU C 262 43.08 -6.58 -48.92
CA GLU C 262 43.26 -7.98 -48.52
C GLU C 262 42.47 -8.92 -49.43
N GLN C 263 41.33 -8.48 -49.95
CA GLN C 263 40.55 -9.29 -50.89
C GLN C 263 41.01 -9.11 -52.33
N GLN C 264 42.10 -8.36 -52.56
CA GLN C 264 42.65 -8.13 -53.89
C GLN C 264 41.61 -7.49 -54.82
N LYS C 265 40.76 -6.64 -54.24
CA LYS C 265 39.79 -5.85 -55.01
C LYS C 265 40.38 -4.44 -55.17
N PHE C 266 41.29 -4.32 -56.13
CA PHE C 266 42.12 -3.12 -56.24
C PHE C 266 41.38 -1.92 -56.80
N GLY C 267 40.31 -2.14 -57.59
CA GLY C 267 39.47 -1.03 -57.96
C GLY C 267 38.64 -0.52 -56.79
N GLU C 268 38.06 -1.43 -56.03
CA GLU C 268 37.33 -1.06 -54.83
C GLU C 268 38.25 -0.41 -53.80
N ARG C 269 39.51 -0.82 -53.76
CA ARG C 269 40.46 -0.20 -52.83
C ARG C 269 40.64 1.29 -53.12
N VAL C 270 40.74 1.65 -54.41
CA VAL C 270 40.87 3.06 -54.78
C VAL C 270 39.62 3.82 -54.35
N ALA C 271 38.44 3.23 -54.57
CA ALA C 271 37.20 3.92 -54.27
C ALA C 271 37.08 4.25 -52.79
N TYR C 272 37.48 3.31 -51.93
CA TYR C 272 37.37 3.56 -50.49
C TYR C 272 38.45 4.52 -50.00
N PHE C 273 39.66 4.44 -50.55
CA PHE C 273 40.72 5.36 -50.14
C PHE C 273 40.44 6.78 -50.62
N GLN C 274 39.89 6.93 -51.83
CA GLN C 274 39.48 8.24 -52.29
C GLN C 274 38.38 8.81 -51.40
N SER C 275 37.44 7.96 -50.98
CA SER C 275 36.38 8.40 -50.09
C SER C 275 36.92 8.79 -48.73
N ALA C 276 37.82 7.98 -48.18
CA ALA C 276 38.43 8.31 -46.89
C ALA C 276 39.19 9.63 -46.97
N LEU C 277 39.85 9.89 -48.09
CA LEU C 277 40.59 11.14 -48.26
C LEU C 277 39.64 12.33 -48.29
N ASP C 278 38.51 12.19 -48.99
CA ASP C 278 37.55 13.29 -49.07
C ASP C 278 36.92 13.57 -47.71
N LYS C 279 36.57 12.52 -46.98
CA LYS C 279 35.99 12.70 -45.65
C LYS C 279 37.00 13.32 -44.69
N LEU C 280 38.27 12.93 -44.80
CA LEU C 280 39.30 13.50 -43.93
C LEU C 280 39.54 14.97 -44.26
N ASN C 281 39.53 15.32 -45.55
CA ASN C 281 39.66 16.72 -45.94
C ASN C 281 38.54 17.56 -45.35
N GLU C 282 37.32 17.03 -45.35
CA GLU C 282 36.21 17.72 -44.70
C GLU C 282 36.47 17.86 -43.19
N ALA C 283 37.02 16.81 -42.58
CA ALA C 283 37.37 16.89 -41.17
C ALA C 283 38.41 17.96 -40.91
N ILE C 284 39.40 18.08 -41.81
CA ILE C 284 40.44 19.08 -41.64
C ILE C 284 39.86 20.48 -41.75
N LYS C 285 38.96 20.70 -42.71
CA LYS C 285 38.30 22.00 -42.82
C LYS C 285 37.49 22.32 -41.57
N LEU C 286 36.79 21.32 -41.03
CA LEU C 286 35.99 21.54 -39.83
C LEU C 286 36.83 21.71 -38.58
N ALA C 287 38.10 21.34 -38.62
CA ALA C 287 38.97 21.42 -37.46
C ALA C 287 39.75 22.72 -37.38
N LYS C 288 39.38 23.72 -38.18
CA LYS C 288 40.09 24.99 -38.18
C LYS C 288 40.03 25.66 -36.80
N GLY C 289 41.20 25.96 -36.24
CA GLY C 289 41.28 26.61 -34.95
C GLY C 289 41.23 25.69 -33.76
N GLN C 290 41.11 24.38 -33.97
CA GLN C 290 41.04 23.42 -32.88
C GLN C 290 42.43 23.15 -32.32
N PRO C 291 42.52 22.62 -31.10
CA PRO C 291 43.84 22.44 -30.46
C PRO C 291 44.77 21.56 -31.28
N ASP C 292 46.06 21.66 -30.95
CA ASP C 292 47.09 20.89 -31.63
C ASP C 292 46.90 19.38 -31.48
N THR C 293 46.23 18.95 -30.40
CA THR C 293 45.89 17.53 -30.27
C THR C 293 45.00 17.07 -31.42
N VAL C 294 44.02 17.89 -31.79
CA VAL C 294 43.18 17.57 -32.94
C VAL C 294 44.00 17.58 -34.22
N GLN C 295 44.83 18.61 -34.39
CA GLN C 295 45.61 18.73 -35.62
C GLN C 295 46.61 17.58 -35.76
N ASP C 296 47.24 17.17 -34.66
CA ASP C 296 48.23 16.10 -34.73
C ASP C 296 47.61 14.79 -35.19
N ALA C 297 46.36 14.53 -34.78
CA ALA C 297 45.71 13.28 -35.18
C ALA C 297 45.30 13.31 -36.65
N LEU C 298 44.84 14.46 -37.13
CA LEU C 298 44.47 14.58 -38.53
C LEU C 298 45.70 14.50 -39.44
N ARG C 299 46.78 15.19 -39.06
CA ARG C 299 48.01 15.15 -39.85
C ARG C 299 48.57 13.73 -39.93
N PHE C 300 48.58 13.02 -38.80
CA PHE C 300 49.01 11.63 -38.80
C PHE C 300 48.16 10.78 -39.74
N THR C 301 46.83 10.91 -39.63
CA THR C 301 45.94 10.12 -40.47
C THR C 301 46.01 10.56 -41.93
N MET C 302 46.32 11.83 -42.19
CA MET C 302 46.47 12.28 -43.56
C MET C 302 47.68 11.61 -44.22
N ASP C 303 48.77 11.45 -43.47
CA ASP C 303 49.93 10.73 -43.98
C ASP C 303 49.57 9.29 -44.35
N VAL C 304 48.72 8.65 -43.55
CA VAL C 304 48.30 7.29 -43.84
C VAL C 304 47.38 7.26 -45.05
N ILE C 305 46.27 8.00 -44.98
CA ILE C 305 45.25 7.92 -46.02
C ILE C 305 45.77 8.50 -47.33
N GLY C 306 46.35 9.71 -47.27
CA GLY C 306 46.82 10.35 -48.49
C GLY C 306 47.88 9.53 -49.21
N GLY C 307 48.76 8.87 -48.46
CA GLY C 307 49.76 8.01 -49.08
C GLY C 307 49.17 6.74 -49.63
N LYS C 308 48.26 6.11 -48.87
CA LYS C 308 47.65 4.86 -49.32
C LYS C 308 46.78 5.07 -50.54
N TYR C 309 46.11 6.22 -50.64
CA TYR C 309 45.30 6.49 -51.84
C TYR C 309 46.18 6.67 -53.07
N ASN C 310 47.23 7.49 -52.95
CA ASN C 310 48.11 7.74 -54.08
C ASN C 310 48.75 6.45 -54.59
N SER C 311 49.20 5.59 -53.67
CA SER C 311 49.79 4.32 -54.07
C SER C 311 48.75 3.39 -54.66
N ALA C 312 47.53 3.39 -54.11
CA ALA C 312 46.47 2.53 -54.62
C ALA C 312 46.05 2.94 -56.03
N LYS C 313 45.94 4.25 -56.28
CA LYS C 313 45.56 4.70 -57.61
C LYS C 313 46.66 4.38 -58.62
N LYS C 314 47.93 4.54 -58.23
CA LYS C 314 49.02 4.22 -59.14
C LYS C 314 49.04 2.74 -59.47
N ASP C 315 48.85 1.88 -58.46
CA ASP C 315 48.82 0.45 -58.70
C ASP C 315 47.70 0.06 -59.65
N ASN C 316 46.52 0.69 -59.49
CA ASN C 316 45.40 0.37 -60.37
C ASN C 316 45.58 0.97 -61.76
N ASP C 317 46.15 2.17 -61.85
CA ASP C 317 46.28 2.84 -63.14
C ASP C 317 47.29 2.13 -64.03
N PHE C 318 48.32 1.53 -63.46
CA PHE C 318 49.42 1.00 -64.24
C PHE C 318 49.68 -0.49 -64.04
N ILE C 319 48.86 -1.19 -63.26
CA ILE C 319 49.01 -2.64 -63.12
C ILE C 319 47.66 -3.33 -63.28
N TYR C 320 46.76 -3.12 -62.32
CA TYR C 320 45.56 -3.96 -62.24
C TYR C 320 44.49 -3.54 -63.23
N HIS C 321 44.34 -2.24 -63.47
CA HIS C 321 43.41 -1.71 -64.48
C HIS C 321 41.98 -2.14 -64.20
N GLU C 322 41.62 -2.22 -62.93
CA GLU C 322 40.26 -2.58 -62.56
C GLU C 322 39.38 -1.33 -62.48
N ALA C 323 38.08 -1.53 -62.59
CA ALA C 323 37.14 -0.42 -62.51
C ALA C 323 37.04 0.11 -61.08
N VAL C 324 36.96 1.42 -60.96
CA VAL C 324 36.79 2.07 -59.65
C VAL C 324 35.30 2.27 -59.40
N PRO C 325 34.68 1.46 -58.56
CA PRO C 325 33.22 1.56 -58.38
C PRO C 325 32.84 2.81 -57.61
N ALA C 326 31.66 3.34 -57.93
CA ALA C 326 31.07 4.36 -57.09
C ALA C 326 30.56 3.72 -55.80
N LEU C 327 30.69 4.46 -54.69
CA LEU C 327 30.44 3.89 -53.38
C LEU C 327 29.01 3.38 -53.23
N ASP C 328 28.07 3.95 -53.98
CA ASP C 328 26.67 3.55 -53.86
C ASP C 328 26.41 2.14 -54.36
N THR C 329 27.41 1.47 -54.93
CA THR C 329 27.26 0.10 -55.43
C THR C 329 27.91 -0.94 -54.53
N LEU C 330 28.43 -0.54 -53.37
CA LEU C 330 29.28 -1.41 -52.57
C LEU C 330 28.67 -1.85 -51.25
N GLN C 331 27.43 -1.42 -50.94
CA GLN C 331 26.73 -1.74 -49.70
C GLN C 331 27.42 -1.09 -48.51
N PRO C 332 26.74 -0.25 -47.75
CA PRO C 332 27.42 0.58 -46.75
C PRO C 332 27.86 -0.22 -45.55
N VAL C 333 28.67 0.42 -44.72
CA VAL C 333 29.15 -0.14 -43.46
C VAL C 333 28.10 0.12 -42.40
N LYS C 334 27.72 -0.92 -41.68
CA LYS C 334 26.81 -0.80 -40.54
C LYS C 334 27.61 -0.79 -39.25
N GLY C 335 27.30 0.16 -38.37
CA GLY C 335 28.05 0.25 -37.12
C GLY C 335 27.88 -0.99 -36.27
N ALA C 336 28.92 -1.29 -35.49
CA ALA C 336 28.93 -2.40 -34.55
C ALA C 336 29.02 -1.84 -33.14
N PRO C 337 27.90 -1.55 -32.49
CA PRO C 337 27.94 -1.04 -31.10
C PRO C 337 28.48 -2.11 -30.17
N LEU C 338 29.64 -1.84 -29.57
CA LEU C 338 30.26 -2.73 -28.60
C LEU C 338 30.32 -2.12 -27.21
N VAL C 339 29.61 -1.01 -26.98
CA VAL C 339 29.56 -0.35 -25.69
C VAL C 339 28.09 -0.20 -25.29
N LYS C 340 27.87 0.06 -24.00
CA LYS C 340 26.52 0.15 -23.48
C LYS C 340 26.56 0.93 -22.19
N PRO C 341 25.43 1.56 -21.80
CA PRO C 341 25.39 2.24 -20.49
C PRO C 341 25.45 1.22 -19.36
N LEU C 342 26.47 1.34 -18.53
CA LEU C 342 26.62 0.43 -17.41
C LEU C 342 25.65 0.82 -16.29
N PRO C 343 24.86 -0.12 -15.78
CA PRO C 343 23.71 0.25 -14.95
C PRO C 343 24.12 0.83 -13.60
N VAL C 344 23.13 1.44 -12.96
CA VAL C 344 23.24 1.94 -11.59
C VAL C 344 22.14 1.30 -10.78
N ASN C 345 22.49 0.67 -9.66
CA ASN C 345 21.51 0.20 -8.70
C ASN C 345 21.76 0.93 -7.38
N PRO C 346 20.94 1.92 -7.04
CA PRO C 346 21.21 2.70 -5.83
C PRO C 346 21.10 1.90 -4.55
N THR C 347 20.14 0.98 -4.45
CA THR C 347 19.90 0.22 -3.23
C THR C 347 20.56 -1.14 -3.24
N ASP C 348 21.63 -1.32 -4.02
CA ASP C 348 22.39 -2.56 -3.99
C ASP C 348 23.20 -2.61 -2.69
N PRO C 349 22.96 -3.58 -1.81
CA PRO C 349 23.71 -3.62 -0.54
C PRO C 349 25.21 -3.78 -0.72
N ALA C 350 25.67 -4.19 -1.91
CA ALA C 350 27.11 -4.34 -2.13
C ALA C 350 27.81 -2.99 -2.19
N VAL C 351 27.13 -1.94 -2.64
CA VAL C 351 27.75 -0.64 -2.80
C VAL C 351 27.40 0.27 -1.62
N THR C 352 26.24 0.04 -1.01
CA THR C 352 25.80 0.89 0.09
C THR C 352 26.30 0.41 1.44
N GLY C 353 26.46 -0.91 1.62
CA GLY C 353 26.75 -1.47 2.90
C GLY C 353 25.48 -1.62 3.72
N PRO C 354 25.62 -1.69 5.04
CA PRO C 354 24.43 -1.78 5.89
C PRO C 354 23.67 -0.45 5.93
N ASP C 355 22.35 -0.55 6.03
CA ASP C 355 21.52 0.63 6.15
C ASP C 355 21.91 1.43 7.38
N ILE C 356 22.33 2.68 7.16
CA ILE C 356 22.72 3.55 8.27
C ILE C 356 21.56 3.74 9.24
N PHE C 357 20.33 3.76 8.73
CA PHE C 357 19.16 4.08 9.53
C PHE C 357 18.29 2.85 9.83
N ALA C 358 18.92 1.68 9.98
CA ALA C 358 18.16 0.49 10.34
C ALA C 358 17.46 0.64 11.68
N LYS C 359 18.03 1.46 12.58
CA LYS C 359 17.39 1.73 13.86
C LYS C 359 16.07 2.49 13.70
N LEU C 360 15.91 3.21 12.59
CA LEU C 360 14.68 3.96 12.31
C LEU C 360 13.63 2.98 11.79
N VAL C 361 12.88 2.38 12.71
CA VAL C 361 11.91 1.37 12.35
C VAL C 361 10.80 1.25 13.39
N MET D 1 15.60 -18.85 26.08
CA MET D 1 15.15 -19.03 24.70
C MET D 1 16.32 -19.04 23.72
N GLU D 2 17.55 -19.08 24.25
CA GLU D 2 18.72 -19.08 23.39
C GLU D 2 18.78 -20.33 22.52
N ALA D 3 18.49 -21.49 23.10
CA ALA D 3 18.51 -22.76 22.39
C ALA D 3 17.11 -23.32 22.21
N VAL D 4 16.15 -22.47 21.85
CA VAL D 4 14.81 -22.98 21.57
C VAL D 4 14.87 -23.90 20.35
N PRO D 5 14.20 -25.06 20.37
CA PRO D 5 14.19 -25.91 19.18
C PRO D 5 13.67 -25.16 17.96
N ARG D 6 14.32 -25.40 16.83
CA ARG D 6 14.05 -24.66 15.61
C ARG D 6 12.79 -25.17 14.93
N MET D 7 11.88 -24.25 14.62
CA MET D 7 10.69 -24.63 13.86
C MET D 7 11.08 -25.01 12.43
N PRO D 8 10.33 -25.92 11.82
CA PRO D 8 10.56 -26.21 10.40
C PRO D 8 10.11 -25.06 9.52
N MET D 9 10.66 -25.03 8.30
CA MET D 9 10.42 -23.96 7.36
C MET D 9 9.75 -24.51 6.11
N ILE D 10 9.01 -23.65 5.43
CA ILE D 10 8.37 -23.98 4.17
C ILE D 10 9.34 -23.67 3.04
N TRP D 11 9.37 -24.55 2.03
CA TRP D 11 10.13 -24.34 0.82
C TRP D 11 9.24 -24.64 -0.37
N LEU D 12 9.60 -24.08 -1.53
CA LEU D 12 8.82 -24.23 -2.75
C LEU D 12 9.56 -25.14 -3.72
N ASP D 13 8.80 -25.99 -4.41
CA ASP D 13 9.37 -26.89 -5.40
C ASP D 13 9.84 -26.12 -6.63
N LEU D 14 10.86 -26.65 -7.28
CA LEU D 14 11.32 -26.09 -8.55
C LEU D 14 10.44 -26.59 -9.68
N LYS D 15 10.10 -25.68 -10.60
CA LYS D 15 9.29 -26.04 -11.75
C LYS D 15 10.12 -26.86 -12.74
N GLU D 16 9.42 -27.64 -13.56
N GLU D 16 9.43 -27.67 -13.53
CA GLU D 16 10.04 -28.46 -14.58
CA GLU D 16 10.08 -28.44 -14.58
C GLU D 16 9.87 -27.83 -15.96
C GLU D 16 9.92 -27.75 -15.91
N ALA D 17 10.93 -27.89 -16.76
CA ALA D 17 10.97 -27.23 -18.05
C ALA D 17 10.74 -28.23 -19.19
N GLY D 18 9.99 -27.80 -20.20
CA GLY D 18 9.85 -28.56 -21.42
C GLY D 18 10.91 -28.13 -22.43
N ASP D 19 10.52 -27.96 -23.68
CA ASP D 19 11.47 -27.64 -24.73
C ASP D 19 11.55 -26.14 -24.97
N PHE D 20 12.72 -25.69 -25.40
CA PHE D 20 12.97 -24.31 -25.81
C PHE D 20 13.93 -24.40 -27.00
N HIS D 21 13.38 -24.58 -28.20
CA HIS D 21 14.18 -24.76 -29.42
C HIS D 21 14.43 -23.39 -30.04
N PHE D 22 15.41 -22.69 -29.49
CA PHE D 22 15.81 -21.38 -29.99
C PHE D 22 16.83 -21.47 -31.13
N GLN D 23 17.56 -22.58 -31.23
CA GLN D 23 18.63 -22.68 -32.23
C GLN D 23 18.13 -22.46 -33.65
N PRO D 24 17.06 -23.11 -34.13
CA PRO D 24 16.61 -22.82 -35.50
C PRO D 24 16.15 -21.38 -35.68
N ALA D 25 15.59 -20.76 -34.64
CA ALA D 25 15.14 -19.37 -34.76
C ALA D 25 16.31 -18.41 -34.81
N VAL D 26 17.35 -18.66 -34.01
CA VAL D 26 18.53 -17.80 -34.02
C VAL D 26 19.26 -17.92 -35.36
N LYS D 27 19.52 -19.16 -35.80
CA LYS D 27 20.18 -19.38 -37.08
C LYS D 27 19.39 -18.75 -38.23
N LYS D 28 18.07 -18.75 -38.14
CA LYS D 28 17.26 -18.08 -39.16
C LYS D 28 17.41 -16.57 -39.08
N PHE D 29 17.51 -16.02 -37.87
CA PHE D 29 17.64 -14.58 -37.72
C PHE D 29 19.04 -14.09 -38.07
N VAL D 30 20.06 -14.90 -37.78
CA VAL D 30 21.43 -14.51 -38.13
C VAL D 30 21.58 -14.38 -39.64
N LEU D 31 20.97 -15.31 -40.38
CA LEU D 31 21.12 -15.31 -41.84
C LEU D 31 20.40 -14.14 -42.49
N LYS D 32 19.28 -13.69 -41.91
CA LYS D 32 18.48 -12.63 -42.51
C LYS D 32 18.79 -11.25 -41.96
N ASN D 33 18.82 -11.11 -40.63
CA ASN D 33 19.02 -9.78 -40.04
C ASN D 33 20.48 -9.35 -40.08
N TYR D 34 21.40 -10.25 -39.72
CA TYR D 34 22.81 -9.92 -39.66
C TYR D 34 23.58 -10.34 -40.90
N GLY D 35 22.91 -10.95 -41.88
CA GLY D 35 23.53 -11.33 -43.14
C GLY D 35 24.79 -12.15 -43.00
N GLU D 36 24.86 -12.96 -41.95
CA GLU D 36 26.06 -13.74 -41.65
C GLU D 36 25.75 -15.23 -41.80
N ASN D 37 26.81 -16.02 -41.81
CA ASN D 37 26.67 -17.48 -41.89
C ASN D 37 26.19 -18.01 -40.54
N PRO D 38 25.05 -18.69 -40.49
CA PRO D 38 24.55 -19.19 -39.19
C PRO D 38 25.48 -20.20 -38.54
N GLU D 39 26.19 -21.01 -39.33
CA GLU D 39 27.10 -22.00 -38.78
C GLU D 39 28.28 -21.39 -38.03
N ALA D 40 28.51 -20.08 -38.20
CA ALA D 40 29.58 -19.42 -37.46
C ALA D 40 29.24 -19.21 -35.99
N TYR D 41 27.99 -19.44 -35.59
CA TYR D 41 27.59 -19.27 -34.20
C TYR D 41 27.33 -20.61 -33.52
N ASN D 42 27.89 -21.69 -34.04
CA ASN D 42 27.63 -23.02 -33.50
C ASN D 42 28.19 -23.18 -32.10
N GLU D 43 29.38 -22.65 -31.86
CA GLU D 43 30.00 -22.73 -30.53
C GLU D 43 29.25 -21.90 -29.51
N GLU D 44 28.65 -20.78 -29.94
CA GLU D 44 27.86 -19.96 -29.03
C GLU D 44 26.59 -20.69 -28.61
N LEU D 45 25.84 -21.20 -29.59
CA LEU D 45 24.67 -22.02 -29.26
C LEU D 45 25.08 -23.28 -28.51
N LYS D 46 26.30 -23.77 -28.75
CA LYS D 46 26.79 -24.91 -27.99
C LYS D 46 26.84 -24.61 -26.50
N LYS D 47 27.21 -23.38 -26.14
CA LYS D 47 27.39 -23.04 -24.74
C LYS D 47 26.07 -22.75 -24.05
N LEU D 48 25.12 -22.14 -24.76
CA LEU D 48 23.84 -21.83 -24.13
C LEU D 48 23.10 -23.11 -23.80
N GLU D 49 22.93 -23.99 -24.80
CA GLU D 49 22.21 -25.24 -24.60
C GLU D 49 22.78 -26.01 -23.41
N LEU D 50 24.10 -26.10 -23.33
CA LEU D 50 24.74 -26.74 -22.18
C LEU D 50 24.43 -25.96 -20.90
N LEU D 51 24.39 -24.63 -20.98
CA LEU D 51 24.05 -23.82 -19.81
C LEU D 51 22.60 -24.04 -19.39
N ARG D 52 21.68 -24.04 -20.37
CA ARG D 52 20.28 -24.25 -20.06
C ARG D 52 20.06 -25.62 -19.43
N GLN D 53 20.61 -26.68 -20.06
CA GLN D 53 20.49 -28.02 -19.50
C GLN D 53 21.06 -28.08 -18.08
N ASN D 54 22.07 -27.27 -17.78
CA ASN D 54 22.59 -27.22 -16.43
C ASN D 54 21.65 -26.46 -15.49
N ALA D 55 20.89 -25.50 -16.02
CA ALA D 55 20.00 -24.68 -15.21
C ALA D 55 18.64 -25.34 -14.96
N VAL D 56 18.09 -26.04 -15.97
CA VAL D 56 16.79 -26.66 -15.79
C VAL D 56 16.87 -27.89 -14.91
N ARG D 57 18.04 -28.51 -14.79
CA ARG D 57 18.27 -29.57 -13.82
C ARG D 57 19.40 -29.13 -12.89
N VAL D 58 19.17 -28.02 -12.18
CA VAL D 58 20.25 -27.34 -11.46
C VAL D 58 20.67 -28.18 -10.26
N PRO D 59 21.95 -28.19 -9.89
CA PRO D 59 22.35 -28.81 -8.61
C PRO D 59 21.77 -28.01 -7.45
N ARG D 60 21.17 -28.73 -6.50
CA ARG D 60 20.45 -28.11 -5.40
C ARG D 60 21.40 -27.78 -4.24
N ASP D 61 22.35 -26.89 -4.54
CA ASP D 61 23.25 -26.34 -3.54
C ASP D 61 23.43 -24.86 -3.83
N PHE D 62 24.34 -24.21 -3.10
CA PHE D 62 24.52 -22.76 -3.24
C PHE D 62 24.95 -22.39 -4.65
N GLU D 63 26.00 -23.04 -5.16
CA GLU D 63 26.49 -22.70 -6.49
C GLU D 63 25.48 -23.00 -7.59
N GLY D 64 24.43 -23.77 -7.29
CA GLY D 64 23.33 -23.91 -8.23
C GLY D 64 22.60 -22.61 -8.47
N CYS D 65 22.54 -21.75 -7.45
CA CYS D 65 21.93 -20.43 -7.64
C CYS D 65 22.73 -19.61 -8.65
N SER D 66 24.06 -19.78 -8.66
CA SER D 66 24.89 -19.09 -9.63
C SER D 66 24.56 -19.54 -11.05
N VAL D 67 24.27 -20.83 -11.22
CA VAL D 67 23.89 -21.35 -12.53
C VAL D 67 22.60 -20.70 -13.00
N LEU D 68 21.63 -20.55 -12.10
CA LEU D 68 20.35 -19.97 -12.48
C LEU D 68 20.48 -18.48 -12.80
N ARG D 69 21.25 -17.75 -12.00
CA ARG D 69 21.49 -16.33 -12.30
C ARG D 69 22.32 -16.17 -13.56
N LYS D 70 23.25 -17.09 -13.81
CA LYS D 70 24.06 -17.00 -15.03
C LYS D 70 23.20 -17.23 -16.26
N TYR D 71 22.34 -18.25 -16.23
CA TYR D 71 21.49 -18.53 -17.39
C TYR D 71 20.40 -17.46 -17.55
N LEU D 72 19.90 -16.92 -16.44
CA LEU D 72 18.93 -15.83 -16.52
C LEU D 72 19.54 -14.61 -17.23
N GLY D 73 20.79 -14.29 -16.90
CA GLY D 73 21.44 -13.16 -17.56
C GLY D 73 21.68 -13.41 -19.03
N GLN D 74 22.16 -14.59 -19.39
CA GLN D 74 22.37 -14.92 -20.80
C GLN D 74 21.08 -14.85 -21.59
N LEU D 75 19.94 -15.15 -20.94
CA LEU D 75 18.65 -15.02 -21.62
C LEU D 75 18.35 -13.56 -21.94
N HIS D 76 18.73 -12.64 -21.05
CA HIS D 76 18.55 -11.22 -21.33
C HIS D 76 19.43 -10.78 -22.48
N TYR D 77 20.70 -11.22 -22.50
CA TYR D 77 21.60 -10.87 -23.60
C TYR D 77 21.05 -11.36 -24.93
N LEU D 78 20.50 -12.57 -24.95
CA LEU D 78 19.98 -13.13 -26.19
C LEU D 78 18.77 -12.34 -26.69
N GLN D 79 17.88 -11.95 -25.79
CA GLN D 79 16.70 -11.21 -26.21
C GLN D 79 17.05 -9.81 -26.70
N SER D 80 18.12 -9.21 -26.17
CA SER D 80 18.54 -7.89 -26.63
C SER D 80 19.03 -7.91 -28.06
N ARG D 81 19.50 -9.06 -28.55
CA ARG D 81 20.02 -9.18 -29.91
C ARG D 81 19.05 -9.84 -30.87
N VAL D 82 18.33 -10.87 -30.41
CA VAL D 82 17.38 -11.61 -31.23
C VAL D 82 15.99 -11.41 -30.64
N PRO D 83 15.02 -10.90 -31.41
CA PRO D 83 13.68 -10.67 -30.85
C PRO D 83 12.87 -11.94 -30.72
N MET D 84 12.81 -12.49 -29.51
CA MET D 84 12.05 -13.71 -29.23
C MET D 84 10.90 -13.45 -28.26
N GLY D 85 10.52 -12.19 -28.08
CA GLY D 85 9.42 -11.84 -27.21
C GLY D 85 8.08 -12.19 -27.81
N SER D 86 7.02 -11.73 -27.14
CA SER D 86 5.66 -12.00 -27.59
C SER D 86 5.39 -11.29 -28.90
N GLY D 87 4.90 -12.04 -29.88
CA GLY D 87 4.57 -11.48 -31.18
C GLY D 87 5.77 -11.02 -32.00
N GLN D 88 6.96 -11.50 -31.69
CA GLN D 88 8.17 -11.07 -32.36
C GLN D 88 8.64 -12.11 -33.37
N GLU D 89 9.64 -11.70 -34.16
CA GLU D 89 10.02 -12.45 -35.36
C GLU D 89 10.56 -13.83 -35.01
N ALA D 90 11.49 -13.90 -34.06
CA ALA D 90 12.22 -15.13 -33.76
C ALA D 90 11.65 -15.89 -32.58
N ALA D 91 10.41 -15.60 -32.18
CA ALA D 91 9.83 -16.26 -31.01
C ALA D 91 9.54 -17.72 -31.32
N VAL D 92 9.91 -18.59 -30.38
CA VAL D 92 9.61 -20.02 -30.49
C VAL D 92 8.91 -20.45 -29.21
N PRO D 93 8.21 -21.59 -29.24
CA PRO D 93 7.50 -22.05 -28.04
C PRO D 93 8.43 -22.28 -26.87
N VAL D 94 7.98 -21.87 -25.69
CA VAL D 94 8.62 -22.18 -24.42
C VAL D 94 7.60 -22.95 -23.59
N THR D 95 7.98 -24.12 -23.09
CA THR D 95 7.06 -24.99 -22.37
C THR D 95 7.60 -25.28 -20.98
N TRP D 96 6.76 -25.02 -19.97
CA TRP D 96 7.03 -25.39 -18.59
C TRP D 96 5.75 -25.94 -17.99
N THR D 97 5.89 -26.62 -16.87
CA THR D 97 4.75 -27.23 -16.19
C THR D 97 4.33 -26.41 -14.99
N GLU D 98 3.07 -26.03 -14.94
CA GLU D 98 2.52 -25.37 -13.77
C GLU D 98 2.61 -26.31 -12.57
N ILE D 99 3.28 -25.84 -11.51
CA ILE D 99 3.71 -26.74 -10.44
C ILE D 99 2.52 -27.32 -9.67
N PHE D 100 1.43 -26.57 -9.54
CA PHE D 100 0.34 -27.00 -8.67
C PHE D 100 -0.65 -27.92 -9.37
N SER D 101 -0.91 -27.69 -10.65
CA SER D 101 -1.83 -28.54 -11.40
C SER D 101 -1.12 -29.63 -12.19
N GLY D 102 0.15 -29.43 -12.53
CA GLY D 102 0.89 -30.40 -13.31
C GLY D 102 0.67 -30.33 -14.81
N LYS D 103 -0.11 -29.37 -15.28
CA LYS D 103 -0.35 -29.24 -16.71
C LYS D 103 0.79 -28.47 -17.38
N SER D 104 1.04 -28.81 -18.64
CA SER D 104 2.02 -28.08 -19.45
C SER D 104 1.42 -26.75 -19.90
N VAL D 105 2.19 -25.68 -19.78
CA VAL D 105 1.79 -24.35 -20.22
C VAL D 105 2.86 -23.83 -21.16
N ALA D 106 2.44 -23.40 -22.35
CA ALA D 106 3.36 -22.99 -23.40
C ALA D 106 3.08 -21.54 -23.81
N HIS D 107 4.15 -20.78 -24.00
CA HIS D 107 4.09 -19.43 -24.53
C HIS D 107 5.25 -19.24 -25.49
N GLU D 108 4.97 -18.65 -26.65
CA GLU D 108 6.03 -18.27 -27.60
C GLU D 108 6.59 -16.92 -27.17
N ASP D 109 7.33 -16.94 -26.07
CA ASP D 109 7.81 -15.73 -25.42
C ASP D 109 9.05 -16.09 -24.60
N ILE D 110 10.19 -15.47 -24.92
CA ILE D 110 11.39 -15.74 -24.16
C ILE D 110 11.28 -15.23 -22.73
N LYS D 111 10.38 -14.27 -22.48
CA LYS D 111 10.19 -13.80 -21.11
C LYS D 111 9.54 -14.86 -20.24
N TYR D 112 8.78 -15.78 -20.83
CA TYR D 112 8.27 -16.93 -20.09
C TYR D 112 9.41 -17.77 -19.55
N GLU D 113 10.40 -18.06 -20.39
CA GLU D 113 11.58 -18.81 -19.95
C GLU D 113 12.32 -18.05 -18.84
N GLN D 114 12.46 -16.73 -19.00
CA GLN D 114 13.09 -15.94 -17.95
C GLN D 114 12.30 -16.00 -16.65
N ALA D 115 10.98 -15.92 -16.73
CA ALA D 115 10.16 -15.89 -15.54
C ALA D 115 10.20 -17.21 -14.78
N CYS D 116 10.33 -18.34 -15.49
CA CYS D 116 10.42 -19.63 -14.83
C CYS D 116 11.79 -19.84 -14.19
N ILE D 117 12.85 -19.42 -14.88
CA ILE D 117 14.19 -19.49 -14.29
C ILE D 117 14.27 -18.62 -13.06
N LEU D 118 13.61 -17.45 -13.10
CA LEU D 118 13.59 -16.56 -11.95
C LEU D 118 12.78 -17.17 -10.81
N TYR D 119 11.67 -17.82 -11.13
CA TYR D 119 10.89 -18.52 -10.11
C TYR D 119 11.73 -19.61 -9.44
N ASN D 120 12.39 -20.44 -10.25
CA ASN D 120 13.20 -21.52 -9.70
C ASN D 120 14.38 -20.99 -8.90
N LEU D 121 14.83 -19.76 -9.18
CA LEU D 121 15.83 -19.13 -8.33
C LEU D 121 15.28 -18.89 -6.94
N GLY D 122 14.08 -18.33 -6.85
CA GLY D 122 13.45 -18.14 -5.55
C GLY D 122 13.13 -19.46 -4.88
N ALA D 123 12.74 -20.46 -5.67
CA ALA D 123 12.43 -21.77 -5.08
C ALA D 123 13.69 -22.42 -4.52
N LEU D 124 14.80 -22.38 -5.27
CA LEU D 124 16.03 -22.99 -4.80
C LEU D 124 16.55 -22.29 -3.54
N HIS D 125 16.47 -20.95 -3.51
CA HIS D 125 16.87 -20.23 -2.32
C HIS D 125 16.01 -20.63 -1.12
N SER D 126 14.72 -20.84 -1.35
CA SER D 126 13.84 -21.27 -0.26
C SER D 126 14.22 -22.65 0.24
N MET D 127 14.61 -23.56 -0.67
CA MET D 127 15.02 -24.90 -0.26
C MET D 127 16.30 -24.86 0.58
N LEU D 128 17.30 -24.11 0.12
CA LEU D 128 18.58 -24.07 0.83
C LEU D 128 18.44 -23.41 2.21
N GLY D 129 17.54 -22.44 2.34
CA GLY D 129 17.32 -21.84 3.65
C GLY D 129 16.62 -22.78 4.61
N ALA D 130 15.75 -23.65 4.10
CA ALA D 130 14.94 -24.53 4.93
C ALA D 130 15.64 -25.83 5.29
N MET D 131 16.73 -26.19 4.61
CA MET D 131 17.41 -27.44 4.88
C MET D 131 18.39 -27.35 6.04
N ASP D 132 18.90 -26.16 6.35
CA ASP D 132 19.80 -26.00 7.49
C ASP D 132 19.02 -26.16 8.79
N LYS D 133 19.66 -26.79 9.78
CA LYS D 133 19.04 -26.99 11.08
C LYS D 133 19.15 -25.76 11.98
N ARG D 134 19.91 -24.74 11.55
CA ARG D 134 20.03 -23.48 12.28
C ARG D 134 20.49 -23.70 13.71
N VAL D 135 21.43 -24.63 13.89
CA VAL D 135 22.05 -24.87 15.19
C VAL D 135 23.42 -24.23 15.30
N SER D 136 23.89 -23.59 14.24
CA SER D 136 25.13 -22.81 14.25
C SER D 136 24.82 -21.39 13.84
N GLU D 137 25.64 -20.45 14.31
CA GLU D 137 25.38 -19.03 14.04
C GLU D 137 25.45 -18.73 12.56
N GLU D 138 26.43 -19.29 11.85
CA GLU D 138 26.50 -19.08 10.41
C GLU D 138 25.41 -19.85 9.69
N GLY D 139 25.06 -21.04 10.19
CA GLY D 139 23.90 -21.75 9.65
C GLY D 139 22.63 -20.92 9.77
N MET D 140 22.46 -20.26 10.91
CA MET D 140 21.34 -19.32 11.05
C MET D 140 21.49 -18.14 10.10
N LYS D 141 22.74 -17.70 9.87
CA LYS D 141 22.96 -16.51 9.05
C LYS D 141 22.66 -16.79 7.58
N VAL D 142 23.15 -17.91 7.05
CA VAL D 142 22.95 -18.20 5.63
C VAL D 142 21.48 -18.54 5.37
N SER D 143 20.77 -19.10 6.35
CA SER D 143 19.34 -19.33 6.20
C SER D 143 18.58 -18.01 6.08
N CYS D 144 18.90 -17.05 6.95
CA CYS D 144 18.27 -15.73 6.87
C CYS D 144 18.57 -15.07 5.53
N THR D 145 19.80 -15.18 5.05
CA THR D 145 20.15 -14.62 3.75
C THR D 145 19.40 -15.32 2.63
N HIS D 146 19.33 -16.65 2.68
CA HIS D 146 18.66 -17.42 1.64
C HIS D 146 17.19 -17.00 1.50
N PHE D 147 16.50 -16.87 2.64
CA PHE D 147 15.08 -16.51 2.59
C PHE D 147 14.89 -15.09 2.06
N GLN D 148 15.81 -14.19 2.37
CA GLN D 148 15.74 -12.85 1.79
C GLN D 148 16.02 -12.87 0.29
N CYS D 149 16.91 -13.76 -0.15
CA CYS D 149 17.15 -13.91 -1.58
C CYS D 149 15.94 -14.49 -2.28
N ALA D 150 15.26 -15.45 -1.64
CA ALA D 150 14.05 -16.03 -2.23
C ALA D 150 12.97 -14.97 -2.38
N ALA D 151 12.77 -14.14 -1.35
CA ALA D 151 11.80 -13.07 -1.46
C ALA D 151 12.18 -12.08 -2.57
N GLY D 152 13.47 -11.83 -2.73
CA GLY D 152 13.90 -10.92 -3.77
C GLY D 152 13.61 -11.44 -5.17
N ALA D 153 13.78 -12.74 -5.38
CA ALA D 153 13.51 -13.32 -6.69
C ALA D 153 12.01 -13.30 -6.99
N PHE D 154 11.18 -13.65 -6.00
CA PHE D 154 9.74 -13.64 -6.21
C PHE D 154 9.22 -12.21 -6.37
N ALA D 155 9.81 -11.24 -5.68
CA ALA D 155 9.38 -9.85 -5.82
C ALA D 155 9.77 -9.29 -7.17
N TYR D 156 11.00 -9.56 -7.63
CA TYR D 156 11.42 -9.15 -8.95
C TYR D 156 10.52 -9.74 -10.03
N LEU D 157 10.18 -11.03 -9.89
CA LEU D 157 9.26 -11.67 -10.82
C LEU D 157 7.91 -10.96 -10.85
N ARG D 158 7.39 -10.61 -9.67
CA ARG D 158 6.10 -9.94 -9.59
C ARG D 158 6.15 -8.53 -10.19
N GLU D 159 7.29 -7.86 -10.10
CA GLU D 159 7.37 -6.47 -10.56
C GLU D 159 7.59 -6.39 -12.07
N HIS D 160 8.54 -7.15 -12.59
CA HIS D 160 8.98 -7.00 -13.97
C HIS D 160 8.36 -8.01 -14.93
N PHE D 161 7.46 -8.87 -14.44
CA PHE D 161 6.73 -9.81 -15.29
C PHE D 161 5.25 -9.78 -14.92
N PRO D 162 4.56 -8.67 -15.22
CA PRO D 162 3.15 -8.58 -14.85
C PRO D 162 2.27 -9.58 -15.57
N GLN D 163 2.66 -10.02 -16.76
CA GLN D 163 1.89 -11.02 -17.49
C GLN D 163 2.02 -12.37 -16.76
N ALA D 164 0.91 -12.84 -16.21
CA ALA D 164 0.91 -14.10 -15.46
C ALA D 164 0.87 -15.26 -16.45
N TYR D 165 2.03 -15.84 -16.72
CA TYR D 165 2.11 -16.94 -17.68
C TYR D 165 1.38 -18.18 -17.17
N SER D 166 1.41 -18.41 -15.87
CA SER D 166 0.68 -19.53 -15.27
C SER D 166 0.26 -19.13 -13.87
N VAL D 167 -0.68 -19.90 -13.31
CA VAL D 167 -1.31 -19.50 -12.05
C VAL D 167 -0.32 -19.57 -10.90
N ASP D 168 0.71 -20.42 -10.99
CA ASP D 168 1.71 -20.49 -9.93
C ASP D 168 2.61 -19.27 -9.88
N MET D 169 2.51 -18.36 -10.86
CA MET D 169 3.27 -17.12 -10.86
C MET D 169 2.36 -15.91 -10.95
N SER D 170 1.09 -16.05 -10.55
CA SER D 170 0.19 -14.91 -10.48
C SER D 170 0.60 -13.98 -9.35
N ARG D 171 0.16 -12.72 -9.46
CA ARG D 171 0.57 -11.70 -8.50
C ARG D 171 0.15 -12.07 -7.08
N GLN D 172 -1.07 -12.56 -6.92
CA GLN D 172 -1.55 -12.94 -5.59
C GLN D 172 -0.68 -14.04 -4.99
N ILE D 173 -0.29 -15.02 -5.80
CA ILE D 173 0.52 -16.12 -5.31
C ILE D 173 1.95 -15.66 -5.03
N LEU D 174 2.50 -14.83 -5.91
CA LEU D 174 3.86 -14.34 -5.70
C LEU D 174 3.94 -13.47 -4.45
N THR D 175 2.90 -12.67 -4.19
CA THR D 175 2.87 -11.86 -2.97
C THR D 175 2.83 -12.75 -1.73
N LEU D 176 2.12 -13.86 -1.81
CA LEU D 176 2.14 -14.83 -0.73
C LEU D 176 3.55 -15.38 -0.52
N ASN D 177 4.22 -15.73 -1.61
CA ASN D 177 5.59 -16.26 -1.50
C ASN D 177 6.53 -15.24 -0.89
N VAL D 178 6.37 -13.96 -1.27
CA VAL D 178 7.26 -12.92 -0.75
C VAL D 178 7.06 -12.77 0.76
N ASN D 179 5.81 -12.65 1.19
CA ASN D 179 5.53 -12.47 2.62
C ASN D 179 5.95 -13.69 3.42
N LEU D 180 5.76 -14.90 2.87
CA LEU D 180 6.19 -16.10 3.57
C LEU D 180 7.70 -16.18 3.69
N MET D 181 8.41 -15.83 2.61
CA MET D 181 9.87 -15.85 2.64
C MET D 181 10.42 -14.80 3.61
N LEU D 182 9.82 -13.61 3.62
CA LEU D 182 10.27 -12.58 4.55
C LEU D 182 9.95 -12.97 6.00
N GLY D 183 8.80 -13.58 6.23
CA GLY D 183 8.48 -14.05 7.57
C GLY D 183 9.48 -15.05 8.09
N GLN D 184 9.90 -15.98 7.21
CA GLN D 184 10.86 -16.99 7.62
C GLN D 184 12.26 -16.40 7.79
N ALA D 185 12.61 -15.39 6.98
CA ALA D 185 13.87 -14.68 7.20
C ALA D 185 13.85 -13.92 8.52
N GLN D 186 12.73 -13.26 8.82
CA GLN D 186 12.59 -12.57 10.10
C GLN D 186 12.59 -13.55 11.26
N GLU D 187 12.04 -14.76 11.05
CA GLU D 187 12.07 -15.79 12.08
C GLU D 187 13.50 -16.22 12.37
N CYS D 188 14.30 -16.42 11.31
CA CYS D 188 15.72 -16.73 11.50
C CYS D 188 16.43 -15.63 12.28
N LEU D 189 16.12 -14.37 11.97
CA LEU D 189 16.74 -13.26 12.68
C LEU D 189 16.26 -13.18 14.12
N LEU D 190 15.02 -13.60 14.38
CA LEU D 190 14.53 -13.63 15.76
C LEU D 190 15.31 -14.61 16.61
N GLU D 191 15.58 -15.80 16.09
CA GLU D 191 16.40 -16.78 16.81
C GLU D 191 17.78 -16.20 17.12
N LYS D 192 18.31 -15.38 16.22
CA LYS D 192 19.60 -14.75 16.45
C LYS D 192 19.51 -13.73 17.57
N SER D 193 18.44 -12.92 17.60
CA SER D 193 18.30 -11.91 18.64
C SER D 193 18.13 -12.55 20.01
N MET D 194 17.44 -13.69 20.07
CA MET D 194 17.26 -14.37 21.36
C MET D 194 18.52 -15.11 21.79
N LEU D 195 19.31 -15.59 20.83
CA LEU D 195 20.62 -16.16 21.17
C LEU D 195 21.52 -15.10 21.79
N ASP D 196 21.56 -13.91 21.19
CA ASP D 196 22.38 -12.82 21.71
C ASP D 196 21.86 -12.25 23.02
N ASN D 197 20.63 -12.58 23.41
CA ASN D 197 19.97 -11.98 24.57
C ASN D 197 19.89 -10.46 24.41
N ARG D 198 19.41 -10.01 23.25
CA ARG D 198 19.20 -8.60 23.00
C ARG D 198 18.10 -8.05 23.92
N LYS D 199 17.92 -6.74 23.88
CA LYS D 199 16.97 -6.10 24.79
C LYS D 199 15.57 -6.63 24.51
N SER D 200 14.83 -6.89 25.59
CA SER D 200 13.59 -7.66 25.49
C SER D 200 12.59 -7.00 24.56
N PHE D 201 12.46 -5.66 24.65
CA PHE D 201 11.51 -4.95 23.80
C PHE D 201 11.83 -5.12 22.33
N LEU D 202 13.12 -5.09 21.97
CA LEU D 202 13.51 -5.28 20.58
C LEU D 202 13.14 -6.68 20.10
N VAL D 203 13.43 -7.70 20.91
CA VAL D 203 13.04 -9.07 20.57
C VAL D 203 11.53 -9.14 20.38
N ALA D 204 10.78 -8.47 21.27
CA ALA D 204 9.33 -8.44 21.13
C ALA D 204 8.91 -7.80 19.81
N ARG D 205 9.54 -6.68 19.45
CA ARG D 205 9.25 -6.04 18.16
C ARG D 205 9.63 -6.94 17.01
N ILE D 206 10.76 -7.65 17.11
CA ILE D 206 11.20 -8.54 16.06
C ILE D 206 10.21 -9.69 15.90
N SER D 207 9.79 -10.28 17.03
CA SER D 207 8.81 -11.37 16.97
C SER D 207 7.47 -10.89 16.45
N ALA D 208 7.07 -9.67 16.82
CA ALA D 208 5.80 -9.14 16.33
C ALA D 208 5.80 -8.99 14.81
N GLN D 209 6.97 -8.73 14.22
CA GLN D 209 7.04 -8.61 12.77
C GLN D 209 6.95 -9.98 12.09
N VAL D 210 7.48 -11.01 12.73
CA VAL D 210 7.24 -12.38 12.27
C VAL D 210 5.75 -12.64 12.15
N VAL D 211 5.00 -12.23 13.18
CA VAL D 211 3.55 -12.43 13.19
C VAL D 211 2.91 -11.66 12.03
N ASP D 212 3.34 -10.43 11.81
CA ASP D 212 2.75 -9.60 10.76
C ASP D 212 2.97 -10.22 9.38
N TYR D 213 4.18 -10.69 9.11
CA TYR D 213 4.45 -11.35 7.84
C TYR D 213 3.58 -12.59 7.66
N TYR D 214 3.51 -13.42 8.70
CA TYR D 214 2.72 -14.64 8.61
C TYR D 214 1.22 -14.34 8.54
N LYS D 215 0.78 -13.26 9.20
CA LYS D 215 -0.62 -12.87 9.10
C LYS D 215 -0.99 -12.50 7.67
N GLU D 216 -0.12 -11.76 6.98
CA GLU D 216 -0.39 -11.41 5.59
C GLU D 216 -0.39 -12.66 4.71
N ALA D 217 0.54 -13.59 4.96
CA ALA D 217 0.53 -14.84 4.23
C ALA D 217 -0.72 -15.65 4.53
N CYS D 218 -1.12 -15.71 5.81
CA CYS D 218 -2.29 -16.51 6.19
C CYS D 218 -3.56 -15.98 5.55
N ARG D 219 -3.68 -14.66 5.41
CA ARG D 219 -4.89 -14.10 4.81
C ARG D 219 -4.97 -14.45 3.32
N ALA D 220 -3.83 -14.51 2.64
CA ALA D 220 -3.83 -14.99 1.27
C ALA D 220 -4.19 -16.47 1.21
N LEU D 221 -3.70 -17.26 2.16
CA LEU D 221 -4.03 -18.68 2.20
C LEU D 221 -5.49 -18.93 2.53
N GLU D 222 -6.16 -17.99 3.20
CA GLU D 222 -7.58 -18.13 3.49
C GLU D 222 -8.46 -17.66 2.34
N ASN D 223 -7.88 -17.03 1.33
CA ASN D 223 -8.61 -16.67 0.13
C ASN D 223 -9.07 -17.93 -0.58
N PRO D 224 -10.38 -18.10 -0.83
CA PRO D 224 -10.86 -19.35 -1.46
C PRO D 224 -10.25 -19.63 -2.82
N ASP D 225 -9.95 -18.59 -3.60
CA ASP D 225 -9.32 -18.79 -4.90
C ASP D 225 -7.92 -19.38 -4.74
N THR D 226 -7.14 -18.86 -3.78
CA THR D 226 -5.82 -19.41 -3.52
C THR D 226 -5.91 -20.84 -3.01
N ALA D 227 -6.91 -21.13 -2.18
CA ALA D 227 -7.05 -22.47 -1.62
C ALA D 227 -7.33 -23.50 -2.70
N SER D 228 -8.34 -23.23 -3.55
CA SER D 228 -8.68 -24.18 -4.61
C SER D 228 -7.53 -24.36 -5.59
N LEU D 229 -6.74 -23.31 -5.83
CA LEU D 229 -5.63 -23.39 -6.76
C LEU D 229 -4.46 -24.18 -6.18
N LEU D 230 -4.06 -23.85 -4.96
CA LEU D 230 -2.93 -24.51 -4.33
C LEU D 230 -3.23 -25.95 -3.96
N GLY D 231 -4.50 -26.32 -3.83
CA GLY D 231 -4.82 -27.68 -3.45
C GLY D 231 -4.55 -27.92 -1.98
N ARG D 232 -4.03 -29.11 -1.66
CA ARG D 232 -3.71 -29.43 -0.27
C ARG D 232 -2.45 -28.75 0.22
N ILE D 233 -1.66 -28.16 -0.68
CA ILE D 233 -0.51 -27.37 -0.26
C ILE D 233 -0.97 -26.18 0.57
N GLN D 234 -2.13 -25.59 0.22
CA GLN D 234 -2.70 -24.53 1.03
C GLN D 234 -3.05 -25.04 2.43
N LYS D 235 -3.54 -26.27 2.53
CA LYS D 235 -3.84 -26.83 3.85
C LYS D 235 -2.58 -27.02 4.67
N ASP D 236 -1.51 -27.50 4.04
CA ASP D 236 -0.27 -27.75 4.77
C ASP D 236 0.40 -26.44 5.18
N TRP D 237 0.45 -25.46 4.26
CA TRP D 237 1.05 -24.18 4.60
C TRP D 237 0.24 -23.45 5.68
N LYS D 238 -1.08 -23.39 5.51
CA LYS D 238 -1.92 -22.71 6.48
C LYS D 238 -1.78 -23.31 7.86
N LYS D 239 -1.67 -24.64 7.95
CA LYS D 239 -1.53 -25.31 9.24
C LYS D 239 -0.30 -24.80 9.98
N LEU D 240 0.85 -24.77 9.30
CA LEU D 240 2.08 -24.30 9.94
C LEU D 240 2.03 -22.80 10.19
N VAL D 241 1.52 -22.02 9.24
CA VAL D 241 1.58 -20.56 9.34
C VAL D 241 0.67 -20.06 10.44
N GLN D 242 -0.57 -20.56 10.49
CA GLN D 242 -1.50 -20.10 11.52
C GLN D 242 -1.04 -20.52 12.91
N MET D 243 -0.36 -21.67 13.02
CA MET D 243 0.24 -22.07 14.29
C MET D 243 1.37 -21.11 14.68
N LYS D 244 2.22 -20.76 13.70
CA LYS D 244 3.34 -19.86 13.99
C LYS D 244 2.85 -18.48 14.38
N ILE D 245 1.70 -18.05 13.86
CA ILE D 245 1.17 -16.74 14.22
C ILE D 245 0.97 -16.65 15.72
N TYR D 246 0.29 -17.63 16.31
CA TYR D 246 0.09 -17.62 17.76
C TYR D 246 1.38 -17.94 18.51
N TYR D 247 2.25 -18.77 17.93
CA TYR D 247 3.51 -19.10 18.59
C TYR D 247 4.38 -17.86 18.75
N PHE D 248 4.52 -17.07 17.68
CA PHE D 248 5.40 -15.91 17.75
C PHE D 248 4.72 -14.69 18.36
N ALA D 249 3.39 -14.68 18.40
CA ALA D 249 2.71 -13.73 19.27
C ALA D 249 3.00 -14.04 20.73
N ALA D 250 3.05 -15.32 21.08
CA ALA D 250 3.40 -15.73 22.44
C ALA D 250 4.83 -15.31 22.77
N VAL D 251 5.77 -15.53 21.84
CA VAL D 251 7.15 -15.13 22.07
C VAL D 251 7.25 -13.63 22.25
N ALA D 252 6.47 -12.87 21.46
CA ALA D 252 6.52 -11.41 21.56
C ALA D 252 6.04 -10.93 22.93
N HIS D 253 4.90 -11.46 23.38
CA HIS D 253 4.37 -11.04 24.67
C HIS D 253 5.16 -11.58 25.84
N LEU D 254 5.90 -12.68 25.64
CA LEU D 254 6.85 -13.13 26.65
C LEU D 254 7.91 -12.06 26.90
N HIS D 255 8.47 -11.50 25.82
CA HIS D 255 9.53 -10.52 25.98
C HIS D 255 8.98 -9.13 26.34
N MET D 256 7.73 -8.85 25.99
CA MET D 256 7.08 -7.66 26.54
C MET D 256 6.92 -7.79 28.05
N GLY D 257 6.66 -9.00 28.53
CA GLY D 257 6.62 -9.23 29.96
C GLY D 257 7.98 -9.09 30.61
N LYS D 258 9.05 -9.44 29.87
CA LYS D 258 10.39 -9.22 30.37
C LYS D 258 10.70 -7.72 30.45
N GLN D 259 10.17 -6.93 29.53
CA GLN D 259 10.35 -5.48 29.61
C GLN D 259 9.68 -4.92 30.86
N ALA D 260 8.44 -5.36 31.13
CA ALA D 260 7.76 -4.93 32.34
C ALA D 260 8.51 -5.38 33.59
N GLU D 261 9.12 -6.58 33.52
CA GLU D 261 9.96 -7.04 34.62
C GLU D 261 11.13 -6.07 34.85
N GLU D 262 11.84 -5.71 33.78
CA GLU D 262 12.94 -4.77 33.91
C GLU D 262 12.47 -3.37 34.25
N GLN D 263 11.22 -3.04 33.91
CA GLN D 263 10.65 -1.73 34.17
C GLN D 263 9.98 -1.63 35.54
N GLN D 264 10.15 -2.64 36.39
CA GLN D 264 9.50 -2.70 37.70
C GLN D 264 7.99 -2.53 37.58
N LYS D 265 7.41 -3.16 36.56
CA LYS D 265 5.97 -3.20 36.35
C LYS D 265 5.54 -4.65 36.51
N PHE D 266 5.40 -5.09 37.75
CA PHE D 266 5.12 -6.49 38.04
C PHE D 266 3.66 -6.85 37.85
N GLY D 267 2.76 -5.88 37.87
CA GLY D 267 1.38 -6.14 37.49
C GLY D 267 1.27 -6.28 35.99
N GLU D 268 1.94 -5.38 35.28
CA GLU D 268 2.01 -5.47 33.82
C GLU D 268 2.72 -6.74 33.38
N ARG D 269 3.73 -7.18 34.13
CA ARG D 269 4.44 -8.41 33.78
C ARG D 269 3.51 -9.62 33.83
N VAL D 270 2.61 -9.66 34.81
CA VAL D 270 1.67 -10.77 34.92
C VAL D 270 0.76 -10.80 33.69
N ALA D 271 0.23 -9.63 33.30
CA ALA D 271 -0.70 -9.58 32.18
C ALA D 271 -0.05 -10.03 30.88
N TYR D 272 1.22 -9.66 30.66
CA TYR D 272 1.89 -10.06 29.43
C TYR D 272 2.24 -11.54 29.45
N PHE D 273 2.66 -12.07 30.60
CA PHE D 273 2.94 -13.49 30.70
C PHE D 273 1.66 -14.31 30.58
N GLN D 274 0.57 -13.83 31.17
CA GLN D 274 -0.72 -14.51 31.00
C GLN D 274 -1.17 -14.46 29.54
N SER D 275 -0.95 -13.33 28.88
CA SER D 275 -1.26 -13.23 27.46
C SER D 275 -0.39 -14.17 26.63
N ALA D 276 0.90 -14.25 26.96
CA ALA D 276 1.80 -15.15 26.25
C ALA D 276 1.38 -16.60 26.42
N LEU D 277 0.92 -16.97 27.62
CA LEU D 277 0.51 -18.34 27.86
C LEU D 277 -0.74 -18.71 27.07
N ASP D 278 -1.72 -17.79 27.02
CA ASP D 278 -2.95 -18.06 26.27
C ASP D 278 -2.66 -18.20 24.79
N LYS D 279 -1.81 -17.34 24.24
CA LYS D 279 -1.46 -17.44 22.83
C LYS D 279 -0.71 -18.73 22.52
N LEU D 280 0.22 -19.11 23.41
CA LEU D 280 0.95 -20.35 23.21
C LEU D 280 0.04 -21.57 23.36
N ASN D 281 -0.96 -21.50 24.24
CA ASN D 281 -1.93 -22.58 24.34
C ASN D 281 -2.70 -22.75 23.04
N GLU D 282 -3.03 -21.64 22.37
CA GLU D 282 -3.71 -21.73 21.09
C GLU D 282 -2.80 -22.33 20.03
N ALA D 283 -1.52 -21.96 20.04
CA ALA D 283 -0.57 -22.55 19.09
C ALA D 283 -0.46 -24.05 19.28
N ILE D 284 -0.43 -24.52 20.53
CA ILE D 284 -0.37 -25.94 20.81
C ILE D 284 -1.59 -26.65 20.22
N LYS D 285 -2.77 -26.07 20.41
CA LYS D 285 -3.98 -26.64 19.82
C LYS D 285 -3.89 -26.68 18.30
N LEU D 286 -3.39 -25.59 17.70
CA LEU D 286 -3.27 -25.54 16.24
C LEU D 286 -2.19 -26.47 15.71
N ALA D 287 -1.29 -26.95 16.57
CA ALA D 287 -0.19 -27.81 16.15
C ALA D 287 -0.49 -29.29 16.32
N LYS D 288 -1.72 -29.65 16.65
CA LYS D 288 -2.07 -31.05 16.85
C LYS D 288 -1.77 -31.86 15.60
N GLY D 289 -0.93 -32.88 15.73
CA GLY D 289 -0.56 -33.73 14.62
C GLY D 289 0.69 -33.30 13.88
N GLN D 290 1.20 -32.10 14.13
CA GLN D 290 2.38 -31.61 13.43
C GLN D 290 3.63 -32.37 13.89
N PRO D 291 4.69 -32.35 13.10
CA PRO D 291 5.87 -33.16 13.42
C PRO D 291 6.48 -32.80 14.76
N ASP D 292 7.34 -33.69 15.25
CA ASP D 292 7.96 -33.51 16.56
C ASP D 292 8.86 -32.27 16.61
N THR D 293 9.32 -31.78 15.45
CA THR D 293 10.06 -30.53 15.44
C THR D 293 9.19 -29.38 15.93
N VAL D 294 7.94 -29.33 15.49
CA VAL D 294 7.01 -28.31 15.99
C VAL D 294 6.70 -28.55 17.46
N GLN D 295 6.50 -29.81 17.84
CA GLN D 295 6.15 -30.11 19.24
C GLN D 295 7.28 -29.77 20.19
N ASP D 296 8.53 -30.02 19.77
CA ASP D 296 9.66 -29.76 20.66
C ASP D 296 9.82 -28.27 20.92
N ALA D 297 9.62 -27.43 19.91
CA ALA D 297 9.71 -25.99 20.11
C ALA D 297 8.61 -25.49 21.04
N LEU D 298 7.38 -26.00 20.85
CA LEU D 298 6.28 -25.57 21.71
C LEU D 298 6.46 -26.05 23.14
N ARG D 299 6.95 -27.27 23.33
CA ARG D 299 7.16 -27.79 24.67
C ARG D 299 8.26 -27.02 25.40
N PHE D 300 9.35 -26.71 24.71
CA PHE D 300 10.41 -25.90 25.29
C PHE D 300 9.88 -24.53 25.69
N THR D 301 9.17 -23.86 24.78
CA THR D 301 8.65 -22.53 25.08
C THR D 301 7.59 -22.57 26.17
N MET D 302 6.85 -23.68 26.29
CA MET D 302 5.86 -23.80 27.34
C MET D 302 6.50 -23.85 28.72
N ASP D 303 7.64 -24.54 28.84
CA ASP D 303 8.36 -24.55 30.10
C ASP D 303 8.81 -23.16 30.50
N VAL D 304 9.23 -22.35 29.52
CA VAL D 304 9.67 -20.99 29.80
C VAL D 304 8.48 -20.13 30.22
N ILE D 305 7.45 -20.06 29.37
CA ILE D 305 6.34 -19.15 29.61
C ILE D 305 5.52 -19.61 30.82
N GLY D 306 5.24 -20.92 30.90
CA GLY D 306 4.46 -21.42 32.02
C GLY D 306 5.12 -21.16 33.36
N GLY D 307 6.42 -21.43 33.45
CA GLY D 307 7.12 -21.20 34.70
C GLY D 307 7.23 -19.71 35.04
N LYS D 308 7.46 -18.87 34.03
CA LYS D 308 7.58 -17.45 34.29
C LYS D 308 6.24 -16.82 34.65
N TYR D 309 5.14 -17.35 34.12
CA TYR D 309 3.82 -16.83 34.47
C TYR D 309 3.47 -17.17 35.92
N ASN D 310 3.69 -18.43 36.32
CA ASN D 310 3.39 -18.82 37.69
C ASN D 310 4.25 -18.05 38.69
N SER D 311 5.53 -17.87 38.37
CA SER D 311 6.42 -17.12 39.25
C SER D 311 6.00 -15.65 39.34
N ALA D 312 5.62 -15.06 38.21
CA ALA D 312 5.23 -13.66 38.19
C ALA D 312 3.94 -13.43 38.97
N LYS D 313 2.93 -14.28 38.73
CA LYS D 313 1.67 -14.13 39.45
C LYS D 313 1.85 -14.38 40.94
N LYS D 314 2.68 -15.36 41.30
CA LYS D 314 2.92 -15.62 42.72
C LYS D 314 3.63 -14.45 43.38
N ASP D 315 4.65 -13.89 42.72
CA ASP D 315 5.35 -12.74 43.27
C ASP D 315 4.41 -11.55 43.41
N ASN D 316 3.53 -11.34 42.42
CA ASN D 316 2.59 -10.22 42.52
C ASN D 316 1.55 -10.48 43.60
N ASP D 317 1.10 -11.72 43.76
CA ASP D 317 0.07 -12.03 44.73
C ASP D 317 0.56 -11.86 46.16
N PHE D 318 1.85 -12.14 46.42
CA PHE D 318 2.34 -12.21 47.78
C PHE D 318 3.48 -11.24 48.09
N ILE D 319 3.87 -10.37 47.15
CA ILE D 319 4.97 -9.45 47.40
C ILE D 319 4.63 -8.05 46.92
N TYR D 320 4.41 -7.89 45.61
CA TYR D 320 4.27 -6.57 45.02
C TYR D 320 2.85 -6.02 45.11
N HIS D 321 1.84 -6.88 44.93
CA HIS D 321 0.44 -6.49 45.04
C HIS D 321 0.11 -5.32 44.12
N GLU D 322 0.61 -5.39 42.89
CA GLU D 322 0.35 -4.37 41.89
C GLU D 322 -0.89 -4.75 41.08
N ALA D 323 -1.58 -3.74 40.57
CA ALA D 323 -2.75 -3.98 39.75
C ALA D 323 -2.34 -4.65 38.44
N VAL D 324 -3.05 -5.72 38.07
CA VAL D 324 -2.76 -6.47 36.86
C VAL D 324 -3.59 -5.83 35.73
N PRO D 325 -2.97 -5.18 34.76
CA PRO D 325 -3.74 -4.59 33.67
C PRO D 325 -4.45 -5.64 32.84
N ALA D 326 -5.44 -5.20 32.08
CA ALA D 326 -6.06 -6.06 31.08
C ALA D 326 -5.13 -6.17 29.88
N LEU D 327 -5.70 -6.33 28.68
CA LEU D 327 -4.89 -6.29 27.47
C LEU D 327 -5.04 -4.99 26.70
N ASP D 328 -6.17 -4.30 26.86
CA ASP D 328 -6.42 -3.08 26.09
C ASP D 328 -5.48 -1.95 26.50
N THR D 329 -5.17 -1.84 27.80
CA THR D 329 -4.40 -0.71 28.28
C THR D 329 -2.96 -0.72 27.76
N LEU D 330 -2.47 -1.86 27.29
CA LEU D 330 -1.11 -1.96 26.77
C LEU D 330 -1.12 -1.77 25.26
N GLN D 331 -0.25 -0.89 24.78
CA GLN D 331 -0.18 -0.61 23.36
C GLN D 331 0.34 -1.83 22.62
N PRO D 332 -0.27 -2.24 21.51
CA PRO D 332 0.16 -3.45 20.82
C PRO D 332 1.58 -3.31 20.30
N VAL D 333 2.27 -4.44 20.18
CA VAL D 333 3.67 -4.43 19.79
C VAL D 333 3.77 -4.08 18.31
N LYS D 334 4.51 -3.02 18.01
CA LYS D 334 4.77 -2.61 16.64
C LYS D 334 5.92 -3.46 16.09
N GLY D 335 5.66 -4.22 15.03
CA GLY D 335 6.70 -5.04 14.45
C GLY D 335 7.86 -4.22 13.93
N ALA D 336 9.05 -4.80 14.00
CA ALA D 336 10.29 -4.16 13.54
C ALA D 336 10.90 -5.00 12.42
N PRO D 337 10.56 -4.70 11.17
CA PRO D 337 11.16 -5.44 10.05
C PRO D 337 12.65 -5.12 9.93
N LEU D 338 13.47 -6.16 10.02
CA LEU D 338 14.91 -6.02 9.82
C LEU D 338 15.41 -6.93 8.70
N VAL D 339 14.51 -7.42 7.86
CA VAL D 339 14.84 -8.19 6.66
C VAL D 339 14.15 -7.51 5.48
N LYS D 340 14.62 -7.86 4.28
CA LYS D 340 14.13 -7.22 3.06
C LYS D 340 14.40 -8.15 1.89
N PRO D 341 13.64 -8.03 0.81
CA PRO D 341 13.96 -8.80 -0.41
C PRO D 341 15.30 -8.34 -0.96
N LEU D 342 16.18 -9.29 -1.25
CA LEU D 342 17.49 -8.91 -1.75
C LEU D 342 17.46 -8.83 -3.27
N PRO D 343 18.03 -7.78 -3.86
CA PRO D 343 17.78 -7.51 -5.28
C PRO D 343 18.36 -8.58 -6.19
N VAL D 344 17.74 -8.71 -7.37
CA VAL D 344 18.23 -9.56 -8.43
C VAL D 344 18.72 -8.65 -9.56
N ASN D 345 20.01 -8.72 -9.86
CA ASN D 345 20.55 -7.99 -11.00
C ASN D 345 20.76 -8.98 -12.14
N PRO D 346 19.80 -9.09 -13.06
CA PRO D 346 19.90 -10.15 -14.08
C PRO D 346 21.14 -10.04 -14.94
N THR D 347 21.56 -8.83 -15.27
CA THR D 347 22.65 -8.60 -16.21
C THR D 347 23.94 -8.16 -15.53
N ASP D 348 24.21 -8.71 -14.35
CA ASP D 348 25.47 -8.45 -13.65
C ASP D 348 26.57 -9.29 -14.30
N PRO D 349 27.56 -8.66 -14.94
CA PRO D 349 28.64 -9.44 -15.57
C PRO D 349 29.37 -10.36 -14.61
N ALA D 350 29.28 -10.12 -13.30
CA ALA D 350 29.93 -10.99 -12.34
C ALA D 350 29.26 -12.36 -12.27
N VAL D 351 27.95 -12.43 -12.50
CA VAL D 351 27.22 -13.69 -12.37
C VAL D 351 26.97 -14.30 -13.73
N THR D 352 26.88 -13.46 -14.77
CA THR D 352 26.60 -13.97 -16.10
C THR D 352 27.85 -14.51 -16.79
N GLY D 353 29.02 -13.94 -16.50
CA GLY D 353 30.19 -14.20 -17.29
C GLY D 353 30.12 -13.42 -18.58
N PRO D 354 31.04 -13.69 -19.51
CA PRO D 354 31.00 -13.00 -20.79
C PRO D 354 29.71 -13.30 -21.55
N ASP D 355 29.20 -12.28 -22.23
CA ASP D 355 28.07 -12.47 -23.14
C ASP D 355 28.39 -13.55 -24.14
N ILE D 356 27.62 -14.64 -24.10
CA ILE D 356 27.85 -15.76 -25.01
C ILE D 356 27.72 -15.29 -26.46
N PHE D 357 26.77 -14.39 -26.72
CA PHE D 357 26.49 -13.91 -28.07
C PHE D 357 27.17 -12.57 -28.37
N ALA D 358 28.36 -12.34 -27.82
CA ALA D 358 29.04 -11.07 -28.02
C ALA D 358 29.37 -10.83 -29.49
N LYS D 359 29.66 -11.90 -30.24
CA LYS D 359 30.10 -11.76 -31.62
C LYS D 359 29.00 -11.33 -32.58
N LEU D 360 27.74 -11.39 -32.16
CA LEU D 360 26.62 -11.09 -33.05
C LEU D 360 26.26 -9.62 -32.91
N VAL D 361 26.68 -8.81 -33.88
CA VAL D 361 26.35 -7.39 -33.91
C VAL D 361 26.53 -6.85 -35.32
N ASP E 8 -32.36 17.99 31.73
CA ASP E 8 -33.48 18.87 31.43
C ASP E 8 -33.04 19.95 30.45
N ASP E 9 -32.45 21.02 30.99
CA ASP E 9 -31.81 22.01 30.13
C ASP E 9 -30.76 21.36 29.24
N ILE E 10 -30.01 20.40 29.79
CA ILE E 10 -28.97 19.74 29.01
C ILE E 10 -29.58 18.91 27.88
N LYS E 11 -30.63 18.15 28.18
CA LYS E 11 -31.23 17.28 27.17
C LYS E 11 -31.76 18.07 26.00
N GLN E 12 -32.37 19.23 26.26
CA GLN E 12 -32.81 20.10 25.17
C GLN E 12 -31.63 20.63 24.37
N LEU E 13 -30.58 21.07 25.06
CA LEU E 13 -29.41 21.59 24.36
C LEU E 13 -28.64 20.49 23.64
N ALA E 14 -28.59 19.29 24.23
CA ALA E 14 -27.90 18.18 23.59
C ALA E 14 -28.61 17.77 22.31
N ALA E 15 -29.94 17.71 22.34
CA ALA E 15 -30.69 17.37 21.13
C ALA E 15 -30.58 18.48 20.09
N TRP E 16 -30.51 19.73 20.54
CA TRP E 16 -30.36 20.85 19.61
C TRP E 16 -29.04 20.78 18.85
N ALA E 17 -27.99 20.28 19.51
CA ALA E 17 -26.67 20.24 18.91
C ALA E 17 -26.47 19.06 17.96
N THR E 18 -27.34 18.05 18.01
CA THR E 18 -27.17 16.87 17.17
C THR E 18 -27.45 17.18 15.70
N ASP F 8 -26.91 -3.65 -17.64
CA ASP F 8 -28.30 -4.06 -17.78
C ASP F 8 -28.67 -5.14 -16.75
N ASP F 9 -28.30 -6.39 -17.05
CA ASP F 9 -28.68 -7.51 -16.20
C ASP F 9 -28.08 -7.40 -14.81
N ILE F 10 -26.74 -7.33 -14.73
CA ILE F 10 -26.07 -7.32 -13.43
C ILE F 10 -26.43 -6.07 -12.65
N LYS F 11 -26.51 -4.93 -13.33
CA LYS F 11 -26.86 -3.68 -12.64
C LYS F 11 -28.24 -3.77 -12.01
N GLN F 12 -29.21 -4.32 -12.75
CA GLN F 12 -30.56 -4.48 -12.19
C GLN F 12 -30.56 -5.48 -11.03
N LEU F 13 -29.83 -6.59 -11.18
CA LEU F 13 -29.81 -7.59 -10.12
C LEU F 13 -29.04 -7.08 -8.90
N ALA F 14 -27.94 -6.37 -9.12
CA ALA F 14 -27.21 -5.78 -8.00
C ALA F 14 -28.09 -4.77 -7.27
N ALA F 15 -28.81 -3.94 -8.02
CA ALA F 15 -29.73 -2.99 -7.38
C ALA F 15 -30.90 -3.70 -6.71
N TRP F 16 -31.31 -4.86 -7.23
CA TRP F 16 -32.38 -5.61 -6.59
C TRP F 16 -31.95 -6.16 -5.23
N ALA F 17 -30.68 -6.55 -5.10
CA ALA F 17 -30.18 -7.13 -3.86
C ALA F 17 -29.89 -6.09 -2.80
N THR F 18 -29.83 -4.81 -3.14
CA THR F 18 -29.53 -3.77 -2.16
C THR F 18 -30.71 -3.54 -1.21
N ASP G 9 37.75 -11.68 -32.62
CA ASP G 9 38.14 -10.32 -32.25
C ASP G 9 37.05 -9.64 -31.43
N ILE G 10 35.78 -9.88 -31.79
CA ILE G 10 34.67 -9.24 -31.09
C ILE G 10 34.59 -9.73 -29.65
N LYS G 11 34.75 -11.04 -29.45
CA LYS G 11 34.66 -11.59 -28.09
C LYS G 11 35.67 -10.94 -27.16
N GLN G 12 36.92 -10.80 -27.62
CA GLN G 12 37.95 -10.19 -26.80
C GLN G 12 37.69 -8.70 -26.61
N LEU G 13 37.28 -8.01 -27.68
CA LEU G 13 36.98 -6.58 -27.57
C LEU G 13 35.77 -6.33 -26.68
N ALA G 14 34.78 -7.23 -26.72
CA ALA G 14 33.61 -7.08 -25.86
C ALA G 14 33.97 -7.33 -24.40
N ALA G 15 34.80 -8.34 -24.13
CA ALA G 15 35.26 -8.58 -22.77
C ALA G 15 36.14 -7.44 -22.27
N TRP G 16 37.00 -6.91 -23.14
CA TRP G 16 37.82 -5.76 -22.80
C TRP G 16 36.96 -4.55 -22.42
N ALA G 17 35.76 -4.45 -23.00
CA ALA G 17 34.88 -3.30 -22.77
C ALA G 17 34.14 -3.38 -21.45
N THR G 18 33.98 -4.56 -20.88
CA THR G 18 33.26 -4.70 -19.60
C THR G 18 34.15 -4.33 -18.42
N ASP H 8 25.19 -0.96 18.67
CA ASP H 8 23.98 -1.30 19.40
C ASP H 8 23.28 -2.52 18.77
N ASP H 9 22.12 -2.85 19.32
CA ASP H 9 21.46 -4.11 18.98
C ASP H 9 21.00 -4.12 17.52
N ILE H 10 20.20 -3.14 17.12
CA ILE H 10 19.64 -3.13 15.77
C ILE H 10 20.75 -3.01 14.73
N LYS H 11 21.76 -2.19 15.01
CA LYS H 11 22.87 -2.02 14.08
C LYS H 11 23.59 -3.35 13.83
N GLN H 12 23.94 -4.06 14.90
CA GLN H 12 24.62 -5.34 14.73
C GLN H 12 23.68 -6.39 14.13
N LEU H 13 22.40 -6.33 14.46
CA LEU H 13 21.45 -7.28 13.89
C LEU H 13 21.23 -7.01 12.40
N ALA H 14 21.17 -5.75 12.01
CA ALA H 14 20.98 -5.42 10.60
C ALA H 14 22.18 -5.83 9.77
N ALA H 15 23.39 -5.62 10.29
CA ALA H 15 24.59 -6.07 9.58
C ALA H 15 24.64 -7.58 9.49
N TRP H 16 24.11 -8.28 10.50
CA TRP H 16 24.08 -9.74 10.48
C TRP H 16 23.20 -10.25 9.35
N ALA H 17 22.04 -9.62 9.16
CA ALA H 17 21.08 -10.07 8.14
C ALA H 17 21.50 -9.72 6.72
N THR H 18 22.52 -8.88 6.55
CA THR H 18 22.98 -8.52 5.20
C THR H 18 24.04 -9.47 4.71
#